data_7Y7T
#
_entry.id   7Y7T
#
_cell.length_a   81.505
_cell.length_b   85.790
_cell.length_c   101.280
_cell.angle_alpha   102.380
_cell.angle_beta   103.410
_cell.angle_gamma   94.130
#
_symmetry.space_group_name_H-M   'P 1'
#
loop_
_entity.id
_entity.type
_entity.pdbx_description
1 polymer 'RNA-dependent RNA polymerase'
2 polymer "DNA (5'-D(*GP*AP*G*AP*GP*AP*CP*CP*TP*TP*TP*T)-3')"
3 polymer "RNA (5'-R(P*AP*AP*AP*G)-3')"
4 non-polymer "GUANOSINE-5'-TRIPHOSPHATE"
5 non-polymer 'MAGNESIUM ION'
6 non-polymer "ADENOSINE-5'-TRIPHOSPHATE"
7 water water
#
loop_
_entity_poly.entity_id
_entity_poly.type
_entity_poly.pdbx_seq_one_letter_code
_entity_poly.pdbx_strand_id
1 'polypeptide(L)'
;ARSEESARSQVQVHAPVVAARLRNIWPKFPKWLHEAPLAVAWEVTRLFMHCKVDLEDESLGLKYDPSWSTARDVTDIWKT
LYRLDAFRGKPFPEKPPNDVFVTAMTGNFESKGSAVVLSAVLDYNPDNSPTAPLYLVKLKPLMFEQGCRLTRRFGPDRFF
EILIPSPTSTSPSVPPVVSKQPGAVEEVIQWLTMGQHSLVGRQWRAFFAKDAGYRKPLREFQLRAEDPKPIIKERVHFFA
ETGITFRPDVFKTRSVVPAEEPVEQRTEFKVSQMLDWLLQLDNNTWQPHLKLFSRIQLGLSKTYAIMTLEPHQIRHHKTD
LLSPSGTGEVMNDGVGRMSRSVAKRIRDVLGLGDVPSAVQGRFGSAKGMWVIDVDDTGDEDWIETYPSQRKWECDFVDKH
QRTLEVRSVASELKSAGLNLQLLPVLEDRARDKVKMRQAIGDRLINDLQRQFSEQKHALNRPVEFRQWVYESYSSRATRV
SHGRVPFLAGLPDSQEETLNFLMNSGFDPKKQKYLQDIAWDLQKRKCDTLKSKLNIRVGRSAYIYMIADFWGVLEENEVH
VGFSSKFRDEEESFTLLSDCDVLVARSPAHFPSDIQRVRAVFKPELHSLKDVIIFSTKGDVPLAKKLSGGDYDGDMAWVC
WDPEIVDGFVNAEMPLEPDLSRYLKKDKTTFKQLMASHGTGSAAKEQTTYDMIQKSFHFALQPNFLGMCTNYKERLCYIN
NSVSNKPAIILSSLVGNLVDQSKQGIVFNEASWAQLRRELLGGALSLPDPMYKSDSWLGRGEPTHIIDYLKFSIARPAID
KELEAFHNAMKAAKDTEDGAHFWDPDLASYYTFFKEISDKSRSSALLFTTLKNRIGEVEKEYGRLVKNKEMRDSKDPYPV
RVNQVYEKWCAITPEAMDKSGANYDSKVIRLLELSFLADREMNTWALLRASTAFKLYYHKSPKFVWQMAGRQLAYIKAQM
TSRPGEGAPALMTAFMYAGLMPDKKFTKQYVARLEGDGSEYPDPEVYEVLGDDDFDGIGFTGNGDY
;
A,B
2 'polydeoxyribonucleotide' (DG)(DA)(DG)(DA)(DG)(DA)(DC)(DC)(DT)(DT)(DT)(DT) C
3 'polyribonucleotide' AAAG D
#
loop_
_chem_comp.id
_chem_comp.type
_chem_comp.name
_chem_comp.formula
A RNA linking ADENOSINE-5'-MONOPHOSPHATE 'C10 H14 N5 O7 P'
ATP non-polymer ADENOSINE-5'-TRIPHOSPHATE 'C10 H16 N5 O13 P3'
DA DNA linking 2'-DEOXYADENOSINE-5'-MONOPHOSPHATE 'C10 H14 N5 O6 P'
DC DNA linking 2'-DEOXYCYTIDINE-5'-MONOPHOSPHATE 'C9 H14 N3 O7 P'
DG DNA linking 2'-DEOXYGUANOSINE-5'-MONOPHOSPHATE 'C10 H14 N5 O7 P'
DT DNA linking THYMIDINE-5'-MONOPHOSPHATE 'C10 H15 N2 O8 P'
G RNA linking GUANOSINE-5'-MONOPHOSPHATE 'C10 H14 N5 O8 P'
GTP non-polymer GUANOSINE-5'-TRIPHOSPHATE 'C10 H16 N5 O14 P3'
MG non-polymer 'MAGNESIUM ION' 'Mg 2'
#
# COMPACT_ATOMS: atom_id res chain seq x y z
N ALA A 15 -37.73 34.31 41.85
CA ALA A 15 -36.75 33.57 41.00
C ALA A 15 -36.79 32.08 41.34
N PRO A 16 -36.62 31.63 42.60
CA PRO A 16 -36.76 30.20 42.90
C PRO A 16 -38.22 29.73 42.77
N VAL A 18 -35.91 27.63 41.27
CA VAL A 18 -34.60 27.57 40.56
C VAL A 18 -33.48 27.77 41.59
N ALA A 19 -33.47 28.89 42.29
CA ALA A 19 -32.35 29.17 43.21
C ALA A 19 -32.29 28.10 44.29
N ALA A 20 -33.44 27.63 44.77
CA ALA A 20 -33.47 26.58 45.80
C ALA A 20 -33.03 25.25 45.20
N ARG A 21 -33.43 24.98 43.95
CA ARG A 21 -32.98 23.78 43.27
C ARG A 21 -31.55 23.90 42.74
N LEU A 22 -30.93 25.07 42.91
CA LEU A 22 -29.54 25.30 42.52
C LEU A 22 -28.71 25.54 43.78
N ARG A 23 -28.64 24.51 44.63
CA ARG A 23 -27.89 24.59 45.87
C ARG A 23 -26.93 23.42 45.99
N ASN A 24 -27.49 22.21 46.09
CA ASN A 24 -26.71 21.01 46.34
C ASN A 24 -26.60 20.17 45.08
N ILE A 25 -26.05 20.76 44.02
CA ILE A 25 -25.93 20.05 42.74
C ILE A 25 -24.72 19.15 42.74
N TRP A 26 -23.55 19.69 43.10
CA TRP A 26 -22.32 18.94 42.94
C TRP A 26 -22.15 17.96 44.09
N PRO A 27 -21.58 16.78 43.80
CA PRO A 27 -21.37 15.78 44.86
C PRO A 27 -20.62 16.35 46.05
N LYS A 28 -20.98 15.88 47.24
CA LYS A 28 -20.36 16.35 48.47
C LYS A 28 -18.98 15.73 48.63
N PHE A 29 -18.04 16.53 49.12
CA PHE A 29 -16.67 16.08 49.36
C PHE A 29 -16.49 15.84 50.85
N PRO A 30 -16.51 14.59 51.33
CA PRO A 30 -16.40 14.35 52.78
C PRO A 30 -15.03 14.66 53.34
N LYS A 31 -14.84 14.43 54.64
CA LYS A 31 -13.52 14.71 55.28
C LYS A 31 -12.64 13.47 55.18
N TRP A 32 -13.25 12.32 54.90
CA TRP A 32 -12.49 11.06 54.74
C TRP A 32 -11.55 11.14 53.54
N LEU A 33 -11.98 11.80 52.46
CA LEU A 33 -11.19 11.82 51.21
C LEU A 33 -10.31 13.06 51.10
N HIS A 34 -10.19 13.85 52.16
CA HIS A 34 -9.42 15.11 52.05
C HIS A 34 -7.99 14.74 51.65
N GLU A 35 -7.42 13.71 52.26
CA GLU A 35 -6.05 13.25 51.95
C GLU A 35 -6.01 12.59 50.56
N ALA A 36 -7.13 12.08 50.08
CA ALA A 36 -7.12 11.30 48.82
C ALA A 36 -6.61 12.10 47.64
N PRO A 37 -5.85 11.48 46.72
CA PRO A 37 -5.42 12.15 45.50
C PRO A 37 -6.62 12.34 44.59
N LEU A 38 -6.61 13.42 43.80
CA LEU A 38 -7.75 13.73 42.90
C LEU A 38 -8.16 12.49 42.11
N ALA A 39 -7.20 11.61 41.78
CA ALA A 39 -7.53 10.49 40.93
C ALA A 39 -8.51 9.53 41.59
N VAL A 40 -8.27 9.15 42.84
CA VAL A 40 -9.27 8.30 43.49
C VAL A 40 -10.46 9.13 43.94
N ALA A 41 -10.21 10.31 44.53
CA ALA A 41 -11.30 11.15 45.02
C ALA A 41 -12.32 11.39 43.92
N TRP A 42 -11.84 11.50 42.68
CA TRP A 42 -12.74 11.52 41.54
C TRP A 42 -13.45 10.18 41.38
N GLU A 43 -12.70 9.07 41.39
CA GLU A 43 -13.28 7.78 41.04
C GLU A 43 -13.90 7.04 42.22
N VAL A 44 -13.57 7.39 43.46
CA VAL A 44 -14.38 6.89 44.57
C VAL A 44 -15.74 7.57 44.57
N THR A 45 -15.77 8.85 44.19
CA THR A 45 -17.04 9.55 44.07
C THR A 45 -17.90 8.92 42.98
N ARG A 46 -17.28 8.57 41.85
CA ARG A 46 -18.02 8.03 40.71
C ARG A 46 -18.78 6.77 41.09
N LEU A 47 -18.14 5.85 41.81
CA LEU A 47 -18.81 4.60 42.17
C LEU A 47 -19.93 4.83 43.16
N PHE A 48 -19.68 5.67 44.16
CA PHE A 48 -20.72 5.98 45.18
C PHE A 48 -21.99 6.42 44.46
N MET A 49 -21.85 7.35 43.52
CA MET A 49 -23.03 7.89 42.78
C MET A 49 -23.69 6.77 41.97
N HIS A 50 -22.89 5.94 41.30
CA HIS A 50 -23.47 4.89 40.43
C HIS A 50 -24.25 3.90 41.29
N CYS A 51 -23.73 3.59 42.47
CA CYS A 51 -24.38 2.57 43.34
C CYS A 51 -25.27 3.26 44.38
N LYS A 52 -25.49 4.57 44.25
CA LYS A 52 -26.42 5.31 45.14
C LYS A 52 -26.04 5.17 46.63
N VAL A 53 -24.74 5.20 46.94
CA VAL A 53 -24.32 5.17 48.37
C VAL A 53 -23.81 6.56 48.75
N ASP A 54 -24.33 7.15 49.81
CA ASP A 54 -23.96 8.55 50.16
C ASP A 54 -22.49 8.65 50.57
N LEU A 55 -21.80 9.67 50.04
CA LEU A 55 -20.40 9.92 50.47
C LEU A 55 -20.48 10.27 51.95
N GLU A 56 -21.49 11.05 52.32
CA GLU A 56 -21.71 11.36 53.76
C GLU A 56 -22.65 10.29 54.35
N ASP A 57 -22.18 9.06 54.52
CA ASP A 57 -23.00 8.02 55.18
C ASP A 57 -22.22 7.52 56.40
N GLU A 58 -22.79 7.65 57.60
CA GLU A 58 -22.04 7.27 58.82
C GLU A 58 -22.30 5.78 59.12
N SER A 59 -23.36 5.22 58.52
CA SER A 59 -23.68 3.82 58.75
C SER A 59 -22.45 2.92 58.58
N LEU A 62 -15.41 5.77 58.87
CA LEU A 62 -15.03 5.89 57.44
C LEU A 62 -13.54 6.24 57.37
N LYS A 63 -12.74 5.37 56.76
CA LYS A 63 -11.28 5.61 56.74
C LYS A 63 -10.74 5.47 55.31
N TYR A 64 -9.80 6.33 54.93
CA TYR A 64 -9.18 6.21 53.58
C TYR A 64 -8.31 4.96 53.57
N ASP A 65 -8.35 4.20 52.48
CA ASP A 65 -7.48 3.00 52.36
C ASP A 65 -6.09 3.52 52.00
N PRO A 66 -5.03 3.22 52.78
CA PRO A 66 -3.68 3.63 52.41
C PRO A 66 -3.30 2.91 51.10
N SER A 67 -3.90 1.74 50.85
CA SER A 67 -3.66 0.99 49.62
C SER A 67 -4.06 1.83 48.40
N TRP A 68 -5.11 2.63 48.52
CA TRP A 68 -5.62 3.41 47.37
C TRP A 68 -4.56 4.40 46.85
N SER A 69 -3.79 5.04 47.73
CA SER A 69 -2.85 6.09 47.27
C SER A 69 -1.82 5.57 46.27
N THR A 70 -1.30 4.36 46.47
CA THR A 70 -0.25 3.80 45.58
C THR A 70 -0.87 2.89 44.53
N ALA A 71 -2.20 2.88 44.41
CA ALA A 71 -2.90 1.96 43.48
C ALA A 71 -2.63 2.33 42.02
N ARG A 72 -2.70 1.35 41.13
CA ARG A 72 -2.50 1.60 39.69
C ARG A 72 -3.72 1.13 38.89
N ASP A 73 -4.69 0.50 39.54
CA ASP A 73 -5.90 -0.02 38.83
C ASP A 73 -7.15 0.46 39.57
N VAL A 74 -8.24 0.70 38.82
CA VAL A 74 -9.49 1.16 39.42
C VAL A 74 -10.20 0.02 40.14
N THR A 75 -10.12 -1.19 39.58
CA THR A 75 -10.79 -2.34 40.21
C THR A 75 -10.27 -2.59 41.62
N ASP A 76 -8.98 -2.34 41.86
CA ASP A 76 -8.45 -2.44 43.22
C ASP A 76 -9.13 -1.43 44.13
N ILE A 77 -9.27 -0.18 43.65
CA ILE A 77 -10.02 0.84 44.38
C ILE A 77 -11.44 0.34 44.66
N TRP A 78 -12.13 -0.07 43.59
CA TRP A 78 -13.56 -0.35 43.67
C TRP A 78 -13.84 -1.62 44.47
N LYS A 79 -12.92 -2.58 44.47
CA LYS A 79 -13.17 -3.84 45.16
C LYS A 79 -13.19 -3.65 46.67
N THR A 80 -12.37 -2.73 47.18
CA THR A 80 -12.43 -2.42 48.63
C THR A 80 -13.84 -1.95 48.95
N LEU A 84 -18.92 -2.54 52.87
CA LEU A 84 -18.99 -3.07 51.49
C LEU A 84 -20.30 -3.83 51.31
N ASP A 85 -21.10 -3.94 52.37
CA ASP A 85 -22.32 -4.76 52.32
C ASP A 85 -23.29 -4.22 51.26
N ALA A 86 -23.39 -2.90 51.12
CA ALA A 86 -24.36 -2.30 50.18
C ALA A 86 -24.06 -2.75 48.76
N PHE A 87 -22.80 -2.75 48.37
CA PHE A 87 -22.45 -3.07 46.96
C PHE A 87 -22.77 -4.54 46.73
N ARG A 88 -23.44 -4.85 45.62
CA ARG A 88 -23.86 -6.24 45.33
C ARG A 88 -22.63 -7.10 45.04
N PRO A 93 -19.90 0.37 36.90
CA PRO A 93 -20.00 1.32 35.77
C PRO A 93 -18.75 1.27 34.90
N GLU A 94 -18.67 2.16 33.93
CA GLU A 94 -17.49 2.21 33.07
C GLU A 94 -16.26 2.58 33.88
N LYS A 95 -15.18 1.86 33.64
CA LYS A 95 -13.90 1.96 34.32
C LYS A 95 -12.94 2.82 33.50
N PRO A 96 -12.21 3.74 34.15
CA PRO A 96 -11.21 4.52 33.43
C PRO A 96 -10.13 3.62 32.89
N PRO A 97 -9.78 3.78 31.62
CA PRO A 97 -8.70 2.96 31.04
C PRO A 97 -7.46 2.92 31.92
N ASN A 98 -6.82 1.76 31.99
CA ASN A 98 -5.83 1.53 33.03
C ASN A 98 -4.58 2.38 32.85
N ASP A 99 -4.27 2.80 31.62
CA ASP A 99 -3.13 3.67 31.41
C ASP A 99 -3.43 5.11 31.85
N VAL A 100 -4.63 5.60 31.54
CA VAL A 100 -5.02 6.96 31.93
C VAL A 100 -4.94 7.11 33.44
N PHE A 101 -5.37 6.08 34.17
CA PHE A 101 -5.37 6.12 35.63
C PHE A 101 -3.96 6.34 36.18
N VAL A 102 -2.98 5.61 35.63
CA VAL A 102 -1.60 5.74 36.10
C VAL A 102 -1.08 7.14 35.82
N THR A 103 -1.44 7.72 34.67
CA THR A 103 -1.01 9.08 34.36
C THR A 103 -1.59 10.08 35.35
N ALA A 104 -2.88 9.95 35.68
CA ALA A 104 -3.48 10.83 36.67
C ALA A 104 -2.84 10.63 38.04
N MET A 105 -2.41 9.40 38.34
CA MET A 105 -1.76 9.14 39.62
C MET A 105 -0.36 9.72 39.67
N THR A 106 0.47 9.38 38.68
CA THR A 106 1.92 9.61 38.76
C THR A 106 2.48 10.43 37.62
N GLY A 107 1.80 10.50 36.47
CA GLY A 107 2.25 11.28 35.35
C GLY A 107 1.80 12.74 35.34
N ASN A 108 1.25 13.24 36.45
CA ASN A 108 0.81 14.64 36.55
C ASN A 108 -0.22 14.98 35.47
N PHE A 109 -1.12 14.04 35.20
CA PHE A 109 -2.27 14.23 34.31
C PHE A 109 -1.86 14.49 32.86
N GLU A 110 -0.67 14.04 32.46
CA GLU A 110 -0.12 14.47 31.17
C GLU A 110 0.84 13.39 30.68
N SER A 111 0.45 12.69 29.62
CA SER A 111 1.26 11.62 29.03
C SER A 111 1.46 11.91 27.56
N LYS A 112 2.60 12.53 27.21
CA LYS A 112 3.04 12.74 25.83
C LYS A 112 1.99 13.53 25.04
N GLY A 113 1.72 14.74 25.53
CA GLY A 113 0.75 15.64 24.91
C GLY A 113 -0.68 15.41 25.35
N SER A 114 -1.08 14.15 25.46
CA SER A 114 -2.44 13.83 25.90
C SER A 114 -2.65 14.27 27.34
N ALA A 115 -3.85 14.78 27.62
CA ALA A 115 -4.21 15.26 28.94
C ALA A 115 -5.33 14.43 29.53
N VAL A 116 -5.27 14.18 30.83
CA VAL A 116 -6.35 13.51 31.54
C VAL A 116 -7.46 14.53 31.77
N VAL A 117 -8.67 14.19 31.32
CA VAL A 117 -9.79 15.12 31.29
C VAL A 117 -10.73 14.81 32.44
N LEU A 118 -11.08 15.84 33.21
CA LEU A 118 -12.14 15.76 34.21
C LEU A 118 -13.43 16.27 33.57
N SER A 119 -14.35 15.36 33.25
CA SER A 119 -15.55 15.67 32.51
C SER A 119 -16.78 15.20 33.28
N ALA A 120 -17.94 15.75 32.92
CA ALA A 120 -19.19 15.39 33.56
C ALA A 120 -20.35 15.84 32.67
N VAL A 121 -21.49 15.15 32.81
CA VAL A 121 -22.70 15.46 32.07
C VAL A 121 -23.81 15.78 33.06
N LEU A 122 -24.52 16.88 32.81
CA LEU A 122 -25.65 17.30 33.63
C LEU A 122 -26.93 17.18 32.81
N ASP A 123 -27.98 16.67 33.45
CA ASP A 123 -29.30 16.63 32.85
C ASP A 123 -30.32 17.20 33.83
N TYR A 124 -31.46 17.64 33.28
CA TYR A 124 -32.59 18.03 34.11
C TYR A 124 -33.11 16.81 34.88
N ASN A 125 -33.33 16.98 36.18
CA ASN A 125 -33.82 15.90 37.03
C ASN A 125 -35.34 15.78 36.89
N PRO A 126 -35.87 14.56 36.69
CA PRO A 126 -37.33 14.43 36.57
C PRO A 126 -38.12 14.91 37.77
N ASP A 127 -37.57 14.71 38.98
CA ASP A 127 -38.22 15.19 40.22
C ASP A 127 -38.51 16.69 40.08
N ASN A 128 -39.77 17.07 40.22
CA ASN A 128 -40.15 18.50 40.04
C ASN A 128 -40.22 19.17 41.41
N SER A 129 -39.77 18.47 42.47
CA SER A 129 -39.89 19.03 43.83
C SER A 129 -38.90 20.17 44.00
N PRO A 130 -39.33 21.39 44.38
CA PRO A 130 -38.39 22.47 44.66
C PRO A 130 -37.89 22.34 46.10
N ALA A 132 -35.33 19.95 45.74
CA ALA A 132 -34.22 18.98 45.60
C ALA A 132 -33.44 19.42 44.37
N PRO A 133 -32.20 18.97 44.16
CA PRO A 133 -31.40 19.50 43.05
C PRO A 133 -32.05 19.44 41.65
N LEU A 134 -32.02 20.56 40.93
CA LEU A 134 -32.60 20.64 39.57
C LEU A 134 -31.83 19.74 38.62
N TYR A 135 -30.51 19.72 38.77
CA TYR A 135 -29.69 18.96 37.80
C TYR A 135 -29.13 17.69 38.44
N LEU A 136 -29.02 16.64 37.65
CA LEU A 136 -28.41 15.39 38.09
C LEU A 136 -27.05 15.25 37.40
N VAL A 137 -25.99 15.22 38.20
CA VAL A 137 -24.63 15.15 37.69
C VAL A 137 -24.23 13.70 37.50
N LYS A 138 -23.46 13.43 36.44
CA LYS A 138 -22.88 12.12 36.19
C LYS A 138 -21.42 12.33 35.79
N LEU A 139 -20.52 12.21 36.75
CA LEU A 139 -19.09 12.34 36.47
C LEU A 139 -18.65 11.26 35.50
N LYS A 140 -18.07 11.67 34.38
CA LYS A 140 -17.58 10.76 33.36
C LYS A 140 -16.23 10.17 33.78
N PRO A 141 -15.91 8.95 33.33
CA PRO A 141 -14.64 8.35 33.73
C PRO A 141 -13.44 9.12 33.21
N LEU A 142 -12.33 9.00 33.94
CA LEU A 142 -11.08 9.60 33.52
C LEU A 142 -10.69 9.10 32.13
N MET A 143 -10.34 10.05 31.25
CA MET A 143 -10.06 9.73 29.86
C MET A 143 -8.90 10.58 29.37
N PHE A 144 -8.39 10.22 28.19
CA PHE A 144 -7.33 10.95 27.53
C PHE A 144 -7.89 11.82 26.42
N GLU A 145 -7.45 13.07 26.35
CA GLU A 145 -7.71 13.93 25.22
C GLU A 145 -6.46 14.76 24.93
N GLN A 146 -6.34 15.21 23.69
CA GLN A 146 -5.17 15.99 23.30
C GLN A 146 -5.15 17.30 24.06
N GLY A 147 -4.02 17.59 24.70
CA GLY A 147 -3.88 18.78 25.51
C GLY A 147 -3.96 20.06 24.70
N CYS A 148 -3.93 21.19 25.40
CA CYS A 148 -3.99 22.51 24.78
C CYS A 148 -3.01 23.41 25.50
N ARG A 149 -2.88 24.65 24.99
CA ARG A 149 -1.97 25.61 25.59
C ARG A 149 -2.22 25.77 27.08
N LEU A 150 -3.48 25.97 27.46
CA LEU A 150 -3.81 26.28 28.85
C LEU A 150 -3.53 25.09 29.77
N THR A 151 -3.87 23.87 29.34
CA THR A 151 -3.57 22.70 30.17
C THR A 151 -2.06 22.51 30.31
N ARG A 152 -1.31 22.79 29.25
CA ARG A 152 0.14 22.66 29.31
C ARG A 152 0.79 23.75 30.16
N ARG A 153 0.13 24.90 30.31
CA ARG A 153 0.70 26.00 31.07
C ARG A 153 0.32 25.96 32.54
N PHE A 154 -0.93 25.61 32.85
CA PHE A 154 -1.41 25.65 34.23
C PHE A 154 -1.72 24.27 34.80
N GLY A 155 -1.71 23.21 33.99
CA GLY A 155 -1.93 21.88 34.48
C GLY A 155 -3.29 21.34 34.09
N PRO A 156 -3.33 20.13 33.54
CA PRO A 156 -4.62 19.52 33.16
C PRO A 156 -5.53 19.26 34.34
N ASP A 157 -4.98 19.10 35.54
CA ASP A 157 -5.79 18.87 36.72
C ASP A 157 -6.66 20.06 37.08
N ARG A 158 -6.27 21.27 36.66
CA ARG A 158 -6.95 22.50 37.04
C ARG A 158 -8.08 22.89 36.09
N PHE A 159 -8.60 21.94 35.32
CA PHE A 159 -9.61 22.24 34.32
C PHE A 159 -10.73 21.22 34.37
N PHE A 160 -11.97 21.70 34.36
CA PHE A 160 -13.15 20.86 34.47
C PHE A 160 -14.13 21.26 33.37
N GLU A 161 -14.75 20.25 32.75
CA GLU A 161 -15.57 20.45 31.56
C GLU A 161 -16.89 19.72 31.76
N ILE A 162 -18.00 20.41 31.47
CA ILE A 162 -19.32 19.82 31.66
C ILE A 162 -20.22 20.12 30.48
N LEU A 163 -21.20 19.25 30.28
CA LEU A 163 -22.31 19.44 29.36
C LEU A 163 -23.55 19.75 30.19
N ILE A 164 -24.12 20.94 29.98
CA ILE A 164 -25.30 21.40 30.76
C ILE A 164 -26.41 21.74 29.77
N PRO A 165 -27.68 21.46 30.09
CA PRO A 165 -28.77 21.83 29.20
C PRO A 165 -28.91 23.36 29.07
N SER A 166 -29.11 23.85 27.86
CA SER A 166 -29.29 25.30 27.63
C SER A 166 -30.60 25.73 28.28
N PRO A 167 -30.63 26.87 28.99
CA PRO A 167 -31.83 27.32 29.66
C PRO A 167 -32.69 28.20 28.75
N THR A 168 -32.29 28.35 27.49
CA THR A 168 -33.05 29.18 26.52
C THR A 168 -33.70 28.28 25.46
N SER A 169 -33.86 27.00 25.74
CA SER A 169 -34.52 26.07 24.78
C SER A 169 -36.02 26.31 24.76
N PRO A 172 -38.87 21.81 23.84
CA PRO A 172 -39.82 21.07 24.68
C PRO A 172 -39.09 20.21 25.72
N SER A 173 -39.81 19.63 26.68
CA SER A 173 -39.23 18.77 27.75
C SER A 173 -38.60 19.62 28.85
N VAL A 174 -38.69 20.94 28.74
CA VAL A 174 -38.06 21.84 29.75
C VAL A 174 -38.91 21.82 31.02
N PRO A 175 -38.30 21.66 32.21
CA PRO A 175 -39.07 21.56 33.46
C PRO A 175 -39.82 22.85 33.77
N PRO A 176 -40.96 22.78 34.51
CA PRO A 176 -41.77 23.97 34.76
C PRO A 176 -40.99 25.04 35.51
N VAL A 177 -40.14 24.62 36.45
CA VAL A 177 -39.46 25.65 37.29
C VAL A 177 -38.68 26.57 36.35
N VAL A 178 -37.94 26.00 35.39
CA VAL A 178 -37.21 26.83 34.40
C VAL A 178 -38.19 27.54 33.46
N SER A 179 -39.28 26.89 33.07
CA SER A 179 -40.21 27.50 32.07
C SER A 179 -40.80 28.80 32.65
N LYS A 180 -41.13 28.81 33.94
CA LYS A 180 -41.63 30.05 34.61
C LYS A 180 -40.48 31.01 34.88
N GLN A 181 -40.78 32.30 35.06
CA GLN A 181 -39.75 33.30 35.40
C GLN A 181 -38.68 33.31 34.30
N ALA A 184 -35.30 32.67 34.91
CA ALA A 184 -34.62 31.39 35.08
C ALA A 184 -33.27 31.40 34.39
N VAL A 185 -33.23 31.87 33.14
CA VAL A 185 -31.96 31.94 32.40
C VAL A 185 -30.93 32.72 33.19
N GLU A 186 -31.30 33.92 33.65
CA GLU A 186 -30.37 34.76 34.39
C GLU A 186 -30.01 34.14 35.73
N GLU A 187 -30.92 33.35 36.32
CA GLU A 187 -30.62 32.70 37.59
C GLU A 187 -29.62 31.57 37.41
N VAL A 188 -29.70 30.85 36.28
CA VAL A 188 -28.72 29.81 36.00
C VAL A 188 -27.36 30.43 35.72
N ILE A 189 -27.34 31.49 34.91
CA ILE A 189 -26.07 32.12 34.51
C ILE A 189 -25.32 32.63 35.72
N GLN A 190 -26.04 33.21 36.69
CA GLN A 190 -25.41 33.61 37.95
C GLN A 190 -24.80 32.40 38.65
N TRP A 191 -25.59 31.34 38.81
CA TRP A 191 -25.09 30.13 39.47
C TRP A 191 -23.81 29.62 38.83
N LEU A 192 -23.68 29.77 37.52
CA LEU A 192 -22.47 29.32 36.85
C LEU A 192 -21.30 30.28 37.06
N THR A 193 -21.57 31.59 37.03
CA THR A 193 -20.50 32.57 36.86
C THR A 193 -20.12 33.35 38.12
N MET A 194 -21.01 33.51 39.09
CA MET A 194 -20.71 34.43 40.19
C MET A 194 -19.86 33.80 41.29
N GLY A 195 -19.83 32.48 41.39
CA GLY A 195 -19.12 31.84 42.48
C GLY A 195 -18.35 30.62 42.03
N GLN A 196 -17.55 30.10 42.95
CA GLN A 196 -16.80 28.86 42.65
C GLN A 196 -17.71 27.69 43.02
N HIS A 197 -17.59 26.59 42.30
CA HIS A 197 -18.36 25.37 42.64
C HIS A 197 -17.37 24.40 43.27
N SER A 198 -17.79 23.64 44.29
CA SER A 198 -16.82 22.78 44.99
C SER A 198 -16.98 21.33 44.52
N LEU A 199 -15.92 20.78 43.91
CA LEU A 199 -15.95 19.38 43.45
C LEU A 199 -14.61 18.72 43.70
N VAL A 200 -14.61 17.52 44.27
CA VAL A 200 -13.35 16.74 44.45
C VAL A 200 -12.30 17.60 45.13
N GLY A 201 -12.71 18.36 46.15
CA GLY A 201 -11.71 19.13 46.92
C GLY A 201 -11.22 20.36 46.20
N ARG A 202 -11.91 20.76 45.14
CA ARG A 202 -11.39 21.91 44.35
C ARG A 202 -12.49 22.96 44.16
N GLN A 203 -12.10 24.23 44.11
CA GLN A 203 -13.07 25.32 43.87
C GLN A 203 -12.93 25.73 42.41
N TRP A 204 -13.98 25.56 41.61
CA TRP A 204 -13.87 25.80 40.16
C TRP A 204 -14.66 27.05 39.75
N ARG A 205 -13.98 28.02 39.14
CA ARG A 205 -14.70 29.20 38.61
C ARG A 205 -14.84 29.01 37.11
N ALA A 206 -15.93 29.47 36.53
CA ALA A 206 -16.19 29.31 35.10
C ALA A 206 -15.50 30.41 34.30
N PHE A 207 -15.07 30.06 33.08
CA PHE A 207 -14.38 31.03 32.25
C PHE A 207 -14.70 30.95 30.76
N PHE A 208 -15.31 29.89 30.25
CA PHE A 208 -15.64 29.82 28.84
C PHE A 208 -16.83 28.89 28.63
N ALA A 209 -17.58 29.16 27.55
CA ALA A 209 -18.75 28.35 27.22
C ALA A 209 -18.99 28.40 25.71
N LYS A 210 -19.45 27.28 25.16
CA LYS A 210 -19.76 27.19 23.74
C LYS A 210 -20.84 26.11 23.55
N ASP A 211 -21.47 26.15 22.38
CA ASP A 211 -22.57 25.23 22.08
C ASP A 211 -22.03 23.86 21.70
N ALA A 212 -22.38 22.85 22.49
CA ALA A 212 -22.01 21.47 22.19
C ALA A 212 -22.98 20.89 21.17
N ILE A 231 -32.84 17.93 23.60
CA ILE A 231 -32.45 19.20 24.20
C ILE A 231 -31.06 19.60 23.72
N ILE A 232 -30.87 20.89 23.45
CA ILE A 232 -29.56 21.40 23.07
C ILE A 232 -28.77 21.65 24.36
N LYS A 233 -27.49 21.30 24.32
CA LYS A 233 -26.64 21.39 25.51
C LYS A 233 -25.45 22.29 25.24
N GLU A 234 -24.98 22.94 26.30
CA GLU A 234 -23.87 23.87 26.24
C GLU A 234 -22.68 23.31 27.00
N ARG A 235 -21.49 23.49 26.44
CA ARG A 235 -20.25 23.08 27.11
C ARG A 235 -19.71 24.25 27.92
N VAL A 236 -19.41 23.99 29.19
CA VAL A 236 -18.87 24.99 30.10
C VAL A 236 -17.55 24.48 30.65
N HIS A 237 -16.54 25.34 30.67
CA HIS A 237 -15.21 25.00 31.18
C HIS A 237 -14.95 25.74 32.48
N PHE A 238 -14.33 25.05 33.43
CA PHE A 238 -13.99 25.61 34.73
C PHE A 238 -12.49 25.56 34.98
N PHE A 239 -12.03 26.43 35.85
CA PHE A 239 -10.63 26.49 36.25
C PHE A 239 -10.54 26.37 37.76
N ALA A 240 -9.77 25.39 38.23
CA ALA A 240 -9.59 25.19 39.67
C ALA A 240 -8.77 26.34 40.24
N GLU A 241 -9.43 27.27 40.93
CA GLU A 241 -8.73 28.46 41.45
C GLU A 241 -8.10 28.14 42.80
N THR A 242 -8.75 27.29 43.58
CA THR A 242 -8.26 26.91 44.92
C THR A 242 -8.70 25.49 45.27
N GLY A 243 -8.10 24.91 46.30
CA GLY A 243 -8.43 23.54 46.74
C GLY A 243 -7.90 23.36 48.15
N ILE A 244 -8.25 22.26 48.81
CA ILE A 244 -7.70 21.97 50.17
C ILE A 244 -6.19 21.83 50.07
N THR A 245 -5.71 21.13 49.04
CA THR A 245 -4.25 20.90 48.85
C THR A 245 -3.57 22.16 48.33
N PHE A 246 -4.32 23.14 47.86
CA PHE A 246 -3.71 24.34 47.23
C PHE A 246 -3.05 25.24 48.26
N ARG A 247 -2.13 26.08 47.80
CA ARG A 247 -1.39 27.00 48.71
C ARG A 247 -1.36 28.40 48.07
N PRO A 248 -1.29 29.50 48.86
CA PRO A 248 -1.22 30.85 48.30
C PRO A 248 0.20 31.24 47.88
N GLU A 261 5.37 22.82 38.67
CA GLU A 261 4.92 22.58 40.07
C GLU A 261 4.18 21.24 40.13
N PRO A 262 4.02 20.62 41.32
CA PRO A 262 3.24 19.39 41.48
C PRO A 262 1.72 19.57 41.35
N VAL A 263 1.01 18.51 40.92
CA VAL A 263 -0.46 18.59 40.71
C VAL A 263 -1.17 18.88 42.03
N GLU A 264 -0.72 18.26 43.12
CA GLU A 264 -1.42 18.42 44.42
C GLU A 264 -0.75 19.54 45.22
N GLN A 265 0.18 20.26 44.59
CA GLN A 265 0.82 21.42 45.26
C GLN A 265 0.69 22.59 44.30
N ARG A 266 -0.53 23.13 44.17
CA ARG A 266 -0.74 24.20 43.16
C ARG A 266 -0.97 25.54 43.85
N THR A 267 -0.24 26.56 43.41
CA THR A 267 -0.43 27.91 43.96
C THR A 267 -1.83 28.38 43.59
N GLU A 268 -2.49 29.10 44.50
CA GLU A 268 -3.85 29.62 44.24
C GLU A 268 -3.77 30.65 43.11
N PHE A 269 -4.45 30.39 42.00
CA PHE A 269 -4.44 31.27 40.85
C PHE A 269 -5.88 31.50 40.42
N LYS A 270 -6.20 32.73 40.03
CA LYS A 270 -7.57 33.10 39.74
C LYS A 270 -7.83 33.08 38.23
N VAL A 271 -9.12 32.97 37.89
CA VAL A 271 -9.52 32.96 36.49
C VAL A 271 -9.18 34.28 35.82
N SER A 272 -9.37 35.39 36.54
CA SER A 272 -9.06 36.70 36.00
C SER A 272 -7.59 36.84 35.63
N GLN A 273 -6.72 36.11 36.30
CA GLN A 273 -5.29 36.10 35.96
C GLN A 273 -4.97 35.05 34.92
N MET A 274 -5.60 33.87 35.02
CA MET A 274 -5.47 32.84 34.00
C MET A 274 -5.80 33.39 32.62
N LEU A 275 -6.81 34.25 32.53
CA LEU A 275 -7.18 34.86 31.27
C LEU A 275 -6.25 36.02 30.91
N ASP A 276 -5.70 36.71 31.90
CA ASP A 276 -4.79 37.81 31.61
C ASP A 276 -3.47 37.30 31.08
N TRP A 277 -3.00 36.14 31.56
CA TRP A 277 -1.82 35.53 30.97
C TRP A 277 -2.04 35.20 29.50
N LEU A 278 -3.22 34.70 29.16
CA LEU A 278 -3.48 34.26 27.79
C LEU A 278 -3.74 35.43 26.85
N LEU A 279 -4.48 36.43 27.31
CA LEU A 279 -4.92 37.51 26.43
C LEU A 279 -4.19 38.82 26.65
N GLN A 280 -3.44 38.97 27.73
CA GLN A 280 -2.70 40.21 28.04
C GLN A 280 -3.63 41.42 27.94
N LEU A 281 -4.64 41.42 28.83
CA LEU A 281 -5.79 42.30 28.67
C LEU A 281 -5.41 43.77 28.72
N ASP A 282 -4.33 44.11 29.44
CA ASP A 282 -3.91 45.51 29.52
C ASP A 282 -3.70 46.12 28.13
N ASN A 283 -3.22 45.32 27.18
CA ASN A 283 -2.98 45.78 25.82
C ASN A 283 -4.11 45.40 24.87
N ASN A 284 -5.28 45.06 25.39
CA ASN A 284 -6.40 44.66 24.55
C ASN A 284 -7.73 45.18 25.08
N THR A 285 -7.69 46.27 25.84
CA THR A 285 -8.94 46.90 26.29
C THR A 285 -9.74 47.47 25.14
N TRP A 286 -9.11 47.68 23.98
CA TRP A 286 -9.78 48.26 22.82
C TRP A 286 -10.68 47.28 22.10
N GLN A 287 -10.53 45.98 22.34
CA GLN A 287 -11.34 45.00 21.63
C GLN A 287 -12.76 44.94 22.21
N PRO A 288 -13.75 44.68 21.36
CA PRO A 288 -15.07 44.29 21.87
C PRO A 288 -14.93 43.06 22.77
N HIS A 289 -15.50 43.15 23.97
CA HIS A 289 -15.26 42.12 24.97
C HIS A 289 -15.81 40.76 24.55
N LEU A 290 -16.80 40.72 23.66
CA LEU A 290 -17.30 39.43 23.19
C LEU A 290 -16.31 38.75 22.28
N LYS A 291 -15.68 39.50 21.37
CA LYS A 291 -14.61 38.94 20.55
C LYS A 291 -13.46 38.44 21.43
N LEU A 292 -13.11 39.21 22.46
CA LEU A 292 -12.05 38.81 23.38
C LEU A 292 -12.38 37.49 24.05
N PHE A 293 -13.61 37.34 24.54
CA PHE A 293 -14.05 36.09 25.15
C PHE A 293 -13.95 34.93 24.17
N SER A 294 -14.23 35.18 22.90
CA SER A 294 -14.18 34.11 21.92
C SER A 294 -12.75 33.65 21.66
N ARG A 295 -11.76 34.52 21.90
CA ARG A 295 -10.37 34.14 21.69
C ARG A 295 -9.85 33.18 22.76
N ILE A 296 -10.62 32.97 23.84
CA ILE A 296 -10.26 31.94 24.81
C ILE A 296 -10.25 30.56 24.17
N GLN A 297 -11.05 30.38 23.12
CA GLN A 297 -11.07 29.11 22.40
C GLN A 297 -9.70 28.79 21.80
N LEU A 298 -8.92 29.82 21.45
CA LEU A 298 -7.56 29.59 20.99
C LEU A 298 -6.68 28.95 22.05
N GLY A 299 -6.93 29.27 23.32
CA GLY A 299 -6.22 28.62 24.41
C GLY A 299 -6.70 27.22 24.72
N LEU A 300 -7.85 26.83 24.21
CA LEU A 300 -8.41 25.52 24.45
C LEU A 300 -8.36 24.60 23.24
N SER A 301 -7.92 25.10 22.09
CA SER A 301 -7.74 24.26 20.90
C SER A 301 -6.83 23.08 21.23
N LYS A 302 -7.34 21.87 21.01
CA LYS A 302 -6.53 20.67 21.20
C LYS A 302 -5.45 20.64 20.14
N THR A 303 -4.20 20.80 20.56
CA THR A 303 -3.09 21.01 19.64
C THR A 303 -1.91 20.13 20.04
N TYR A 304 -1.11 19.76 19.03
CA TYR A 304 0.15 19.08 19.25
C TYR A 304 1.25 20.14 19.33
N ALA A 305 1.88 20.26 20.50
CA ALA A 305 3.00 21.20 20.65
C ALA A 305 4.22 20.65 19.91
N ILE A 306 4.74 21.45 18.98
CA ILE A 306 5.85 21.01 18.14
C ILE A 306 7.17 21.49 18.70
N MET A 307 7.37 22.81 18.72
CA MET A 307 8.62 23.39 19.14
C MET A 307 8.36 24.75 19.78
N THR A 308 9.32 25.19 20.59
CA THR A 308 9.31 26.54 21.17
C THR A 308 10.39 27.35 20.45
N LEU A 309 9.97 28.27 19.60
CA LEU A 309 10.92 29.11 18.88
C LEU A 309 11.41 30.25 19.76
N GLU A 310 12.64 30.67 19.51
CA GLU A 310 13.22 31.77 20.26
C GLU A 310 12.82 33.10 19.67
N PRO A 311 12.83 34.18 20.47
CA PRO A 311 12.41 35.49 19.95
C PRO A 311 13.12 35.95 18.69
N HIS A 312 14.43 35.70 18.57
CA HIS A 312 15.13 36.21 17.39
C HIS A 312 14.74 35.49 16.10
N GLN A 313 13.98 34.40 16.18
CA GLN A 313 13.56 33.65 15.01
C GLN A 313 12.12 33.96 14.59
N ILE A 314 11.45 34.89 15.24
CA ILE A 314 10.05 35.20 14.98
C ILE A 314 9.97 36.55 14.26
N ARG A 315 9.47 36.54 13.03
CA ARG A 315 9.33 37.75 12.22
C ARG A 315 7.88 38.24 12.33
N HIS A 316 7.67 39.27 13.15
CA HIS A 316 6.34 39.86 13.32
C HIS A 316 6.15 40.94 12.27
N HIS A 317 5.52 40.58 11.15
CA HIS A 317 5.15 41.56 10.15
C HIS A 317 4.08 42.49 10.73
N LYS A 318 4.08 43.74 10.27
CA LYS A 318 3.14 44.73 10.77
C LYS A 318 2.12 45.18 9.73
N THR A 319 2.25 44.76 8.48
CA THR A 319 1.27 45.07 7.45
C THR A 319 1.05 43.83 6.59
N ASP A 320 -0.21 43.43 6.45
CA ASP A 320 -0.54 42.28 5.61
C ASP A 320 -0.23 42.59 4.15
N LEU A 321 -0.20 41.53 3.35
CA LEU A 321 -0.15 41.71 1.89
C LEU A 321 -1.48 42.28 1.43
N LEU A 322 -1.42 43.39 0.70
CA LEU A 322 -2.62 44.06 0.23
C LEU A 322 -2.71 44.00 -1.29
N SER A 323 -3.90 44.32 -1.79
CA SER A 323 -4.15 44.21 -3.22
C SER A 323 -3.28 45.21 -3.98
N PRO A 324 -2.73 44.82 -5.15
CA PRO A 324 -1.92 45.76 -5.93
C PRO A 324 -2.74 46.81 -6.66
N SER A 325 -4.06 46.83 -6.48
CA SER A 325 -4.93 47.84 -7.06
C SER A 325 -5.30 48.93 -6.06
N GLY A 326 -4.68 48.93 -4.88
CA GLY A 326 -4.93 49.96 -3.89
C GLY A 326 -6.25 49.87 -3.17
N THR A 327 -7.01 48.79 -3.36
CA THR A 327 -8.31 48.67 -2.70
C THR A 327 -8.18 48.47 -1.19
N GLY A 328 -7.00 48.12 -0.70
CA GLY A 328 -6.81 47.85 0.71
C GLY A 328 -7.25 46.48 1.17
N GLU A 329 -7.79 45.65 0.27
CA GLU A 329 -8.16 44.29 0.64
C GLU A 329 -6.94 43.50 1.06
N VAL A 330 -7.10 42.66 2.09
CA VAL A 330 -6.00 41.79 2.56
C VAL A 330 -6.00 40.51 1.70
N MET A 331 -4.85 40.16 1.13
CA MET A 331 -4.78 38.99 0.23
C MET A 331 -4.16 37.76 0.92
N ASN A 332 -3.73 37.90 2.18
CA ASN A 332 -3.05 36.79 2.91
C ASN A 332 -3.71 36.56 4.26
N ASP A 333 -5.03 36.64 4.33
CA ASP A 333 -5.69 36.56 5.66
C ASP A 333 -5.51 35.18 6.28
N GLY A 334 -4.84 35.13 7.43
CA GLY A 334 -4.64 33.87 8.15
C GLY A 334 -3.44 33.06 7.68
N VAL A 335 -2.70 33.55 6.70
CA VAL A 335 -1.61 32.70 6.16
C VAL A 335 -0.26 33.39 6.24
N GLY A 336 0.74 32.69 6.77
CA GLY A 336 2.09 33.19 6.75
C GLY A 336 3.03 32.10 6.30
N ARG A 337 4.33 32.40 6.32
CA ARG A 337 5.35 31.43 5.88
C ARG A 337 6.11 30.87 7.07
N MET A 338 6.70 29.69 6.90
CA MET A 338 7.51 29.06 7.95
C MET A 338 8.78 28.52 7.29
N SER A 339 9.84 28.32 8.06
CA SER A 339 11.11 27.75 7.53
C SER A 339 10.91 26.28 7.17
N ARG A 340 11.77 25.76 6.29
CA ARG A 340 11.68 24.34 5.88
C ARG A 340 12.09 23.48 7.07
N SER A 341 12.96 23.88 7.84
CA SER A 341 13.46 23.25 9.08
C SER A 341 12.33 23.10 10.10
N VAL A 342 11.52 24.15 10.26
CA VAL A 342 10.36 24.09 11.20
C VAL A 342 9.42 23.00 10.68
N ALA A 343 9.21 22.98 9.37
CA ALA A 343 8.35 21.96 8.75
C ALA A 343 8.90 20.55 8.99
N LYS A 344 10.22 20.40 8.94
CA LYS A 344 10.87 19.09 9.20
C LYS A 344 10.65 18.65 10.64
N ARG A 345 10.71 19.57 11.61
CA ARG A 345 10.43 19.18 13.01
C ARG A 345 8.98 18.77 13.15
N ILE A 346 8.08 19.49 12.47
CA ILE A 346 6.68 19.06 12.47
C ILE A 346 6.58 17.62 12.00
N ARG A 347 7.31 17.28 10.93
CA ARG A 347 7.34 15.91 10.45
C ARG A 347 7.89 14.97 11.53
N ASP A 348 8.99 15.37 12.18
CA ASP A 348 9.64 14.47 13.13
C ASP A 348 8.82 14.32 14.42
N VAL A 349 8.23 15.41 14.90
CA VAL A 349 7.49 15.34 16.17
C VAL A 349 6.20 14.56 15.99
N LEU A 350 5.52 14.74 14.86
CA LEU A 350 4.26 14.06 14.61
C LEU A 350 4.43 12.70 13.94
N GLY A 351 5.66 12.30 13.65
CA GLY A 351 5.90 11.02 13.02
C GLY A 351 5.41 10.92 11.59
N LEU A 352 5.45 12.02 10.85
CA LEU A 352 4.94 12.03 9.48
C LEU A 352 5.97 11.44 8.53
N GLY A 353 5.47 10.87 7.43
CA GLY A 353 6.37 10.23 6.47
C GLY A 353 7.11 11.24 5.62
N ASP A 354 6.44 12.33 5.25
CA ASP A 354 7.01 13.38 4.42
C ASP A 354 6.97 14.70 5.18
N VAL A 355 7.58 15.72 4.58
CA VAL A 355 7.58 17.06 5.16
C VAL A 355 6.28 17.76 4.78
N PRO A 356 5.48 18.22 5.73
CA PRO A 356 4.22 18.88 5.39
C PRO A 356 4.48 20.25 4.78
N SER A 357 3.82 20.51 3.64
CA SER A 357 3.97 21.81 2.99
C SER A 357 3.29 22.91 3.81
N ALA A 358 2.14 22.61 4.40
CA ALA A 358 1.35 23.61 5.11
C ALA A 358 0.68 22.94 6.31
N VAL A 359 0.48 23.74 7.36
CA VAL A 359 -0.11 23.25 8.59
C VAL A 359 -1.13 24.27 9.10
N GLN A 360 -2.07 23.77 9.89
CA GLN A 360 -3.05 24.61 10.58
C GLN A 360 -2.73 24.56 12.06
N GLY A 361 -2.49 25.72 12.65
CA GLY A 361 -2.12 25.75 14.04
C GLY A 361 -2.32 27.09 14.69
N ARG A 362 -1.63 27.28 15.81
CA ARG A 362 -1.65 28.53 16.56
C ARG A 362 -0.27 28.81 17.11
N PHE A 363 0.13 30.08 17.07
CA PHE A 363 1.43 30.52 17.56
C PHE A 363 1.21 31.82 18.33
N GLY A 364 1.24 31.73 19.66
CA GLY A 364 0.97 32.90 20.47
C GLY A 364 -0.42 33.43 20.20
N SER A 365 -0.50 34.67 19.75
CA SER A 365 -1.79 35.30 19.42
C SER A 365 -2.18 34.96 17.99
N ALA A 366 -1.34 34.20 17.29
CA ALA A 366 -1.61 33.97 15.85
C ALA A 366 -2.36 32.67 15.61
N LYS A 367 -3.38 32.72 14.77
CA LYS A 367 -4.14 31.51 14.38
C LYS A 367 -4.15 31.48 12.86
N GLY A 368 -3.92 30.32 12.28
CA GLY A 368 -4.03 30.24 10.82
C GLY A 368 -3.21 29.17 10.16
N MET A 369 -2.88 29.39 8.90
CA MET A 369 -2.10 28.42 8.12
C MET A 369 -0.66 28.93 7.96
N TRP A 370 0.31 28.04 8.14
CA TRP A 370 1.71 28.35 7.88
C TRP A 370 2.21 27.45 6.77
N VAL A 371 2.81 28.07 5.75
CA VAL A 371 3.26 27.36 4.56
C VAL A 371 4.78 27.49 4.46
N ILE A 372 5.40 26.46 3.87
CA ILE A 372 6.85 26.46 3.72
C ILE A 372 7.27 27.58 2.78
N ASP A 373 8.31 28.32 3.17
CA ASP A 373 8.91 29.32 2.29
C ASP A 373 9.73 28.61 1.22
N VAL A 374 9.29 28.70 -0.04
CA VAL A 374 9.97 28.03 -1.14
C VAL A 374 11.32 28.66 -1.47
N ASP A 375 11.64 29.81 -0.90
CA ASP A 375 12.93 30.47 -1.12
C ASP A 375 13.92 30.21 0.00
N ASP A 376 13.52 29.50 1.04
CA ASP A 376 14.41 29.18 2.15
C ASP A 376 15.43 28.14 1.70
N THR A 377 16.67 28.58 1.47
CA THR A 377 17.77 27.68 1.19
C THR A 377 18.60 27.35 2.42
N GLY A 378 18.32 28.03 3.54
CA GLY A 378 19.13 27.85 4.75
C GLY A 378 18.63 26.74 5.66
N ASP A 379 19.31 26.56 6.79
CA ASP A 379 18.90 25.52 7.78
C ASP A 379 18.37 26.19 9.05
N GLU A 380 18.17 27.50 9.04
CA GLU A 380 17.79 28.22 10.27
C GLU A 380 16.29 28.15 10.53
N ASP A 381 15.90 27.88 11.78
CA ASP A 381 14.46 27.80 12.16
C ASP A 381 13.91 29.22 12.26
N TRP A 382 12.81 29.50 11.57
CA TRP A 382 12.14 30.82 11.66
C TRP A 382 10.64 30.71 11.41
N ILE A 383 9.84 31.60 11.98
CA ILE A 383 8.38 31.65 11.70
C ILE A 383 7.98 33.11 11.60
N GLU A 384 6.95 33.40 10.82
CA GLU A 384 6.46 34.76 10.71
C GLU A 384 4.97 34.83 11.03
N THR A 385 4.55 35.96 11.60
CA THR A 385 3.14 36.23 11.87
C THR A 385 2.74 37.53 11.19
N TYR A 386 1.47 37.59 10.80
CA TYR A 386 0.90 38.74 10.12
C TYR A 386 -0.22 39.35 10.97
N PRO A 387 -0.62 40.59 10.69
CA PRO A 387 -1.75 41.17 11.44
C PRO A 387 -3.02 40.34 11.36
N SER A 388 -3.42 39.89 10.17
CA SER A 388 -4.65 39.11 10.03
C SER A 388 -4.62 37.83 10.86
N GLN A 389 -3.43 37.34 11.22
CA GLN A 389 -3.33 36.13 12.03
C GLN A 389 -3.45 36.42 13.51
N ARG A 390 -2.98 37.57 13.97
CA ARG A 390 -2.84 37.86 15.39
C ARG A 390 -4.17 38.37 15.93
N LYS A 391 -4.79 37.59 16.82
CA LYS A 391 -6.11 37.88 17.35
C LYS A 391 -6.09 38.77 18.58
N TRP A 392 -4.92 39.07 19.12
CA TRP A 392 -4.79 40.05 20.20
C TRP A 392 -3.34 40.48 20.26
N GLU A 393 -3.10 41.61 20.93
CA GLU A 393 -1.74 42.09 21.12
C GLU A 393 -1.01 41.18 22.10
N CYS A 394 0.06 40.55 21.62
CA CYS A 394 0.83 39.59 22.41
C CYS A 394 2.29 40.01 22.43
N ASP A 395 2.98 39.70 23.53
CA ASP A 395 4.40 40.01 23.63
C ASP A 395 5.30 38.85 23.23
N PHE A 396 4.76 37.63 23.20
CA PHE A 396 5.50 36.45 22.77
C PHE A 396 6.74 36.23 23.65
N VAL A 397 6.54 36.29 24.97
CA VAL A 397 7.65 36.21 25.92
C VAL A 397 7.66 34.85 26.60
N ASP A 398 6.53 34.44 27.17
CA ASP A 398 6.42 33.10 27.73
C ASP A 398 6.67 32.06 26.65
N LYS A 399 7.30 30.95 27.03
CA LYS A 399 7.60 29.91 26.04
C LYS A 399 6.33 29.22 25.53
N HIS A 400 5.25 29.28 26.31
CA HIS A 400 3.96 28.67 25.90
C HIS A 400 3.25 29.62 24.94
N GLN A 401 3.70 30.88 24.89
CA GLN A 401 3.13 31.86 23.92
C GLN A 401 4.13 31.98 22.76
N ARG A 402 5.05 31.04 22.65
CA ARG A 402 6.09 31.06 21.60
C ARG A 402 6.24 29.63 21.10
N THR A 403 5.24 28.80 21.36
CA THR A 403 5.28 27.38 20.94
C THR A 403 4.38 27.18 19.71
N LEU A 404 4.91 26.58 18.63
CA LEU A 404 4.05 26.26 17.46
C LEU A 404 3.14 25.11 17.85
N GLU A 405 1.83 25.36 17.80
CA GLU A 405 0.84 24.32 18.17
C GLU A 405 0.12 24.00 16.88
N VAL A 406 0.00 22.73 16.53
CA VAL A 406 -0.55 22.32 15.25
C VAL A 406 -1.83 21.53 15.49
N ARG A 407 -2.90 21.90 14.80
CA ARG A 407 -4.15 21.10 14.88
C ARG A 407 -4.13 20.08 13.76
N SER A 408 -3.82 20.52 12.54
CA SER A 408 -3.85 19.60 11.37
C SER A 408 -2.74 19.91 10.37
N VAL A 409 -2.38 18.92 9.56
CA VAL A 409 -1.34 19.12 8.53
C VAL A 409 -1.97 18.83 7.16
N ALA A 410 -1.56 19.57 6.13
CA ALA A 410 -2.05 19.25 4.77
C ALA A 410 -1.56 17.83 4.47
N SER A 411 -2.45 16.98 3.96
CA SER A 411 -2.08 15.57 3.78
C SER A 411 -2.65 15.04 2.47
N GLU A 412 -2.36 13.79 2.15
CA GLU A 412 -2.79 13.22 0.86
C GLU A 412 -4.28 13.42 0.70
N LEU A 413 -4.69 13.93 -0.46
CA LEU A 413 -6.11 14.25 -0.68
C LEU A 413 -6.88 13.03 -1.13
N LYS A 414 -8.17 12.99 -0.82
CA LYS A 414 -9.05 11.88 -1.26
C LYS A 414 -10.16 12.48 -2.10
N SER A 415 -10.75 11.66 -2.96
CA SER A 415 -11.86 12.11 -3.83
C SER A 415 -13.06 12.54 -2.99
N ALA A 416 -13.71 13.60 -3.41
CA ALA A 416 -14.87 14.10 -2.67
C ALA A 416 -16.16 13.64 -3.35
N GLY A 417 -17.28 14.11 -2.82
CA GLY A 417 -18.58 13.80 -3.43
C GLY A 417 -19.36 15.08 -3.58
N LEU A 418 -20.32 15.13 -4.52
CA LEU A 418 -21.18 16.33 -4.63
C LEU A 418 -22.04 16.38 -3.38
N ASN A 419 -22.46 17.58 -2.97
CA ASN A 419 -23.36 17.70 -1.81
C ASN A 419 -24.61 18.44 -2.25
N LEU A 420 -25.68 18.32 -1.48
CA LEU A 420 -26.96 18.99 -1.81
C LEU A 420 -26.75 20.49 -1.87
N GLN A 421 -25.92 21.05 -1.00
CA GLN A 421 -25.77 22.53 -0.96
C GLN A 421 -25.20 23.05 -2.28
N LEU A 422 -24.29 22.32 -2.89
CA LEU A 422 -23.61 22.82 -4.12
C LEU A 422 -24.51 22.72 -5.35
N LEU A 423 -25.37 21.71 -5.45
CA LEU A 423 -26.15 21.50 -6.71
C LEU A 423 -27.05 22.66 -7.11
N PRO A 424 -27.85 23.30 -6.24
CA PRO A 424 -28.63 24.47 -6.64
C PRO A 424 -27.77 25.55 -7.30
N VAL A 425 -26.64 25.90 -6.69
CA VAL A 425 -25.76 26.94 -7.22
C VAL A 425 -25.15 26.48 -8.54
N LEU A 426 -24.78 25.21 -8.64
CA LEU A 426 -24.24 24.69 -9.90
C LEU A 426 -25.27 24.79 -11.01
N GLU A 427 -26.53 24.46 -10.71
CA GLU A 427 -27.59 24.60 -11.71
C GLU A 427 -27.85 26.06 -12.04
N ASP A 428 -27.85 26.92 -11.02
CA ASP A 428 -28.09 28.35 -11.23
C ASP A 428 -27.08 28.95 -12.20
N ARG A 429 -25.83 28.47 -12.14
CA ARG A 429 -24.75 29.04 -12.93
C ARG A 429 -24.51 28.28 -14.24
N ALA A 430 -25.29 27.24 -14.51
CA ALA A 430 -25.12 26.46 -15.73
C ALA A 430 -25.72 27.20 -16.92
N ARG A 431 -25.00 27.15 -18.05
CA ARG A 431 -25.52 27.72 -19.29
C ARG A 431 -26.55 26.83 -19.96
N ASP A 432 -26.57 25.54 -19.62
CA ASP A 432 -27.58 24.60 -20.09
C ASP A 432 -27.95 23.71 -18.91
N LYS A 433 -29.06 24.04 -18.25
CA LYS A 433 -29.46 23.30 -17.03
C LYS A 433 -29.77 21.84 -17.37
N VAL A 434 -30.31 21.59 -18.55
CA VAL A 434 -30.71 20.20 -18.93
C VAL A 434 -29.46 19.33 -19.01
N LYS A 435 -28.39 19.87 -19.60
CA LYS A 435 -27.12 19.12 -19.70
C LYS A 435 -26.58 18.89 -18.30
N MET A 436 -26.62 19.91 -17.44
CA MET A 436 -26.01 19.77 -16.09
C MET A 436 -26.75 18.65 -15.35
N ARG A 437 -28.07 18.68 -15.42
CA ARG A 437 -28.88 17.64 -14.74
C ARG A 437 -28.53 16.27 -15.31
N GLN A 438 -28.45 16.15 -16.64
CA GLN A 438 -28.22 14.84 -17.27
C GLN A 438 -26.87 14.31 -16.81
N ALA A 439 -25.87 15.17 -16.79
CA ALA A 439 -24.52 14.73 -16.42
C ALA A 439 -24.47 14.25 -14.97
N ILE A 440 -25.03 15.03 -14.04
CA ILE A 440 -24.90 14.66 -12.59
C ILE A 440 -25.63 13.34 -12.39
N GLY A 441 -26.79 13.21 -13.04
CA GLY A 441 -27.55 11.95 -12.92
C GLY A 441 -26.78 10.82 -13.54
N ASP A 442 -26.27 11.02 -14.74
CA ASP A 442 -25.48 9.99 -15.40
C ASP A 442 -24.30 9.57 -14.53
N ARG A 443 -23.66 10.53 -13.85
CA ARG A 443 -22.59 10.20 -12.92
C ARG A 443 -23.10 9.32 -11.79
N LEU A 444 -24.35 9.54 -11.36
CA LEU A 444 -24.92 8.70 -10.31
C LEU A 444 -25.17 7.28 -10.84
N ILE A 445 -25.74 7.17 -12.04
CA ILE A 445 -26.12 5.85 -12.55
C ILE A 445 -24.88 5.00 -12.81
N ASN A 446 -23.79 5.61 -13.30
CA ASN A 446 -22.58 4.85 -13.57
C ASN A 446 -21.76 4.58 -12.32
N ASP A 447 -21.78 5.51 -11.35
CA ASP A 447 -21.12 5.25 -10.08
C ASP A 447 -21.77 4.09 -9.35
N LEU A 448 -23.10 4.05 -9.34
CA LEU A 448 -23.82 2.89 -8.80
C LEU A 448 -23.47 1.62 -9.55
N GLN A 449 -23.32 1.72 -10.87
CA GLN A 449 -23.08 0.53 -11.68
C GLN A 449 -21.70 -0.05 -11.43
N ARG A 450 -20.70 0.79 -11.17
CA ARG A 450 -19.37 0.28 -10.84
C ARG A 450 -19.37 -0.36 -9.46
N GLN A 451 -19.87 0.36 -8.45
CA GLN A 451 -19.94 -0.16 -7.09
C GLN A 451 -20.50 -1.57 -7.05
N PHE A 452 -21.64 -1.79 -7.71
CA PHE A 452 -22.28 -3.09 -7.67
C PHE A 452 -21.54 -4.11 -8.53
N SER A 453 -20.99 -3.68 -9.67
CA SER A 453 -20.25 -4.61 -10.52
C SER A 453 -18.95 -5.02 -9.86
N GLU A 454 -18.28 -4.10 -9.18
CA GLU A 454 -17.04 -4.44 -8.47
C GLU A 454 -17.30 -5.46 -7.38
N GLN A 455 -18.44 -5.34 -6.68
CA GLN A 455 -18.73 -6.23 -5.57
C GLN A 455 -19.26 -7.58 -6.05
N LYS A 456 -20.24 -7.56 -6.97
CA LYS A 456 -20.79 -8.80 -7.49
C LYS A 456 -19.70 -9.71 -8.03
N HIS A 457 -18.75 -9.13 -8.78
CA HIS A 457 -17.59 -9.89 -9.23
C HIS A 457 -16.79 -10.42 -8.04
N ALA A 458 -16.64 -9.59 -7.00
CA ALA A 458 -15.80 -9.96 -5.88
C ALA A 458 -16.38 -11.11 -5.06
N LEU A 459 -17.71 -11.19 -4.98
CA LEU A 459 -18.35 -12.26 -4.22
C LEU A 459 -18.06 -13.64 -4.81
N ASN A 460 -17.63 -13.70 -6.07
CA ASN A 460 -17.40 -14.97 -6.73
C ASN A 460 -16.11 -15.66 -6.30
N ARG A 461 -15.27 -14.99 -5.49
CA ARG A 461 -14.07 -15.61 -4.95
C ARG A 461 -13.85 -15.08 -3.54
N PRO A 462 -13.68 -15.96 -2.55
CA PRO A 462 -13.43 -15.46 -1.18
C PRO A 462 -12.22 -14.56 -1.05
N VAL A 463 -11.13 -14.86 -1.77
CA VAL A 463 -9.96 -13.99 -1.69
C VAL A 463 -10.27 -12.63 -2.30
N GLU A 464 -11.19 -12.57 -3.25
CA GLU A 464 -11.56 -11.29 -3.86
C GLU A 464 -12.53 -10.52 -2.98
N PHE A 465 -13.44 -11.22 -2.30
CA PHE A 465 -14.40 -10.53 -1.44
C PHE A 465 -13.75 -10.06 -0.14
N ARG A 466 -12.80 -10.84 0.39
CA ARG A 466 -12.03 -10.37 1.54
C ARG A 466 -11.27 -9.09 1.19
N GLN A 467 -10.64 -9.07 0.02
CA GLN A 467 -9.99 -7.85 -0.44
C GLN A 467 -10.98 -6.70 -0.56
N TRP A 468 -12.20 -6.99 -1.01
CA TRP A 468 -13.20 -5.94 -1.17
C TRP A 468 -13.71 -5.44 0.17
N VAL A 469 -13.99 -6.35 1.10
CA VAL A 469 -14.47 -5.95 2.43
C VAL A 469 -13.42 -5.12 3.15
N TYR A 470 -12.15 -5.55 3.06
CA TYR A 470 -11.07 -4.79 3.68
C TYR A 470 -10.99 -3.39 3.11
N GLU A 471 -11.24 -3.23 1.81
CA GLU A 471 -11.16 -1.91 1.18
C GLU A 471 -12.40 -1.07 1.39
N SER A 472 -13.53 -1.68 1.77
CA SER A 472 -14.74 -0.91 2.00
C SER A 472 -14.69 -0.12 3.30
N TYR A 473 -13.97 -0.62 4.29
CA TYR A 473 -13.90 0.00 5.60
C TYR A 473 -12.53 -0.26 6.22
N SER A 474 -11.96 0.76 6.85
CA SER A 474 -10.69 0.63 7.55
C SER A 474 -10.98 0.50 9.05
N SER A 475 -10.58 -0.63 9.64
CA SER A 475 -10.81 -0.91 11.05
C SER A 475 -9.52 -0.87 11.85
N ARG A 476 -8.49 -0.19 11.34
CA ARG A 476 -7.18 -0.20 12.00
C ARG A 476 -7.23 0.50 13.35
N ALA A 477 -8.00 1.58 13.46
CA ALA A 477 -8.03 2.35 14.70
C ALA A 477 -8.61 1.53 15.84
N THR A 478 -9.77 0.91 15.62
CA THR A 478 -10.35 0.03 16.64
C THR A 478 -9.45 -1.16 16.94
N ARG A 479 -8.73 -1.65 15.93
CA ARG A 479 -7.80 -2.76 16.14
C ARG A 479 -6.63 -2.32 17.00
N VAL A 480 -6.05 -1.16 16.69
CA VAL A 480 -4.94 -0.62 17.49
C VAL A 480 -5.41 -0.31 18.90
N SER A 481 -6.60 0.28 19.03
CA SER A 481 -7.09 0.70 20.35
C SER A 481 -7.26 -0.49 21.28
N HIS A 482 -7.70 -1.64 20.77
CA HIS A 482 -7.97 -2.81 21.58
C HIS A 482 -6.88 -3.87 21.52
N GLY A 483 -5.90 -3.72 20.62
CA GLY A 483 -4.91 -4.76 20.43
C GLY A 483 -5.49 -6.08 19.99
N ARG A 484 -6.60 -6.03 19.24
CA ARG A 484 -7.37 -7.20 18.83
C ARG A 484 -8.57 -6.69 18.04
N VAL A 485 -9.27 -7.61 17.39
CA VAL A 485 -10.56 -7.28 16.79
C VAL A 485 -11.61 -7.39 17.90
N PRO A 486 -12.31 -6.30 18.21
CA PRO A 486 -13.35 -6.38 19.25
C PRO A 486 -14.46 -7.36 18.86
N PHE A 487 -14.81 -8.23 19.79
CA PHE A 487 -15.81 -9.27 19.59
C PHE A 487 -17.04 -8.97 20.43
N LEU A 488 -18.22 -9.09 19.82
CA LEU A 488 -19.48 -9.13 20.55
C LEU A 488 -19.92 -10.59 20.60
N ALA A 489 -19.90 -11.17 21.79
CA ALA A 489 -20.24 -12.59 22.01
C ALA A 489 -19.28 -13.45 21.20
N GLY A 490 -19.74 -14.29 20.30
CA GLY A 490 -18.87 -15.21 19.59
C GLY A 490 -18.60 -14.83 18.14
N LEU A 491 -18.71 -13.54 17.83
CA LEU A 491 -18.40 -13.04 16.49
C LEU A 491 -17.90 -11.60 16.63
N PRO A 492 -17.06 -11.13 15.70
CA PRO A 492 -16.61 -9.74 15.75
C PRO A 492 -17.77 -8.77 15.86
N ASP A 493 -17.49 -7.61 16.46
CA ASP A 493 -18.50 -6.56 16.58
C ASP A 493 -18.95 -6.09 15.20
N SER A 494 -18.01 -5.65 14.37
CA SER A 494 -18.32 -5.11 13.07
C SER A 494 -18.78 -6.21 12.11
N GLN A 495 -19.55 -5.80 11.10
CA GLN A 495 -19.97 -6.75 10.06
C GLN A 495 -18.84 -7.06 9.10
N GLU A 496 -18.09 -6.03 8.69
CA GLU A 496 -16.92 -6.25 7.83
C GLU A 496 -15.96 -7.25 8.46
N GLU A 497 -15.65 -7.06 9.75
CA GLU A 497 -14.74 -7.97 10.43
C GLU A 497 -15.36 -9.34 10.64
N THR A 498 -16.69 -9.43 10.74
CA THR A 498 -17.33 -10.73 10.84
C THR A 498 -17.20 -11.52 9.54
N LEU A 499 -17.38 -10.84 8.40
CA LEU A 499 -17.26 -11.52 7.11
C LEU A 499 -15.86 -12.04 6.89
N ASN A 500 -14.85 -11.21 7.14
CA ASN A 500 -13.47 -11.62 6.92
C ASN A 500 -13.06 -12.71 7.90
N PHE A 501 -13.56 -12.66 9.13
CA PHE A 501 -13.25 -13.70 10.11
C PHE A 501 -13.75 -15.06 9.63
N LEU A 502 -14.99 -15.12 9.14
CA LEU A 502 -15.54 -16.39 8.70
C LEU A 502 -14.94 -16.84 7.37
N MET A 503 -14.65 -15.90 6.47
CA MET A 503 -14.02 -16.27 5.21
C MET A 503 -12.60 -16.78 5.43
N ASN A 504 -11.88 -16.21 6.40
CA ASN A 504 -10.54 -16.69 6.70
C ASN A 504 -10.53 -18.10 7.28
N SER A 505 -11.67 -18.62 7.73
CA SER A 505 -11.76 -19.96 8.25
C SER A 505 -12.37 -20.95 7.27
N GLY A 506 -12.69 -20.52 6.05
CA GLY A 506 -13.14 -21.41 5.00
C GLY A 506 -14.54 -21.18 4.49
N PHE A 507 -15.29 -20.22 5.01
CA PHE A 507 -16.65 -20.01 4.55
C PHE A 507 -16.66 -19.21 3.25
N ASP A 508 -17.49 -19.67 2.30
CA ASP A 508 -17.66 -19.00 1.02
C ASP A 508 -18.89 -18.10 1.12
N PRO A 509 -18.77 -16.80 0.84
CA PRO A 509 -19.93 -15.91 0.99
C PRO A 509 -21.04 -16.19 -0.02
N LYS A 510 -20.80 -17.04 -1.02
CA LYS A 510 -21.81 -17.42 -1.99
C LYS A 510 -22.37 -18.81 -1.74
N LYS A 511 -21.82 -19.55 -0.78
CA LYS A 511 -22.34 -20.85 -0.40
C LYS A 511 -23.00 -20.87 0.98
N GLN A 512 -22.65 -19.95 1.86
CA GLN A 512 -23.16 -19.89 3.22
C GLN A 512 -24.07 -18.67 3.36
N LYS A 513 -25.35 -18.92 3.61
CA LYS A 513 -26.35 -17.84 3.54
C LYS A 513 -26.12 -16.77 4.60
N TYR A 514 -25.61 -17.16 5.78
CA TYR A 514 -25.41 -16.16 6.83
C TYR A 514 -24.45 -15.07 6.39
N LEU A 515 -23.38 -15.44 5.68
CA LEU A 515 -22.48 -14.43 5.14
C LEU A 515 -23.15 -13.64 4.02
N GLN A 516 -23.94 -14.31 3.18
CA GLN A 516 -24.66 -13.63 2.12
C GLN A 516 -25.60 -12.57 2.67
N ASP A 517 -26.32 -12.89 3.75
CA ASP A 517 -27.24 -11.92 4.33
C ASP A 517 -26.52 -10.72 4.92
N ILE A 518 -25.31 -10.92 5.45
CA ILE A 518 -24.56 -9.81 6.01
C ILE A 518 -24.15 -8.82 4.92
N ALA A 519 -23.62 -9.34 3.81
CA ALA A 519 -23.25 -8.48 2.69
C ALA A 519 -24.47 -7.84 2.05
N TRP A 520 -25.60 -8.55 2.00
CA TRP A 520 -26.84 -7.95 1.54
C TRP A 520 -27.25 -6.78 2.43
N ASP A 521 -27.28 -7.02 3.75
CA ASP A 521 -27.67 -5.96 4.67
C ASP A 521 -26.72 -4.77 4.59
N LEU A 522 -25.41 -5.04 4.41
CA LEU A 522 -24.43 -3.96 4.38
C LEU A 522 -24.59 -3.11 3.12
N GLN A 523 -24.84 -3.74 1.97
CA GLN A 523 -25.01 -2.97 0.74
C GLN A 523 -26.34 -2.21 0.76
N LYS A 524 -27.36 -2.75 1.43
CA LYS A 524 -28.61 -2.02 1.59
C LYS A 524 -28.39 -0.72 2.35
N ARG A 525 -27.66 -0.79 3.47
CA ARG A 525 -27.45 0.39 4.31
C ARG A 525 -26.77 1.52 3.54
N LYS A 526 -25.78 1.18 2.70
CA LYS A 526 -25.09 2.22 1.93
C LYS A 526 -26.01 2.80 0.87
N CYS A 527 -26.75 1.95 0.16
CA CYS A 527 -27.72 2.46 -0.81
C CYS A 527 -28.72 3.39 -0.16
N ASP A 528 -29.24 2.99 1.01
CA ASP A 528 -30.16 3.85 1.74
C ASP A 528 -29.51 5.17 2.13
N THR A 529 -28.20 5.18 2.34
CA THR A 529 -27.50 6.41 2.63
C THR A 529 -27.33 7.27 1.38
N LEU A 530 -27.15 6.64 0.22
CA LEU A 530 -27.06 7.40 -1.03
C LEU A 530 -28.41 7.98 -1.43
N LYS A 531 -29.51 7.28 -1.11
CA LYS A 531 -30.83 7.87 -1.27
C LYS A 531 -30.97 9.13 -0.45
N SER A 532 -30.50 9.10 0.80
CA SER A 532 -30.75 10.20 1.72
C SER A 532 -29.83 11.38 1.47
N LYS A 533 -28.55 11.11 1.17
CA LYS A 533 -27.55 12.17 1.11
C LYS A 533 -27.24 12.64 -0.31
N LEU A 534 -27.33 11.75 -1.30
CA LEU A 534 -26.97 12.08 -2.68
C LEU A 534 -25.52 12.56 -2.78
N ASN A 535 -24.63 11.89 -2.04
CA ASN A 535 -23.20 12.19 -2.10
C ASN A 535 -22.63 11.53 -3.34
N ILE A 536 -22.93 12.12 -4.49
CA ILE A 536 -22.50 11.60 -5.78
C ILE A 536 -20.98 11.71 -5.85
N ARG A 537 -20.29 10.57 -5.85
CA ARG A 537 -18.85 10.56 -5.90
C ARG A 537 -18.35 11.13 -7.22
N VAL A 538 -17.42 12.07 -7.15
CA VAL A 538 -16.76 12.65 -8.31
C VAL A 538 -15.27 12.43 -8.14
N GLY A 539 -14.68 11.61 -9.02
CA GLY A 539 -13.28 11.26 -8.88
C GLY A 539 -12.35 12.46 -8.94
N ARG A 540 -12.61 13.38 -9.86
CA ARG A 540 -11.75 14.54 -10.05
C ARG A 540 -12.21 15.70 -9.17
N SER A 541 -12.22 15.45 -7.86
CA SER A 541 -12.60 16.46 -6.89
C SER A 541 -11.96 16.11 -5.55
N ALA A 542 -11.76 17.13 -4.72
CA ALA A 542 -11.18 16.94 -3.41
C ALA A 542 -11.35 18.22 -2.60
N TYR A 543 -11.33 18.07 -1.28
CA TYR A 543 -11.26 19.21 -0.37
C TYR A 543 -9.80 19.46 -0.02
N ILE A 544 -9.36 20.71 -0.19
CA ILE A 544 -7.95 21.06 -0.11
C ILE A 544 -7.79 22.38 0.63
N TYR A 545 -6.88 22.39 1.60
CA TYR A 545 -6.55 23.61 2.31
C TYR A 545 -6.20 24.73 1.34
N MET A 546 -6.65 25.93 1.66
CA MET A 546 -6.39 27.10 0.84
C MET A 546 -5.19 27.87 1.38
N ILE A 547 -4.39 28.40 0.46
CA ILE A 547 -3.13 29.07 0.77
C ILE A 547 -2.99 30.25 -0.20
N ALA A 548 -2.30 31.29 0.23
CA ALA A 548 -2.05 32.45 -0.61
C ALA A 548 -0.65 32.40 -1.21
N ASP A 549 -0.51 33.07 -2.35
CA ASP A 549 0.75 33.09 -3.11
C ASP A 549 1.56 34.30 -2.67
N PHE A 550 2.44 34.09 -1.67
CA PHE A 550 3.30 35.16 -1.21
C PHE A 550 4.25 35.67 -2.29
N TRP A 551 4.51 34.86 -3.32
CA TRP A 551 5.57 35.13 -4.27
C TRP A 551 5.08 35.80 -5.55
N GLY A 552 3.78 36.04 -5.67
CA GLY A 552 3.25 36.86 -6.74
C GLY A 552 3.47 36.31 -8.13
N VAL A 553 3.50 34.99 -8.29
CA VAL A 553 3.65 34.39 -9.61
C VAL A 553 2.30 33.99 -10.22
N LEU A 554 1.27 33.81 -9.42
CA LEU A 554 -0.06 33.47 -9.93
C LEU A 554 -0.83 34.73 -10.29
N GLU A 555 -1.45 34.71 -11.47
CA GLU A 555 -2.29 35.81 -11.88
C GLU A 555 -3.69 35.67 -11.27
N GLU A 556 -4.44 36.77 -11.33
CA GLU A 556 -5.83 36.74 -10.90
C GLU A 556 -6.59 35.67 -11.70
N ASN A 557 -7.36 34.85 -11.00
CA ASN A 557 -8.13 33.73 -11.53
C ASN A 557 -7.25 32.54 -11.93
N GLU A 558 -5.98 32.53 -11.51
CA GLU A 558 -5.10 31.38 -11.69
C GLU A 558 -4.84 30.73 -10.34
N VAL A 559 -5.02 29.42 -10.27
CA VAL A 559 -4.75 28.66 -9.06
C VAL A 559 -3.69 27.61 -9.34
N HIS A 560 -2.94 27.24 -8.30
CA HIS A 560 -1.86 26.26 -8.38
C HIS A 560 -2.21 25.07 -7.50
N VAL A 561 -2.23 23.88 -8.08
CA VAL A 561 -2.52 22.65 -7.34
C VAL A 561 -1.47 21.61 -7.71
N GLY A 562 -0.70 21.18 -6.73
CA GLY A 562 0.21 20.05 -6.91
C GLY A 562 0.00 19.03 -5.82
N PHE A 563 0.01 17.76 -6.22
CA PHE A 563 -0.24 16.66 -5.29
C PHE A 563 1.05 16.04 -4.81
N SER A 564 1.03 15.55 -3.56
CA SER A 564 2.16 14.85 -2.99
C SER A 564 2.35 13.44 -3.54
N SER A 565 1.40 12.94 -4.32
CA SER A 565 1.43 11.58 -4.83
C SER A 565 0.43 11.49 -5.97
N LYS A 566 0.30 10.29 -6.54
CA LYS A 566 -0.63 10.09 -7.64
C LYS A 566 -2.07 10.13 -7.13
N PHE A 567 -2.88 10.99 -7.75
CA PHE A 567 -4.33 11.06 -7.44
C PHE A 567 -5.01 10.30 -8.57
N ARG A 568 -5.71 9.21 -8.25
CA ARG A 568 -6.26 8.36 -9.33
C ARG A 568 -7.75 8.57 -9.58
N ASP A 569 -8.15 8.66 -10.85
CA ASP A 569 -9.59 8.75 -11.21
C ASP A 569 -9.83 7.75 -12.34
N GLU A 570 -10.00 6.47 -12.01
CA GLU A 570 -10.35 5.49 -13.06
C GLU A 570 -9.27 5.51 -14.14
N GLU A 571 -9.65 5.85 -15.36
CA GLU A 571 -8.71 5.84 -16.50
C GLU A 571 -7.54 6.83 -16.32
N GLU A 572 -7.81 8.05 -15.84
CA GLU A 572 -6.74 9.08 -15.78
C GLU A 572 -6.16 9.22 -14.37
N SER A 573 -4.91 9.64 -14.26
CA SER A 573 -4.28 9.88 -12.93
C SER A 573 -3.45 11.17 -13.00
N PHE A 574 -3.26 11.81 -11.85
CA PHE A 574 -2.60 13.13 -11.85
C PHE A 574 -1.65 13.36 -10.68
N THR A 575 -0.52 14.03 -10.93
CA THR A 575 0.35 14.50 -9.87
C THR A 575 0.28 16.00 -9.71
N LEU A 576 -0.34 16.71 -10.65
CA LEU A 576 -0.58 18.14 -10.56
C LEU A 576 -1.77 18.47 -11.45
N LEU A 577 -2.19 19.73 -11.42
CA LEU A 577 -3.23 20.23 -12.31
C LEU A 577 -2.64 21.34 -13.18
N SER A 578 -2.84 21.23 -14.50
CA SER A 578 -2.26 22.18 -15.42
C SER A 578 -3.11 22.25 -16.68
N ASP A 579 -3.23 23.47 -17.23
CA ASP A 579 -3.89 23.71 -18.52
C ASP A 579 -5.37 23.33 -18.51
N CYS A 580 -6.04 23.46 -17.36
CA CYS A 580 -7.46 23.15 -17.30
C CYS A 580 -8.16 24.12 -16.38
N ASP A 581 -9.48 24.20 -16.54
CA ASP A 581 -10.33 25.03 -15.69
C ASP A 581 -10.83 24.21 -14.51
N VAL A 582 -10.96 24.86 -13.36
CA VAL A 582 -11.41 24.20 -12.15
C VAL A 582 -12.49 25.02 -11.48
N LEU A 583 -13.27 24.35 -10.64
CA LEU A 583 -14.29 24.98 -9.81
C LEU A 583 -13.82 24.94 -8.36
N VAL A 584 -13.88 26.10 -7.70
CA VAL A 584 -13.51 26.22 -6.29
C VAL A 584 -14.73 26.72 -5.53
N ALA A 585 -14.96 26.14 -4.35
CA ALA A 585 -16.09 26.54 -3.53
C ALA A 585 -15.83 26.13 -2.10
N ARG A 586 -16.34 26.94 -1.17
CA ARG A 586 -16.31 26.60 0.24
C ARG A 586 -17.69 26.12 0.67
N SER A 587 -17.71 25.12 1.53
CA SER A 587 -18.98 24.76 2.14
C SER A 587 -19.14 25.54 3.44
N PRO A 588 -20.32 26.12 3.69
CA PRO A 588 -21.52 25.99 2.87
C PRO A 588 -21.58 26.96 1.70
N ALA A 589 -22.24 26.55 0.62
CA ALA A 589 -22.46 27.40 -0.54
C ALA A 589 -23.89 27.90 -0.52
N HIS A 590 -24.06 29.22 -0.62
CA HIS A 590 -25.39 29.81 -0.56
C HIS A 590 -25.59 30.82 -1.69
N PHE A 591 -24.76 31.86 -1.72
CA PHE A 591 -24.83 32.83 -2.78
C PHE A 591 -24.51 32.18 -4.12
N PRO A 592 -25.01 32.74 -5.23
CA PRO A 592 -24.59 32.22 -6.54
C PRO A 592 -23.10 32.40 -6.81
N SER A 593 -22.47 33.40 -6.19
CA SER A 593 -21.05 33.64 -6.35
C SER A 593 -20.18 32.69 -5.53
N ASP A 594 -20.79 31.85 -4.69
CA ASP A 594 -20.04 30.99 -3.79
C ASP A 594 -19.33 29.84 -4.49
N ILE A 595 -19.44 29.74 -5.81
CA ILE A 595 -18.61 28.84 -6.62
C ILE A 595 -18.02 29.67 -7.76
N GLN A 596 -16.75 29.43 -8.07
CA GLN A 596 -16.04 30.23 -9.06
C GLN A 596 -15.24 29.32 -9.98
N ARG A 597 -15.25 29.67 -11.26
CA ARG A 597 -14.48 28.95 -12.27
C ARG A 597 -13.14 29.66 -12.47
N VAL A 598 -12.05 28.96 -12.18
CA VAL A 598 -10.71 29.51 -12.27
C VAL A 598 -9.83 28.55 -13.07
N ARG A 599 -8.63 29.02 -13.42
CA ARG A 599 -7.73 28.30 -14.31
C ARG A 599 -6.57 27.72 -13.50
N ALA A 600 -6.38 26.41 -13.61
CA ALA A 600 -5.25 25.75 -12.97
C ALA A 600 -3.99 25.98 -13.79
N VAL A 601 -3.00 26.62 -13.18
CA VAL A 601 -1.70 26.85 -13.82
C VAL A 601 -0.63 26.35 -12.85
N PHE A 602 0.13 25.35 -13.28
CA PHE A 602 1.21 24.84 -12.45
C PHE A 602 2.42 25.74 -12.59
N LYS A 603 2.89 26.27 -11.47
CA LYS A 603 4.04 27.17 -11.43
C LYS A 603 5.22 26.44 -10.82
N PRO A 604 6.25 26.11 -11.59
CA PRO A 604 7.39 25.36 -11.03
C PRO A 604 7.99 25.99 -9.79
N GLU A 605 7.88 27.30 -9.63
CA GLU A 605 8.43 28.01 -8.44
C GLU A 605 7.73 27.50 -7.18
N LEU A 606 6.50 27.02 -7.31
CA LEU A 606 5.70 26.57 -6.15
C LEU A 606 5.61 25.04 -6.11
N HIS A 607 6.51 24.33 -6.79
CA HIS A 607 6.46 22.85 -6.89
C HIS A 607 6.52 22.20 -5.52
N SER A 608 7.29 22.78 -4.60
CA SER A 608 7.49 22.21 -3.25
C SER A 608 6.17 22.15 -2.48
N LEU A 609 5.27 23.09 -2.74
CA LEU A 609 3.99 23.13 -1.99
C LEU A 609 3.04 22.09 -2.56
N LYS A 610 2.63 21.13 -1.72
CA LYS A 610 1.80 20.03 -2.22
C LYS A 610 0.62 19.75 -1.28
N ASP A 611 -0.45 19.16 -1.81
CA ASP A 611 -1.66 18.84 -1.02
C ASP A 611 -2.28 20.14 -0.50
N VAL A 612 -2.14 21.22 -1.26
CA VAL A 612 -2.68 22.55 -0.88
C VAL A 612 -3.11 23.22 -2.19
N ILE A 613 -4.09 24.13 -2.13
CA ILE A 613 -4.46 24.92 -3.33
C ILE A 613 -4.02 26.36 -3.07
N ILE A 614 -3.30 26.94 -4.00
CA ILE A 614 -2.73 28.27 -3.82
C ILE A 614 -3.52 29.26 -4.67
N PHE A 615 -3.91 30.38 -4.06
CA PHE A 615 -4.62 31.44 -4.76
C PHE A 615 -3.69 32.63 -4.98
N SER A 616 -4.04 33.45 -5.97
CA SER A 616 -3.24 34.62 -6.29
C SER A 616 -3.40 35.70 -5.23
N THR A 617 -2.33 36.46 -5.01
CA THR A 617 -2.38 37.67 -4.20
C THR A 617 -2.44 38.92 -5.07
N LYS A 618 -2.58 38.75 -6.38
CA LYS A 618 -2.94 39.84 -7.28
C LYS A 618 -4.46 39.95 -7.37
N GLY A 619 -4.93 41.07 -7.92
CA GLY A 619 -6.34 41.28 -8.11
C GLY A 619 -6.95 42.14 -6.99
N ASP A 620 -8.17 42.62 -7.25
CA ASP A 620 -8.80 43.54 -6.32
C ASP A 620 -9.22 42.84 -5.04
N VAL A 621 -9.83 41.65 -5.15
CA VAL A 621 -10.45 40.97 -4.03
C VAL A 621 -9.88 39.55 -3.96
N PRO A 622 -9.49 39.07 -2.79
CA PRO A 622 -9.00 37.69 -2.68
C PRO A 622 -10.10 36.69 -3.03
N LEU A 623 -9.73 35.70 -3.85
CA LEU A 623 -10.68 34.67 -4.25
C LEU A 623 -11.27 33.94 -3.04
N ALA A 624 -10.49 33.79 -1.98
CA ALA A 624 -11.02 33.16 -0.76
C ALA A 624 -12.21 33.92 -0.22
N LYS A 625 -12.16 35.26 -0.26
CA LYS A 625 -13.26 36.06 0.23
C LYS A 625 -14.52 35.87 -0.61
N LYS A 626 -14.36 35.56 -1.91
CA LYS A 626 -15.51 35.27 -2.76
C LYS A 626 -16.13 33.91 -2.47
N LEU A 627 -15.50 33.10 -1.62
CA LEU A 627 -16.02 31.77 -1.27
C LEU A 627 -16.68 31.88 0.10
N SER A 628 -17.89 32.45 0.10
CA SER A 628 -18.67 32.69 1.32
C SER A 628 -17.82 33.38 2.39
N GLY A 629 -17.06 34.39 1.95
CA GLY A 629 -16.27 35.16 2.90
C GLY A 629 -15.21 34.36 3.61
N GLY A 630 -14.54 33.45 2.89
CA GLY A 630 -13.51 32.63 3.49
C GLY A 630 -12.14 33.29 3.45
N ASP A 631 -11.18 32.66 4.13
CA ASP A 631 -9.81 33.16 4.17
C ASP A 631 -8.87 31.95 4.15
N TYR A 632 -7.64 32.16 4.60
CA TYR A 632 -6.59 31.16 4.52
C TYR A 632 -6.06 30.77 5.90
N ASP A 633 -6.95 30.64 6.88
CA ASP A 633 -6.54 30.28 8.23
C ASP A 633 -6.96 28.87 8.63
N GLY A 634 -7.25 28.02 7.64
CA GLY A 634 -7.72 26.68 7.91
C GLY A 634 -8.84 26.27 6.97
N ASP A 635 -9.38 27.25 6.25
CA ASP A 635 -10.45 26.96 5.30
C ASP A 635 -9.99 25.99 4.24
N MET A 636 -10.84 25.01 3.95
CA MET A 636 -10.63 24.07 2.88
C MET A 636 -11.59 24.39 1.74
N ALA A 637 -11.13 24.20 0.50
CA ALA A 637 -11.95 24.45 -0.67
C ALA A 637 -12.38 23.14 -1.30
N TRP A 638 -13.64 23.09 -1.73
CA TRP A 638 -14.06 22.06 -2.68
C TRP A 638 -13.48 22.40 -4.04
N VAL A 639 -12.63 21.54 -4.56
CA VAL A 639 -11.93 21.77 -5.81
C VAL A 639 -12.34 20.66 -6.78
N CYS A 640 -12.74 21.04 -7.99
CA CYS A 640 -13.26 20.09 -8.95
C CYS A 640 -12.69 20.39 -10.33
N TRP A 641 -12.04 19.40 -10.93
CA TRP A 641 -11.50 19.52 -12.29
C TRP A 641 -12.18 18.55 -13.25
N ASP A 642 -13.31 17.97 -12.87
CA ASP A 642 -14.15 17.18 -13.76
C ASP A 642 -14.61 18.04 -14.93
N PRO A 643 -14.22 17.71 -16.18
CA PRO A 643 -14.70 18.52 -17.30
C PRO A 643 -16.20 18.48 -17.49
N GLU A 644 -16.83 17.35 -17.20
CA GLU A 644 -18.28 17.24 -17.32
C GLU A 644 -19.01 18.18 -16.38
N ILE A 645 -18.37 18.59 -15.29
CA ILE A 645 -18.99 19.46 -14.28
C ILE A 645 -18.52 20.90 -14.46
N VAL A 646 -17.28 21.08 -14.91
CA VAL A 646 -16.67 22.39 -14.90
C VAL A 646 -17.14 23.25 -16.08
N ASP A 647 -17.27 22.64 -17.26
CA ASP A 647 -17.27 23.40 -18.51
C ASP A 647 -18.58 24.13 -18.79
N GLY A 648 -19.67 23.81 -18.10
CA GLY A 648 -20.90 24.57 -18.28
C GLY A 648 -21.11 25.71 -17.30
N PHE A 649 -20.22 25.83 -16.31
CA PHE A 649 -20.37 26.81 -15.25
C PHE A 649 -20.02 28.21 -15.74
N VAL A 650 -20.87 29.19 -15.42
CA VAL A 650 -20.62 30.59 -15.70
C VAL A 650 -20.57 31.34 -14.37
N ASN A 651 -19.47 32.05 -14.14
CA ASN A 651 -19.29 32.79 -12.89
C ASN A 651 -20.33 33.90 -12.75
N ALA A 652 -20.57 34.29 -11.50
CA ALA A 652 -21.40 35.43 -11.19
C ALA A 652 -20.63 36.36 -10.26
N GLU A 653 -21.02 37.64 -10.29
CA GLU A 653 -20.36 38.65 -9.44
C GLU A 653 -20.80 38.47 -7.99
N MET A 654 -20.02 38.99 -7.05
CA MET A 654 -20.34 38.83 -5.61
C MET A 654 -21.68 39.52 -5.35
N PRO A 655 -22.53 38.98 -4.47
CA PRO A 655 -23.88 39.51 -4.29
C PRO A 655 -24.03 40.92 -3.72
N LEU A 656 -25.07 41.63 -4.15
CA LEU A 656 -25.35 42.97 -3.54
C LEU A 656 -26.14 42.67 -2.27
N GLU A 657 -25.45 42.56 -1.14
CA GLU A 657 -26.12 42.15 0.12
C GLU A 657 -27.05 43.26 0.58
N PRO A 658 -28.31 42.93 0.96
CA PRO A 658 -29.24 43.92 1.50
C PRO A 658 -28.86 44.35 2.93
N ASP A 659 -29.35 45.51 3.37
CA ASP A 659 -29.11 45.96 4.75
C ASP A 659 -30.07 45.24 5.70
N LEU A 660 -29.54 44.46 6.63
CA LEU A 660 -30.34 43.78 7.64
C LEU A 660 -30.00 44.30 9.04
N SER A 661 -29.40 45.48 9.13
CA SER A 661 -29.07 46.06 10.44
C SER A 661 -30.31 46.26 11.30
N ARG A 662 -31.46 46.47 10.66
CA ARG A 662 -32.72 46.62 11.38
C ARG A 662 -32.96 45.46 12.34
N TYR A 663 -32.57 44.25 11.92
CA TYR A 663 -32.86 43.05 12.74
C TYR A 663 -31.57 42.46 13.29
N LEU A 664 -30.44 42.85 12.73
CA LEU A 664 -29.14 42.37 13.20
C LEU A 664 -28.51 43.46 14.07
N LYS A 665 -28.52 43.26 15.37
CA LYS A 665 -28.01 44.25 16.33
C LYS A 665 -26.64 43.79 16.81
N LYS A 666 -25.65 44.66 16.67
CA LYS A 666 -24.25 44.34 16.95
C LYS A 666 -23.83 45.06 18.23
N ASP A 667 -23.62 44.30 19.31
CA ASP A 667 -23.06 44.84 20.54
C ASP A 667 -21.55 44.99 20.37
N LYS A 668 -21.08 46.24 20.41
CA LYS A 668 -19.68 46.54 20.15
C LYS A 668 -18.92 47.00 21.39
N THR A 669 -19.49 46.77 22.59
CA THR A 669 -18.90 47.29 23.81
C THR A 669 -17.50 46.72 24.03
N THR A 670 -16.53 47.61 24.21
CA THR A 670 -15.15 47.21 24.43
C THR A 670 -14.90 46.90 25.90
N PHE A 671 -13.82 46.14 26.13
CA PHE A 671 -13.34 45.89 27.49
C PHE A 671 -13.16 47.18 28.26
N LYS A 672 -12.72 48.24 27.58
CA LYS A 672 -12.48 49.53 28.21
C LYS A 672 -13.76 50.11 28.79
N GLN A 673 -14.79 50.31 27.95
CA GLN A 673 -16.06 50.83 28.43
C GLN A 673 -16.68 49.93 29.48
N LEU A 674 -16.46 48.61 29.37
CA LEU A 674 -16.95 47.68 30.37
C LEU A 674 -16.25 47.87 31.71
N MET A 675 -15.09 48.51 31.71
CA MET A 675 -14.21 48.68 32.86
C MET A 675 -14.36 50.04 33.53
N ALA A 676 -14.77 51.05 32.77
CA ALA A 676 -15.02 52.37 33.35
C ALA A 676 -16.12 52.34 34.41
N SER A 677 -16.98 51.32 34.38
CA SER A 677 -17.90 51.08 35.48
C SER A 677 -17.19 50.67 36.76
N HIS A 678 -15.89 50.38 36.69
CA HIS A 678 -15.10 49.97 37.84
C HIS A 678 -13.93 50.90 38.15
N GLY A 679 -13.42 51.63 37.16
CA GLY A 679 -12.27 52.48 37.38
C GLY A 679 -11.01 51.92 36.76
N THR A 680 -9.89 52.03 37.47
CA THR A 680 -8.60 51.55 37.00
C THR A 680 -7.92 50.73 38.08
N GLY A 681 -6.79 50.13 37.73
CA GLY A 681 -6.05 49.30 38.64
C GLY A 681 -6.42 47.83 38.52
N SER A 682 -5.60 47.01 39.18
CA SER A 682 -5.74 45.55 39.07
C SER A 682 -7.14 45.09 39.50
N ALA A 683 -7.66 45.67 40.58
CA ALA A 683 -8.97 45.24 41.06
C ALA A 683 -10.07 45.59 40.06
N ALA A 684 -9.94 46.73 39.38
CA ALA A 684 -10.90 47.07 38.32
C ALA A 684 -10.82 46.08 37.18
N LYS A 685 -9.60 45.73 36.77
CA LYS A 685 -9.43 44.77 35.67
C LYS A 685 -10.04 43.42 36.03
N GLU A 686 -9.70 42.90 37.21
CA GLU A 686 -10.22 41.61 37.64
C GLU A 686 -11.74 41.58 37.62
N GLN A 687 -12.38 42.66 38.08
CA GLN A 687 -13.83 42.73 38.04
C GLN A 687 -14.35 42.75 36.60
N THR A 688 -13.71 43.53 35.74
CA THR A 688 -14.14 43.62 34.34
C THR A 688 -14.03 42.26 33.65
N THR A 689 -12.99 41.50 33.96
CA THR A 689 -12.82 40.19 33.35
C THR A 689 -13.91 39.22 33.79
N TYR A 690 -14.35 39.31 35.04
CA TYR A 690 -15.46 38.48 35.50
C TYR A 690 -16.80 39.00 34.97
N ASP A 691 -16.88 40.30 34.68
CA ASP A 691 -18.04 40.83 33.96
C ASP A 691 -18.10 40.26 32.55
N MET A 692 -16.95 40.22 31.87
CA MET A 692 -16.90 39.72 30.51
C MET A 692 -17.36 38.27 30.42
N ILE A 693 -17.00 37.46 31.42
CA ILE A 693 -17.43 36.06 31.43
C ILE A 693 -18.94 35.98 31.56
N GLN A 694 -19.52 36.69 32.53
CA GLN A 694 -20.96 36.61 32.77
C GLN A 694 -21.75 37.13 31.58
N LYS A 695 -21.35 38.29 31.04
CA LYS A 695 -22.08 38.86 29.92
C LYS A 695 -21.95 38.01 28.68
N SER A 696 -20.79 37.38 28.47
CA SER A 696 -20.61 36.53 27.30
C SER A 696 -21.29 35.17 27.46
N PHE A 697 -21.36 34.65 28.69
CA PHE A 697 -22.20 33.47 28.92
C PHE A 697 -23.65 33.75 28.56
N HIS A 698 -24.14 34.93 28.93
CA HIS A 698 -25.50 35.33 28.56
C HIS A 698 -25.66 35.33 27.04
N PHE A 699 -24.65 35.84 26.33
CA PHE A 699 -24.74 35.86 24.87
C PHE A 699 -24.59 34.47 24.29
N ALA A 700 -23.70 33.65 24.86
CA ALA A 700 -23.49 32.31 24.32
C ALA A 700 -24.67 31.39 24.60
N LEU A 701 -25.24 31.49 25.81
CA LEU A 701 -26.34 30.58 26.18
C LEU A 701 -27.64 31.00 25.46
N GLN A 702 -27.59 32.11 24.73
CA GLN A 702 -28.78 32.60 23.97
C GLN A 702 -29.03 31.69 22.78
N PRO A 703 -30.28 31.56 22.30
CA PRO A 703 -30.61 30.67 21.20
C PRO A 703 -29.90 31.00 19.89
N ASN A 704 -29.53 29.97 19.16
CA ASN A 704 -28.85 30.17 17.86
C ASN A 704 -29.92 30.02 16.80
N PHE A 705 -30.01 30.98 15.90
CA PHE A 705 -31.10 30.91 14.91
C PHE A 705 -30.55 30.47 13.54
N LEU A 706 -29.27 30.20 13.45
CA LEU A 706 -28.64 29.85 12.14
C LEU A 706 -29.28 28.56 11.64
N GLY A 707 -29.53 27.62 12.53
CA GLY A 707 -30.21 26.38 12.12
C GLY A 707 -31.62 26.67 11.62
N MET A 708 -32.32 27.55 12.31
CA MET A 708 -33.71 27.89 11.94
C MET A 708 -33.70 28.72 10.66
N CYS A 709 -32.74 29.64 10.53
CA CYS A 709 -32.71 30.50 9.35
C CYS A 709 -32.14 29.79 8.13
N THR A 710 -31.23 28.83 8.32
CA THR A 710 -30.79 28.02 7.19
C THR A 710 -31.87 27.05 6.76
N ASN A 711 -32.54 26.40 7.72
CA ASN A 711 -33.66 25.53 7.39
C ASN A 711 -34.80 26.30 6.74
N TYR A 712 -34.92 27.60 7.05
CA TYR A 712 -35.92 28.43 6.37
C TYR A 712 -35.48 28.73 4.95
N LYS A 713 -34.22 29.13 4.76
CA LYS A 713 -33.72 29.42 3.43
C LYS A 713 -33.88 28.20 2.52
N GLU A 714 -33.60 27.00 3.05
CA GLU A 714 -33.76 25.78 2.26
C GLU A 714 -35.21 25.60 1.84
N ARG A 715 -36.14 25.71 2.80
CA ARG A 715 -37.54 25.44 2.50
C ARG A 715 -38.12 26.47 1.53
N LEU A 716 -37.69 27.73 1.63
CA LEU A 716 -38.24 28.76 0.76
C LEU A 716 -37.62 28.71 -0.63
N CYS A 717 -36.29 28.61 -0.70
CA CYS A 717 -35.63 28.53 -2.00
C CYS A 717 -36.06 27.29 -2.77
N TYR A 718 -36.45 26.22 -2.06
CA TYR A 718 -37.00 25.05 -2.72
C TYR A 718 -38.37 25.36 -3.30
N ILE A 719 -39.23 26.03 -2.53
CA ILE A 719 -40.55 26.41 -3.01
C ILE A 719 -40.45 27.29 -4.25
N ASN A 720 -39.58 28.30 -4.21
CA ASN A 720 -39.40 29.19 -5.34
C ASN A 720 -38.51 28.59 -6.43
N ASN A 721 -37.84 27.48 -6.16
CA ASN A 721 -36.83 26.91 -7.05
C ASN A 721 -35.89 27.99 -7.59
N SER A 722 -35.38 28.79 -6.67
CA SER A 722 -34.45 29.85 -7.04
C SER A 722 -33.52 30.12 -5.87
N VAL A 723 -32.22 30.12 -6.14
CA VAL A 723 -31.22 30.55 -5.18
C VAL A 723 -30.63 31.90 -5.56
N SER A 724 -31.30 32.65 -6.44
CA SER A 724 -30.80 33.93 -6.89
C SER A 724 -31.83 35.06 -6.90
N ASN A 725 -33.07 34.81 -6.47
CA ASN A 725 -34.04 35.90 -6.40
C ASN A 725 -33.90 36.65 -5.07
N LYS A 726 -34.77 37.63 -4.85
CA LYS A 726 -34.61 38.51 -3.69
C LYS A 726 -34.70 37.77 -2.36
N PRO A 727 -35.69 36.92 -2.09
CA PRO A 727 -35.67 36.19 -0.81
C PRO A 727 -34.43 35.33 -0.62
N ALA A 728 -33.86 34.80 -1.70
CA ALA A 728 -32.68 33.96 -1.57
C ALA A 728 -31.45 34.78 -1.20
N ILE A 729 -31.27 35.94 -1.82
CA ILE A 729 -30.17 36.82 -1.45
C ILE A 729 -30.34 37.31 -0.03
N ILE A 730 -31.59 37.57 0.37
CA ILE A 730 -31.86 38.04 1.73
C ILE A 730 -31.46 36.98 2.75
N LEU A 731 -31.93 35.74 2.55
CA LEU A 731 -31.66 34.68 3.52
C LEU A 731 -30.20 34.26 3.51
N SER A 732 -29.55 34.31 2.35
CA SER A 732 -28.12 34.02 2.29
C SER A 732 -27.33 35.06 3.06
N SER A 733 -27.65 36.34 2.85
CA SER A 733 -26.98 37.40 3.62
C SER A 733 -27.21 37.22 5.11
N LEU A 734 -28.41 36.79 5.50
CA LEU A 734 -28.72 36.66 6.93
C LEU A 734 -27.90 35.54 7.57
N VAL A 735 -27.87 34.37 6.95
CA VAL A 735 -27.15 33.24 7.54
C VAL A 735 -25.65 33.48 7.56
N GLY A 736 -25.13 34.36 6.69
CA GLY A 736 -23.72 34.66 6.71
C GLY A 736 -23.27 35.40 7.95
N ASN A 737 -24.14 36.25 8.49
CA ASN A 737 -23.82 36.95 9.73
C ASN A 737 -24.04 36.07 10.96
N LEU A 738 -24.96 35.12 10.88
CA LEU A 738 -25.32 34.34 12.09
C LEU A 738 -24.24 33.34 12.50
N VAL A 739 -23.45 32.84 11.56
CA VAL A 739 -22.36 31.87 11.86
C VAL A 739 -21.30 32.55 12.73
N ASP A 740 -21.06 33.83 12.48
CA ASP A 740 -19.99 34.56 13.20
C ASP A 740 -20.60 35.29 14.39
N GLN A 741 -21.81 34.91 14.81
CA GLN A 741 -22.53 35.69 15.85
C GLN A 741 -21.77 35.81 17.16
N SER A 742 -21.23 34.72 17.69
CA SER A 742 -20.59 34.80 19.01
C SER A 742 -19.34 35.70 18.97
N LYS A 743 -18.53 35.54 17.93
CA LYS A 743 -17.34 36.41 17.77
C LYS A 743 -17.75 37.84 17.42
N GLN A 744 -18.70 38.02 16.52
CA GLN A 744 -19.02 39.39 16.04
C GLN A 744 -20.06 40.08 16.92
N GLY A 745 -20.55 39.41 17.96
CA GLY A 745 -21.49 40.03 18.91
C GLY A 745 -22.75 40.56 18.27
N ILE A 746 -23.39 39.75 17.42
CA ILE A 746 -24.68 40.16 16.79
C ILE A 746 -25.83 39.58 17.62
N VAL A 747 -26.69 40.42 18.18
CA VAL A 747 -27.89 39.91 18.91
C VAL A 747 -29.00 39.76 17.86
N PHE A 748 -29.62 38.59 17.84
CA PHE A 748 -30.69 38.32 16.88
C PHE A 748 -31.76 37.55 17.65
N ASN A 749 -32.70 38.27 18.24
CA ASN A 749 -33.71 37.62 19.05
C ASN A 749 -34.80 37.00 18.18
N GLU A 750 -35.69 36.24 18.83
CA GLU A 750 -36.83 35.67 18.12
C GLU A 750 -37.69 36.77 17.52
N ALA A 751 -37.84 37.89 18.22
CA ALA A 751 -38.63 38.99 17.70
C ALA A 751 -38.02 39.57 16.43
N SER A 752 -36.68 39.62 16.37
CA SER A 752 -36.02 40.09 15.16
C SER A 752 -36.27 39.12 14.00
N TRP A 753 -36.30 37.82 14.29
CA TRP A 753 -36.60 36.84 13.25
C TRP A 753 -38.06 36.91 12.84
N ALA A 754 -38.96 37.16 13.79
CA ALA A 754 -40.36 37.34 13.47
C ALA A 754 -40.57 38.59 12.61
N GLN A 755 -39.91 39.68 12.97
CA GLN A 755 -40.06 40.93 12.21
C GLN A 755 -39.47 40.82 10.82
N LEU A 756 -38.31 40.16 10.69
CA LEU A 756 -37.71 39.97 9.37
C LEU A 756 -38.59 39.10 8.48
N ARG A 757 -39.15 38.03 9.05
CA ARG A 757 -40.00 37.14 8.26
C ARG A 757 -41.26 37.85 7.79
N ARG A 758 -41.91 38.61 8.67
CA ARG A 758 -43.16 39.26 8.29
C ARG A 758 -42.94 40.45 7.36
N GLU A 759 -41.76 41.07 7.38
CA GLU A 759 -41.53 42.24 6.55
C GLU A 759 -40.92 41.91 5.20
N LEU A 760 -40.22 40.79 5.09
CA LEU A 760 -39.49 40.45 3.86
C LEU A 760 -39.70 39.03 3.36
N LEU A 761 -40.16 38.09 4.20
CA LEU A 761 -40.08 36.68 3.87
C LEU A 761 -41.30 35.89 4.37
N GLY A 762 -42.46 36.15 3.80
CA GLY A 762 -43.58 35.23 3.94
C GLY A 762 -44.26 35.18 5.30
N GLY A 763 -43.77 35.90 6.30
CA GLY A 763 -44.51 36.02 7.55
C GLY A 763 -44.38 34.82 8.48
N ALA A 764 -45.42 34.62 9.30
CA ALA A 764 -45.43 33.59 10.32
C ALA A 764 -45.72 32.20 9.78
N LEU A 765 -45.85 32.05 8.47
CA LEU A 765 -46.16 30.76 7.87
C LEU A 765 -45.03 29.77 8.12
N SER A 766 -45.38 28.60 8.65
CA SER A 766 -44.41 27.51 8.78
C SER A 766 -44.27 26.81 7.45
N LEU A 767 -43.08 26.87 6.86
CA LEU A 767 -42.87 26.32 5.53
C LEU A 767 -42.83 24.79 5.58
N PRO A 768 -43.40 24.12 4.59
CA PRO A 768 -43.33 22.65 4.56
C PRO A 768 -41.94 22.16 4.17
N ASP A 769 -41.66 20.92 4.56
CA ASP A 769 -40.41 20.30 4.21
C ASP A 769 -40.36 20.00 2.72
N PRO A 770 -39.21 20.17 2.06
CA PRO A 770 -39.11 19.78 0.65
C PRO A 770 -39.42 18.30 0.47
N MET A 771 -39.73 17.94 -0.77
CA MET A 771 -40.11 16.55 -1.06
C MET A 771 -38.96 15.60 -0.76
N TYR A 772 -37.73 16.00 -1.08
CA TYR A 772 -36.61 15.08 -0.93
C TYR A 772 -36.31 14.74 0.52
N LYS A 773 -36.92 15.44 1.49
CA LYS A 773 -36.79 15.03 2.88
C LYS A 773 -37.59 13.77 3.20
N SER A 774 -38.35 13.31 2.21
CA SER A 774 -39.12 12.05 2.39
C SER A 774 -38.48 10.94 1.55
N ASP A 775 -38.66 9.69 1.95
CA ASP A 775 -38.11 8.53 1.22
C ASP A 775 -38.77 8.38 -0.15
N SER A 776 -40.06 8.66 -0.24
CA SER A 776 -40.79 8.44 -1.53
C SER A 776 -41.28 9.76 -2.10
N TRP A 777 -41.55 9.78 -3.41
CA TRP A 777 -42.09 11.00 -4.04
C TRP A 777 -43.60 10.99 -3.84
N LEU A 778 -44.08 11.78 -2.88
CA LEU A 778 -45.52 11.89 -2.59
C LEU A 778 -45.98 13.20 -3.24
N GLY A 779 -45.11 13.79 -4.05
CA GLY A 779 -45.44 15.05 -4.73
C GLY A 779 -46.37 14.84 -5.90
N ARG A 780 -46.96 15.94 -6.38
CA ARG A 780 -47.92 15.84 -7.51
C ARG A 780 -47.14 16.04 -8.80
N GLY A 781 -47.25 15.08 -9.72
CA GLY A 781 -46.58 15.24 -11.02
C GLY A 781 -45.20 14.63 -11.04
N GLU A 782 -44.32 15.17 -11.88
CA GLU A 782 -42.98 14.66 -12.01
C GLU A 782 -42.00 15.56 -11.24
N PRO A 783 -40.93 14.98 -10.68
CA PRO A 783 -39.96 15.81 -9.94
C PRO A 783 -39.29 16.82 -10.85
N THR A 784 -39.33 18.09 -10.42
CA THR A 784 -38.74 19.18 -11.18
C THR A 784 -37.58 19.86 -10.47
N HIS A 785 -37.52 19.82 -9.15
CA HIS A 785 -36.38 20.36 -8.43
C HIS A 785 -35.22 19.36 -8.52
N ILE A 786 -34.02 19.91 -8.75
CA ILE A 786 -32.86 19.07 -9.08
C ILE A 786 -32.59 18.02 -8.02
N ILE A 787 -32.85 18.33 -6.75
CA ILE A 787 -32.63 17.33 -5.72
C ILE A 787 -33.76 16.29 -5.74
N ASP A 788 -35.01 16.75 -5.88
CA ASP A 788 -36.11 15.82 -6.14
C ASP A 788 -35.82 14.95 -7.34
N TYR A 789 -35.33 15.56 -8.42
CA TYR A 789 -35.07 14.82 -9.66
C TYR A 789 -34.02 13.75 -9.45
N LEU A 790 -32.92 14.09 -8.78
CA LEU A 790 -31.81 13.15 -8.65
C LEU A 790 -32.15 12.02 -7.69
N LYS A 791 -32.90 12.32 -6.62
CA LYS A 791 -33.19 11.30 -5.62
C LYS A 791 -34.32 10.37 -6.07
N PHE A 792 -35.36 10.91 -6.70
CA PHE A 792 -36.55 10.14 -7.01
C PHE A 792 -36.60 9.65 -8.47
N SER A 793 -36.15 10.47 -9.42
CA SER A 793 -36.17 10.04 -10.81
C SER A 793 -34.90 9.32 -11.24
N ILE A 794 -33.79 9.54 -10.54
CA ILE A 794 -32.50 8.93 -10.89
C ILE A 794 -32.07 7.89 -9.85
N ALA A 795 -31.85 8.32 -8.62
CA ALA A 795 -31.25 7.44 -7.61
C ALA A 795 -32.19 6.28 -7.26
N ARG A 796 -33.39 6.61 -6.78
CA ARG A 796 -34.32 5.57 -6.33
C ARG A 796 -34.60 4.50 -7.37
N PRO A 797 -34.81 4.81 -8.66
CA PRO A 797 -34.99 3.71 -9.63
C PRO A 797 -33.72 2.94 -9.89
N ALA A 798 -32.56 3.62 -9.95
CA ALA A 798 -31.32 2.92 -10.25
C ALA A 798 -30.90 2.02 -9.10
N ILE A 799 -31.15 2.44 -7.85
CA ILE A 799 -30.82 1.60 -6.71
C ILE A 799 -31.66 0.34 -6.70
N ASP A 800 -32.97 0.47 -6.98
CA ASP A 800 -33.83 -0.70 -7.01
C ASP A 800 -33.47 -1.65 -8.14
N LYS A 801 -32.92 -1.13 -9.24
CA LYS A 801 -32.51 -1.99 -10.34
C LYS A 801 -31.18 -2.68 -10.05
N GLU A 802 -30.21 -1.96 -9.49
CA GLU A 802 -28.95 -2.58 -9.12
C GLU A 802 -29.11 -3.57 -7.97
N LEU A 803 -30.19 -3.41 -7.20
CA LEU A 803 -30.39 -4.30 -6.02
C LEU A 803 -30.93 -5.65 -6.49
N GLU A 804 -31.91 -5.64 -7.40
CA GLU A 804 -32.50 -6.92 -7.89
C GLU A 804 -31.40 -7.72 -8.60
N ALA A 805 -30.54 -7.06 -9.36
CA ALA A 805 -29.42 -7.75 -10.05
C ALA A 805 -28.48 -8.37 -9.01
N PHE A 806 -28.20 -7.64 -7.93
CA PHE A 806 -27.29 -8.12 -6.85
C PHE A 806 -27.86 -9.41 -6.26
N HIS A 807 -29.12 -9.37 -5.83
CA HIS A 807 -29.76 -10.55 -5.21
C HIS A 807 -29.84 -11.69 -6.24
N ASN A 808 -30.16 -11.36 -7.49
CA ASN A 808 -30.33 -12.41 -8.53
C ASN A 808 -29.01 -13.14 -8.74
N ALA A 809 -27.91 -12.39 -8.76
CA ALA A 809 -26.58 -13.01 -8.93
C ALA A 809 -26.35 -14.02 -7.80
N MET A 810 -26.56 -13.60 -6.55
CA MET A 810 -26.35 -14.49 -5.38
C MET A 810 -27.23 -15.73 -5.55
N ALA A 820 -26.75 -21.62 -1.91
CA ALA A 820 -26.69 -20.66 -0.82
C ALA A 820 -27.63 -21.07 0.31
N HIS A 821 -27.08 -21.78 1.30
CA HIS A 821 -27.90 -22.34 2.36
C HIS A 821 -27.22 -22.13 3.71
N PHE A 822 -28.05 -22.18 4.77
CA PHE A 822 -27.51 -22.14 6.13
C PHE A 822 -26.85 -23.46 6.51
N TRP A 823 -27.31 -24.56 5.92
CA TRP A 823 -26.79 -25.88 6.30
C TRP A 823 -25.36 -26.06 5.82
N ASP A 824 -24.60 -26.80 6.62
CA ASP A 824 -23.22 -27.14 6.33
C ASP A 824 -22.90 -28.47 6.98
N PRO A 825 -22.74 -29.56 6.20
CA PRO A 825 -22.43 -30.85 6.82
C PRO A 825 -21.15 -30.86 7.63
N ASP A 826 -20.28 -29.88 7.43
CA ASP A 826 -19.06 -29.77 8.25
C ASP A 826 -19.39 -29.21 9.63
N LEU A 827 -20.21 -28.15 9.69
CA LEU A 827 -20.53 -27.50 10.95
C LEU A 827 -21.34 -28.38 11.90
N ALA A 828 -21.86 -29.51 11.43
CA ALA A 828 -22.63 -30.42 12.28
C ALA A 828 -21.91 -31.75 12.47
N SER A 829 -20.59 -31.77 12.29
CA SER A 829 -19.83 -33.01 12.36
C SER A 829 -19.43 -33.38 13.78
N TYR A 830 -19.36 -32.42 14.68
CA TYR A 830 -19.17 -32.76 16.08
C TYR A 830 -20.48 -33.25 16.70
N TYR A 831 -21.59 -32.60 16.35
CA TYR A 831 -22.91 -33.12 16.71
C TYR A 831 -23.05 -34.58 16.32
N THR A 832 -22.73 -34.90 15.07
CA THR A 832 -22.82 -36.28 14.61
C THR A 832 -21.81 -37.17 15.33
N PHE A 833 -20.61 -36.64 15.63
CA PHE A 833 -19.60 -37.45 16.30
C PHE A 833 -20.10 -37.98 17.63
N PHE A 834 -20.74 -37.13 18.44
CA PHE A 834 -21.27 -37.56 19.72
C PHE A 834 -22.68 -38.15 19.62
N LYS A 835 -23.34 -38.01 18.46
CA LYS A 835 -24.54 -38.80 18.22
C LYS A 835 -24.21 -40.28 18.16
N GLU A 836 -23.09 -40.63 17.55
CA GLU A 836 -22.62 -42.01 17.51
C GLU A 836 -22.06 -42.46 18.85
N ILE A 837 -21.71 -41.53 19.73
CA ILE A 837 -21.29 -41.87 21.08
C ILE A 837 -22.49 -41.98 22.01
N SER A 838 -23.42 -41.03 21.91
CA SER A 838 -24.57 -40.99 22.82
C SER A 838 -25.48 -42.20 22.65
N ASP A 839 -25.44 -42.87 21.50
CA ASP A 839 -26.25 -44.06 21.32
C ASP A 839 -25.74 -45.21 22.18
N LYS A 840 -24.42 -45.40 22.24
CA LYS A 840 -23.81 -46.44 23.04
C LYS A 840 -23.41 -45.95 24.44
N SER A 841 -24.10 -44.94 24.96
CA SER A 841 -23.82 -44.44 26.31
C SER A 841 -24.98 -43.58 26.74
N ARG A 842 -25.78 -44.09 27.69
CA ARG A 842 -26.84 -43.28 28.29
C ARG A 842 -26.27 -42.06 29.00
N SER A 843 -25.07 -42.18 29.57
CA SER A 843 -24.41 -41.04 30.21
C SER A 843 -24.09 -39.97 29.20
N SER A 844 -23.44 -40.35 28.09
CA SER A 844 -23.20 -39.40 27.01
C SER A 844 -24.50 -38.86 26.46
N ALA A 845 -25.55 -39.68 26.43
CA ALA A 845 -26.86 -39.19 25.99
C ALA A 845 -27.44 -38.18 26.96
N LEU A 846 -27.13 -38.31 28.26
CA LEU A 846 -27.66 -37.37 29.24
C LEU A 846 -27.00 -36.01 29.12
N LEU A 847 -25.66 -35.99 29.05
CA LEU A 847 -24.93 -34.77 28.71
C LEU A 847 -25.48 -34.16 27.43
N PHE A 848 -25.46 -34.96 26.36
CA PHE A 848 -26.00 -34.56 25.06
C PHE A 848 -27.40 -33.98 25.21
N THR A 849 -28.30 -34.70 25.88
CA THR A 849 -29.67 -34.23 26.06
C THR A 849 -29.73 -32.94 26.87
N THR A 850 -29.05 -32.91 28.02
CA THR A 850 -29.03 -31.71 28.83
C THR A 850 -28.51 -30.52 28.01
N LEU A 851 -27.41 -30.72 27.29
CA LEU A 851 -26.84 -29.65 26.47
C LEU A 851 -27.87 -29.10 25.48
N LYS A 852 -28.58 -29.99 24.77
CA LYS A 852 -29.58 -29.54 23.80
C LYS A 852 -30.61 -28.62 24.45
N ASN A 853 -31.22 -29.10 25.53
CA ASN A 853 -32.28 -28.32 26.17
C ASN A 853 -31.73 -27.01 26.74
N ARG A 854 -30.51 -27.05 27.24
CA ARG A 854 -29.90 -25.81 27.77
C ARG A 854 -29.81 -24.76 26.64
N ILE A 855 -29.50 -25.20 25.41
CA ILE A 855 -29.31 -24.25 24.28
C ILE A 855 -30.62 -23.50 23.99
N GLY A 856 -31.73 -24.21 24.00
CA GLY A 856 -33.02 -23.60 23.65
C GLY A 856 -33.41 -22.47 24.58
N GLU A 857 -33.12 -22.63 25.86
CA GLU A 857 -33.51 -21.60 26.84
C GLU A 857 -32.82 -20.28 26.48
N VAL A 858 -31.54 -20.36 26.09
CA VAL A 858 -30.77 -19.14 25.70
C VAL A 858 -31.42 -18.53 24.46
N GLU A 859 -31.85 -19.37 23.50
CA GLU A 859 -32.41 -18.83 22.24
C GLU A 859 -33.66 -18.01 22.56
N LYS A 860 -34.50 -18.53 23.46
CA LYS A 860 -35.76 -17.83 23.79
C LYS A 860 -35.41 -16.48 24.40
N GLU A 861 -34.37 -16.44 25.24
CA GLU A 861 -33.97 -15.18 25.90
C GLU A 861 -33.53 -14.16 24.85
N TYR A 862 -32.84 -14.63 23.80
CA TYR A 862 -32.37 -13.73 22.71
C TYR A 862 -33.56 -13.08 22.02
N GLY A 863 -34.63 -13.85 21.80
CA GLY A 863 -35.85 -13.28 21.19
C GLY A 863 -36.81 -12.77 22.25
N ASN A 868 -37.46 -9.45 19.85
CA ASN A 868 -38.73 -8.75 20.21
C ASN A 868 -38.48 -7.26 20.44
N LYS A 869 -39.45 -6.41 20.07
CA LYS A 869 -39.30 -4.95 20.26
C LYS A 869 -39.90 -4.54 21.61
N SER A 874 -37.30 -2.40 25.83
CA SER A 874 -35.90 -2.88 25.87
C SER A 874 -34.98 -1.72 26.25
N LYS A 875 -35.02 -1.27 27.52
CA LYS A 875 -34.21 -0.11 27.97
C LYS A 875 -32.71 -0.45 27.88
N ASP A 876 -32.34 -1.68 28.23
CA ASP A 876 -30.92 -2.11 28.18
C ASP A 876 -30.44 -2.03 26.73
N PRO A 877 -29.23 -1.52 26.46
CA PRO A 877 -28.74 -1.37 25.10
C PRO A 877 -28.48 -2.73 24.44
N TYR A 878 -28.42 -2.77 23.11
CA TYR A 878 -28.30 -4.06 22.38
C TYR A 878 -27.05 -4.85 22.77
N PRO A 879 -25.84 -4.27 22.88
CA PRO A 879 -24.68 -5.06 23.22
C PRO A 879 -24.87 -5.69 24.60
N VAL A 880 -25.41 -4.91 25.54
CA VAL A 880 -25.61 -5.41 26.92
C VAL A 880 -26.60 -6.57 26.87
N ARG A 881 -27.63 -6.42 26.04
CA ARG A 881 -28.65 -7.49 25.94
C ARG A 881 -27.99 -8.75 25.37
N VAL A 882 -27.18 -8.60 24.33
CA VAL A 882 -26.49 -9.78 23.71
C VAL A 882 -25.51 -10.39 24.71
N ASN A 883 -24.76 -9.55 25.42
CA ASN A 883 -23.74 -10.05 26.36
C ASN A 883 -24.44 -10.86 27.46
N GLN A 884 -25.61 -10.39 27.91
CA GLN A 884 -26.31 -11.16 28.93
C GLN A 884 -26.64 -12.55 28.42
N VAL A 885 -27.22 -12.64 27.22
CA VAL A 885 -27.55 -13.94 26.64
C VAL A 885 -26.30 -14.76 26.40
N TYR A 886 -25.20 -14.10 26.01
CA TYR A 886 -23.94 -14.81 25.79
C TYR A 886 -23.40 -15.40 27.08
N GLU A 887 -23.56 -14.69 28.19
CA GLU A 887 -23.03 -15.17 29.46
C GLU A 887 -23.77 -16.40 29.97
N LYS A 888 -25.08 -16.48 29.71
CA LYS A 888 -25.79 -17.73 29.98
C LYS A 888 -25.49 -18.78 28.93
N TRP A 889 -25.07 -18.37 27.73
CA TRP A 889 -24.62 -19.33 26.73
C TRP A 889 -23.32 -19.99 27.18
N CYS A 890 -22.35 -19.18 27.61
CA CYS A 890 -21.05 -19.73 28.09
C CYS A 890 -21.28 -20.46 29.41
N ALA A 891 -22.41 -20.18 30.05
CA ALA A 891 -22.75 -20.86 31.31
C ALA A 891 -22.94 -22.34 31.02
N ILE A 892 -23.51 -22.69 29.87
CA ILE A 892 -23.62 -24.14 29.58
C ILE A 892 -22.21 -24.70 29.65
N THR A 893 -22.02 -25.75 30.45
CA THR A 893 -20.68 -26.32 30.69
C THR A 893 -20.89 -27.81 30.97
N PRO A 894 -19.84 -28.65 31.06
CA PRO A 894 -20.07 -30.03 31.41
C PRO A 894 -20.31 -30.17 32.91
N GLU A 895 -21.32 -29.46 33.44
CA GLU A 895 -21.70 -29.59 34.87
C GLU A 895 -22.49 -30.89 35.02
N ALA A 896 -22.53 -31.46 36.24
CA ALA A 896 -23.23 -32.74 36.45
C ALA A 896 -24.69 -32.48 36.83
N ASN A 903 -22.67 -38.01 31.80
CA ASN A 903 -22.14 -36.97 32.67
C ASN A 903 -21.31 -37.57 33.79
N TYR A 904 -20.93 -38.84 33.65
CA TYR A 904 -20.24 -39.56 34.71
C TYR A 904 -18.93 -40.23 34.29
N ASP A 905 -18.73 -40.50 33.01
CA ASP A 905 -17.42 -41.00 32.55
C ASP A 905 -16.45 -39.83 32.55
N SER A 906 -15.61 -39.77 33.59
CA SER A 906 -14.80 -38.58 33.82
C SER A 906 -13.66 -38.45 32.81
N LYS A 907 -13.08 -39.57 32.40
CA LYS A 907 -12.06 -39.57 31.35
C LYS A 907 -12.50 -38.77 30.13
N VAL A 908 -13.80 -38.78 29.83
CA VAL A 908 -14.33 -38.08 28.68
C VAL A 908 -14.63 -36.62 29.03
N ILE A 909 -15.15 -36.40 30.22
CA ILE A 909 -15.52 -35.02 30.65
C ILE A 909 -14.25 -34.17 30.63
N ARG A 910 -13.14 -34.75 31.09
CA ARG A 910 -11.87 -34.00 31.14
C ARG A 910 -11.39 -33.69 29.72
N LEU A 911 -11.50 -34.65 28.80
CA LEU A 911 -11.04 -34.44 27.41
C LEU A 911 -11.87 -33.33 26.78
N LEU A 912 -13.18 -33.32 27.05
CA LEU A 912 -14.01 -32.19 26.55
C LEU A 912 -13.65 -30.90 27.28
N GLU A 913 -13.46 -30.96 28.60
CA GLU A 913 -13.22 -29.74 29.43
C GLU A 913 -11.89 -29.06 29.08
N LEU A 914 -10.84 -29.85 28.84
CA LEU A 914 -9.50 -29.25 28.59
C LEU A 914 -9.22 -28.23 29.70
N SER A 915 -9.14 -28.70 30.94
CA SER A 915 -8.99 -27.81 32.13
C SER A 915 -7.74 -26.92 32.06
N PHE A 916 -6.65 -27.43 31.48
CA PHE A 916 -5.38 -26.67 31.46
C PHE A 916 -5.60 -25.32 30.77
N LEU A 917 -6.43 -25.29 29.73
CA LEU A 917 -6.69 -24.03 29.00
C LEU A 917 -7.39 -23.02 29.91
N ALA A 918 -6.97 -21.78 29.84
CA ALA A 918 -7.58 -20.72 30.65
C ALA A 918 -8.85 -20.23 29.95
N ASP A 919 -8.80 -20.13 28.62
CA ASP A 919 -10.00 -19.79 27.86
C ASP A 919 -10.84 -21.04 27.69
N ARG A 920 -11.99 -21.10 28.35
CA ARG A 920 -12.87 -22.26 28.19
C ARG A 920 -13.49 -22.30 26.80
N GLU A 921 -13.56 -21.17 26.11
CA GLU A 921 -14.08 -21.17 24.74
C GLU A 921 -13.11 -21.79 23.74
N MET A 922 -11.96 -22.27 24.20
CA MET A 922 -10.99 -22.94 23.34
C MET A 922 -11.00 -24.45 23.52
N ASN A 923 -11.87 -24.99 24.35
CA ASN A 923 -11.84 -26.42 24.64
C ASN A 923 -12.76 -27.19 23.69
N THR A 924 -12.59 -28.51 23.68
CA THR A 924 -13.36 -29.36 22.77
C THR A 924 -14.86 -29.27 23.02
N TRP A 925 -15.26 -28.99 24.27
CA TRP A 925 -16.67 -28.88 24.58
C TRP A 925 -17.33 -27.75 23.81
N ALA A 926 -16.68 -26.58 23.78
CA ALA A 926 -17.26 -25.41 23.11
C ALA A 926 -17.47 -25.67 21.62
N LEU A 927 -16.67 -26.54 21.01
CA LEU A 927 -16.93 -26.94 19.64
C LEU A 927 -18.24 -27.73 19.56
N LEU A 928 -18.35 -28.80 20.36
CA LEU A 928 -19.55 -29.61 20.36
C LEU A 928 -20.79 -28.78 20.68
N ARG A 929 -20.69 -27.86 21.64
CA ARG A 929 -21.80 -26.98 21.95
C ARG A 929 -22.20 -26.16 20.72
N ALA A 930 -21.22 -25.73 19.93
CA ALA A 930 -21.51 -24.98 18.71
C ALA A 930 -22.11 -25.88 17.65
N SER A 931 -21.54 -27.06 17.47
CA SER A 931 -22.03 -28.02 16.46
C SER A 931 -23.47 -28.44 16.79
N THR A 932 -23.73 -28.82 18.03
CA THR A 932 -25.08 -29.31 18.43
C THR A 932 -26.08 -28.18 18.19
N ALA A 933 -25.71 -26.97 18.58
CA ALA A 933 -26.61 -25.82 18.36
C ALA A 933 -26.88 -25.69 16.86
N PHE A 934 -25.84 -25.85 16.05
CA PHE A 934 -26.01 -25.68 14.59
C PHE A 934 -27.10 -26.65 14.12
N LYS A 935 -26.99 -27.92 14.50
CA LYS A 935 -27.99 -28.88 13.97
C LYS A 935 -29.39 -28.48 14.42
N LEU A 936 -29.58 -28.21 15.71
CA LEU A 936 -30.97 -27.94 16.19
C LEU A 936 -31.49 -26.59 15.70
N TYR A 937 -30.63 -25.70 15.20
CA TYR A 937 -31.15 -24.36 14.84
C TYR A 937 -30.41 -23.73 13.66
N TYR A 938 -30.18 -24.46 12.58
CA TYR A 938 -29.54 -23.82 11.41
C TYR A 938 -30.54 -22.91 10.69
N HIS A 939 -31.79 -23.37 10.55
CA HIS A 939 -32.82 -22.52 9.91
C HIS A 939 -33.54 -21.66 10.96
N LYS A 940 -33.93 -22.28 12.08
CA LYS A 940 -34.63 -21.53 13.16
C LYS A 940 -33.67 -20.57 13.83
N SER A 941 -34.09 -19.32 14.05
CA SER A 941 -33.24 -18.29 14.69
C SER A 941 -31.78 -18.40 14.20
N PRO A 942 -31.38 -18.07 12.94
CA PRO A 942 -29.97 -18.27 12.55
C PRO A 942 -29.03 -17.31 13.24
N LYS A 943 -29.47 -16.08 13.48
CA LYS A 943 -28.65 -15.09 14.17
C LYS A 943 -28.23 -15.54 15.56
N PHE A 944 -28.92 -16.53 16.13
CA PHE A 944 -28.58 -17.00 17.47
C PHE A 944 -27.27 -17.78 17.47
N VAL A 945 -27.21 -18.86 16.70
CA VAL A 945 -26.06 -19.75 16.78
C VAL A 945 -24.78 -19.07 16.28
N TRP A 946 -24.89 -18.17 15.31
CA TRP A 946 -23.70 -17.50 14.80
C TRP A 946 -23.19 -16.46 15.79
N GLN A 947 -24.09 -15.66 16.36
CA GLN A 947 -23.66 -14.63 17.29
C GLN A 947 -23.10 -15.24 18.57
N MET A 948 -23.60 -16.40 18.98
CA MET A 948 -23.11 -17.04 20.19
C MET A 948 -21.88 -17.90 19.93
N ALA A 949 -21.93 -18.75 18.89
CA ALA A 949 -20.93 -19.78 18.68
C ALA A 949 -20.24 -19.68 17.32
N GLY A 950 -20.31 -18.51 16.67
CA GLY A 950 -19.65 -18.37 15.38
C GLY A 950 -18.16 -18.59 15.46
N ARG A 951 -17.54 -18.26 16.60
CA ARG A 951 -16.10 -18.45 16.77
C ARG A 951 -15.73 -19.93 16.68
N GLN A 952 -16.48 -20.78 17.36
CA GLN A 952 -16.20 -22.21 17.29
C GLN A 952 -16.64 -22.81 15.96
N LEU A 953 -17.65 -22.22 15.32
CA LEU A 953 -18.04 -22.68 13.98
C LEU A 953 -16.92 -22.45 12.98
N ALA A 954 -16.18 -21.35 13.14
CA ALA A 954 -15.03 -21.10 12.27
C ALA A 954 -13.93 -22.12 12.50
N TYR A 955 -13.68 -22.49 13.77
CA TYR A 955 -12.66 -23.49 14.06
C TYR A 955 -12.99 -24.82 13.40
N ILE A 956 -14.26 -25.23 13.48
CA ILE A 956 -14.68 -26.50 12.88
C ILE A 956 -14.51 -26.45 11.36
N LYS A 957 -14.88 -25.32 10.75
CA LYS A 957 -14.74 -25.18 9.31
C LYS A 957 -13.28 -25.35 8.87
N ALA A 958 -12.37 -24.60 9.49
CA ALA A 958 -10.97 -24.68 9.10
C ALA A 958 -10.36 -26.03 9.45
N GLN A 959 -10.90 -26.71 10.46
CA GLN A 959 -10.48 -28.08 10.74
C GLN A 959 -10.98 -29.03 9.65
N MET A 960 -12.25 -28.89 9.29
CA MET A 960 -12.86 -29.80 8.33
C MET A 960 -12.30 -29.61 6.92
N THR A 961 -12.08 -28.36 6.51
CA THR A 961 -11.64 -28.07 5.16
C THR A 961 -10.15 -28.29 4.95
N SER A 962 -9.41 -28.70 5.98
CA SER A 962 -8.00 -28.98 5.82
C SER A 962 -7.80 -30.34 5.17
N ARG A 963 -6.92 -30.39 4.17
CA ARG A 963 -6.64 -31.63 3.46
C ARG A 963 -5.20 -32.06 3.71
N PRO A 964 -4.94 -33.37 3.79
CA PRO A 964 -3.59 -33.83 4.16
C PRO A 964 -2.58 -33.47 3.08
N GLY A 965 -1.47 -32.86 3.50
CA GLY A 965 -0.41 -32.47 2.60
C GLY A 965 -0.63 -31.17 1.87
N GLU A 966 -1.85 -30.66 1.81
CA GLU A 966 -2.15 -29.41 1.12
C GLU A 966 -2.00 -28.21 2.06
N GLY A 967 -0.84 -28.12 2.70
CA GLY A 967 -0.57 -27.01 3.59
C GLY A 967 -1.13 -27.22 4.99
N ALA A 968 -0.86 -26.23 5.84
CA ALA A 968 -1.25 -26.29 7.22
C ALA A 968 -2.11 -25.09 7.59
N PRO A 969 -3.28 -25.29 8.19
CA PRO A 969 -4.01 -24.18 8.80
C PRO A 969 -3.20 -23.59 9.94
N ALA A 970 -3.53 -22.35 10.30
CA ALA A 970 -2.78 -21.62 11.31
C ALA A 970 -3.72 -21.08 12.38
N LEU A 971 -3.41 -21.39 13.64
CA LEU A 971 -4.15 -20.83 14.78
C LEU A 971 -3.42 -19.59 15.26
N MET A 972 -4.04 -18.43 15.06
CA MET A 972 -3.40 -17.15 15.30
C MET A 972 -4.02 -16.48 16.51
N THR A 973 -3.17 -15.93 17.38
CA THR A 973 -3.65 -15.16 18.53
C THR A 973 -4.48 -13.98 18.06
N ALA A 974 -5.31 -13.47 18.97
CA ALA A 974 -6.14 -12.32 18.67
C ALA A 974 -5.28 -11.12 18.27
N PHE A 975 -4.20 -10.86 19.02
CA PHE A 975 -3.38 -9.70 18.75
C PHE A 975 -2.68 -9.82 17.40
N MET A 976 -2.07 -10.97 17.13
CA MET A 976 -1.36 -11.14 15.86
C MET A 976 -2.31 -11.09 14.67
N TYR A 977 -3.56 -11.54 14.86
CA TYR A 977 -4.55 -11.50 13.78
C TYR A 977 -4.90 -10.05 13.43
N ALA A 978 -4.97 -9.18 14.43
CA ALA A 978 -5.33 -7.78 14.19
C ALA A 978 -4.24 -7.02 13.46
N GLY A 979 -3.04 -7.58 13.33
CA GLY A 979 -1.94 -6.89 12.68
C GLY A 979 -1.72 -7.31 11.23
N LEU A 980 -2.43 -8.34 10.79
CA LEU A 980 -2.34 -8.76 9.40
C LEU A 980 -3.43 -8.08 8.57
N MET A 981 -3.18 -7.98 7.28
CA MET A 981 -4.12 -7.38 6.35
C MET A 981 -4.01 -8.11 5.01
N PRO A 982 -5.04 -8.06 4.17
CA PRO A 982 -4.98 -8.76 2.88
C PRO A 982 -4.00 -8.10 1.92
N ASP A 983 -3.27 -8.94 1.19
CA ASP A 983 -2.24 -8.49 0.25
C ASP A 983 -2.86 -8.39 -1.14
N LYS A 984 -3.08 -7.16 -1.60
CA LYS A 984 -3.68 -6.95 -2.92
C LYS A 984 -2.86 -7.62 -4.01
N LYS A 985 -1.54 -7.63 -3.88
CA LYS A 985 -0.70 -8.26 -4.89
C LYS A 985 -0.84 -9.77 -4.90
N PHE A 986 -1.14 -10.38 -3.75
CA PHE A 986 -1.41 -11.81 -3.74
C PHE A 986 -2.71 -12.14 -4.47
N THR A 987 -3.76 -11.37 -4.19
CA THR A 987 -5.04 -11.59 -4.86
C THR A 987 -4.88 -11.49 -6.38
N LYS A 988 -4.33 -10.38 -6.85
CA LYS A 988 -4.21 -10.15 -8.29
C LYS A 988 -3.38 -11.23 -8.97
N GLN A 989 -2.24 -11.60 -8.36
CA GLN A 989 -1.42 -12.65 -8.94
C GLN A 989 -2.14 -14.00 -8.91
N TYR A 990 -2.83 -14.29 -7.81
CA TYR A 990 -3.50 -15.59 -7.68
C TYR A 990 -4.67 -15.72 -8.65
N VAL A 991 -5.51 -14.68 -8.75
CA VAL A 991 -6.66 -14.76 -9.64
C VAL A 991 -6.21 -14.77 -11.10
N ALA A 992 -5.16 -14.01 -11.42
CA ALA A 992 -4.62 -14.03 -12.78
C ALA A 992 -4.11 -15.42 -13.13
N ARG A 993 -3.30 -16.01 -12.25
CA ARG A 993 -2.84 -17.38 -12.45
C ARG A 993 -4.02 -18.34 -12.58
N LEU A 994 -5.14 -18.03 -11.94
CA LEU A 994 -6.30 -18.92 -11.91
C LEU A 994 -7.25 -18.68 -13.06
N GLU A 995 -7.32 -17.44 -13.58
CA GLU A 995 -8.17 -17.12 -14.72
C GLU A 995 -7.53 -17.50 -16.05
N GLY A 996 -6.46 -18.29 -16.04
CA GLY A 996 -5.83 -18.75 -17.27
C GLY A 996 -4.95 -17.72 -17.94
N ASP A 997 -5.33 -16.45 -17.84
CA ASP A 997 -4.62 -15.36 -18.52
C ASP A 997 -3.57 -14.77 -17.59
N GLY A 998 -2.52 -15.55 -17.35
CA GLY A 998 -1.45 -15.13 -16.47
C GLY A 998 -0.11 -15.00 -17.18
N SER A 999 -0.12 -15.16 -18.51
CA SER A 999 1.07 -14.99 -19.34
C SER A 999 0.98 -13.74 -20.19
N GLU A 1000 0.37 -12.67 -19.66
CA GLU A 1000 0.24 -11.42 -20.36
C GLU A 1000 1.14 -10.37 -19.70
N TYR A 1001 0.88 -9.09 -20.00
CA TYR A 1001 1.83 -8.05 -19.62
C TYR A 1001 1.95 -7.94 -18.10
N PRO A 1002 3.17 -7.93 -17.56
CA PRO A 1002 3.33 -7.75 -16.12
C PRO A 1002 3.02 -6.33 -15.66
N ASP A 1003 1.82 -6.14 -15.13
CA ASP A 1003 1.43 -4.91 -14.45
C ASP A 1003 2.47 -4.60 -13.37
N PRO A 1004 3.07 -3.40 -13.38
CA PRO A 1004 4.11 -3.13 -12.38
C PRO A 1004 3.58 -3.08 -10.96
N GLU A 1005 2.35 -2.61 -10.77
CA GLU A 1005 1.77 -2.51 -9.46
C GLU A 1005 1.32 -3.85 -8.89
N VAL A 1006 1.37 -4.92 -9.68
CA VAL A 1006 0.91 -6.24 -9.23
C VAL A 1006 2.12 -7.16 -9.10
N TYR A 1007 3.14 -6.92 -9.92
CA TYR A 1007 4.29 -7.82 -9.98
C TYR A 1007 5.59 -7.16 -9.53
N GLU A 1008 5.52 -6.12 -8.68
CA GLU A 1008 6.74 -5.48 -8.19
C GLU A 1008 7.62 -6.43 -7.38
N ASP A 1016 19.12 -3.27 -10.66
CA ASP A 1016 19.24 -2.09 -9.80
C ASP A 1016 17.95 -1.30 -9.79
N GLY A 1017 16.90 -1.89 -9.20
CA GLY A 1017 15.61 -1.26 -9.17
C GLY A 1017 14.86 -1.26 -10.48
N ILE A 1018 15.39 -1.94 -11.49
CA ILE A 1018 14.76 -1.99 -12.81
C ILE A 1018 13.77 -3.15 -12.83
N GLY A 1019 12.56 -2.87 -13.29
CA GLY A 1019 11.52 -3.89 -13.37
C GLY A 1019 11.48 -4.59 -14.72
N PHE A 1020 10.27 -4.71 -15.27
CA PHE A 1020 10.09 -5.38 -16.56
C PHE A 1020 10.63 -4.49 -17.68
N THR A 1021 11.59 -5.03 -18.45
CA THR A 1021 12.14 -4.33 -19.59
C THR A 1021 11.92 -5.08 -20.89
N GLY A 1022 11.13 -6.15 -20.88
CA GLY A 1022 10.89 -6.95 -22.06
C GLY A 1022 10.86 -8.43 -21.71
N ASN A 1023 10.31 -9.22 -22.62
CA ASN A 1023 10.19 -10.66 -22.41
C ASN A 1023 11.39 -11.45 -22.90
N GLY A 1024 12.16 -10.90 -23.84
CA GLY A 1024 13.32 -11.57 -24.36
C GLY A 1024 14.52 -10.64 -24.36
N ASP A 1025 15.40 -10.85 -25.35
CA ASP A 1025 16.55 -9.99 -25.58
C ASP A 1025 16.43 -9.20 -26.88
N TYR A 1026 16.07 -9.86 -27.98
CA TYR A 1026 15.91 -9.20 -29.26
C TYR A 1026 14.92 -8.04 -29.17
N ALA B 20 29.69 -36.57 -40.86
CA ALA B 20 30.78 -36.98 -39.96
C ALA B 20 30.18 -37.60 -38.70
N ARG B 21 30.73 -37.25 -37.53
CA ARG B 21 30.11 -37.70 -36.27
C ARG B 21 28.72 -37.07 -36.19
N LEU B 22 28.59 -35.84 -36.70
CA LEU B 22 27.31 -35.09 -36.58
C LEU B 22 26.17 -35.86 -37.24
N ARG B 23 26.44 -36.58 -38.33
CA ARG B 23 25.34 -37.26 -39.07
C ARG B 23 24.60 -38.21 -38.13
N ASN B 24 23.26 -38.30 -38.27
CA ASN B 24 22.43 -39.27 -37.49
C ASN B 24 22.18 -38.77 -36.07
N ILE B 25 22.54 -37.53 -35.78
CA ILE B 25 22.30 -36.93 -34.44
C ILE B 25 20.80 -36.75 -34.17
N TRP B 26 20.03 -36.33 -35.19
CA TRP B 26 18.61 -36.00 -34.99
C TRP B 26 17.75 -37.25 -34.79
N PRO B 27 16.76 -37.23 -33.88
CA PRO B 27 15.82 -38.35 -33.73
C PRO B 27 15.06 -38.68 -35.02
N LYS B 28 14.95 -39.97 -35.35
CA LYS B 28 14.18 -40.39 -36.50
C LYS B 28 12.70 -40.34 -36.17
N PHE B 29 11.89 -39.97 -37.16
CA PHE B 29 10.45 -39.92 -36.99
C PHE B 29 9.87 -41.26 -37.44
N PRO B 30 9.26 -42.03 -36.55
CA PRO B 30 8.80 -43.37 -36.96
C PRO B 30 7.65 -43.24 -37.94
N LYS B 31 7.67 -44.08 -38.96
CA LYS B 31 6.68 -43.93 -40.00
C LYS B 31 5.29 -44.38 -39.57
N TRP B 32 5.08 -44.67 -38.29
CA TRP B 32 3.77 -44.97 -37.75
C TRP B 32 3.16 -43.82 -36.97
N LEU B 33 3.85 -42.68 -36.86
CA LEU B 33 3.21 -41.45 -36.39
C LEU B 33 2.95 -40.46 -37.52
N HIS B 34 3.01 -40.90 -38.78
CA HIS B 34 2.90 -40.00 -39.92
C HIS B 34 1.53 -39.34 -40.03
N GLU B 35 0.54 -39.76 -39.26
CA GLU B 35 -0.74 -39.07 -39.18
C GLU B 35 -0.95 -38.34 -37.87
N ALA B 36 -0.03 -38.50 -36.91
CA ALA B 36 -0.22 -37.90 -35.60
C ALA B 36 -0.10 -36.38 -35.68
N PRO B 37 -0.90 -35.64 -34.92
CA PRO B 37 -0.66 -34.21 -34.78
C PRO B 37 0.73 -33.97 -34.23
N LEU B 38 1.37 -32.89 -34.66
CA LEU B 38 2.75 -32.68 -34.23
C LEU B 38 2.86 -32.46 -32.72
N ALA B 39 1.75 -32.24 -32.03
CA ALA B 39 1.79 -32.07 -30.58
C ALA B 39 2.11 -33.39 -29.87
N VAL B 40 1.38 -34.47 -30.22
CA VAL B 40 1.79 -35.78 -29.72
C VAL B 40 3.15 -36.18 -30.30
N ALA B 41 3.36 -35.91 -31.59
CA ALA B 41 4.61 -36.31 -32.23
C ALA B 41 5.81 -35.72 -31.52
N TRP B 42 5.68 -34.49 -31.00
CA TRP B 42 6.76 -33.90 -30.23
C TRP B 42 6.89 -34.53 -28.86
N GLU B 43 5.76 -34.84 -28.22
CA GLU B 43 5.81 -35.43 -26.89
C GLU B 43 6.05 -36.93 -26.93
N VAL B 44 5.60 -37.61 -27.99
CA VAL B 44 5.91 -39.02 -28.14
C VAL B 44 7.39 -39.22 -28.44
N THR B 45 7.96 -38.35 -29.27
CA THR B 45 9.38 -38.43 -29.56
C THR B 45 10.23 -38.12 -28.33
N ARG B 46 9.68 -37.41 -27.33
CA ARG B 46 10.43 -37.18 -26.09
C ARG B 46 10.49 -38.42 -25.23
N LEU B 47 9.35 -39.08 -24.98
CA LEU B 47 9.34 -40.23 -24.08
C LEU B 47 10.26 -41.33 -24.58
N PHE B 48 10.32 -41.53 -25.91
CA PHE B 48 11.26 -42.48 -26.47
C PHE B 48 12.70 -42.15 -26.07
N MET B 49 13.08 -40.87 -26.16
CA MET B 49 14.42 -40.46 -25.80
C MET B 49 14.72 -40.71 -24.33
N HIS B 50 13.91 -40.09 -23.46
CA HIS B 50 14.17 -40.21 -22.03
C HIS B 50 14.19 -41.66 -21.59
N CYS B 51 13.33 -42.48 -22.18
CA CYS B 51 13.23 -43.89 -21.86
C CYS B 51 14.12 -44.75 -22.76
N LYS B 52 15.09 -44.14 -23.44
CA LYS B 52 16.12 -44.80 -24.26
C LYS B 52 15.57 -46.01 -25.02
N VAL B 53 14.59 -45.73 -25.89
CA VAL B 53 13.92 -46.75 -26.68
C VAL B 53 13.90 -46.32 -28.13
N ASP B 54 14.32 -47.23 -29.02
CA ASP B 54 14.24 -46.99 -30.45
C ASP B 54 12.78 -47.01 -30.91
N LEU B 55 12.49 -46.24 -31.95
CA LEU B 55 11.14 -46.18 -32.51
C LEU B 55 11.04 -46.74 -33.92
N GLU B 56 12.16 -46.90 -34.63
CA GLU B 56 12.16 -47.56 -35.94
C GLU B 56 12.49 -49.06 -35.78
N ASP B 57 11.68 -49.73 -34.96
CA ASP B 57 11.83 -51.16 -34.75
C ASP B 57 10.47 -51.80 -34.57
N GLU B 58 10.35 -53.04 -35.04
CA GLU B 58 9.15 -53.84 -34.85
C GLU B 58 9.17 -54.61 -33.54
N SER B 59 10.19 -54.41 -32.71
CA SER B 59 10.33 -55.19 -31.49
C SER B 59 9.15 -54.99 -30.54
N LEU B 60 8.63 -53.77 -30.47
CA LEU B 60 7.49 -53.47 -29.61
C LEU B 60 6.15 -53.63 -30.32
N GLY B 61 6.14 -53.74 -31.64
CA GLY B 61 4.90 -53.80 -32.38
C GLY B 61 4.05 -52.55 -32.24
N LEU B 62 4.68 -51.40 -32.01
CA LEU B 62 3.94 -50.18 -31.71
C LEU B 62 3.17 -49.67 -32.92
N LYS B 63 2.04 -49.04 -32.65
CA LYS B 63 1.15 -48.51 -33.67
C LYS B 63 0.40 -47.35 -33.06
N TYR B 64 -0.16 -46.50 -33.92
CA TYR B 64 -0.81 -45.27 -33.47
C TYR B 64 -2.16 -45.59 -32.82
N ASP B 65 -2.30 -45.23 -31.54
CA ASP B 65 -3.55 -45.23 -30.81
C ASP B 65 -4.37 -43.99 -31.18
N PRO B 66 -5.46 -44.13 -31.94
CA PRO B 66 -6.27 -42.95 -32.27
C PRO B 66 -6.80 -42.21 -31.05
N SER B 67 -6.76 -42.82 -29.87
CA SER B 67 -7.12 -42.14 -28.64
C SER B 67 -6.22 -40.95 -28.34
N TRP B 68 -5.01 -40.91 -28.95
CA TRP B 68 -4.09 -39.82 -28.68
C TRP B 68 -4.61 -38.51 -29.23
N SER B 69 -5.19 -38.53 -30.43
CA SER B 69 -5.86 -37.30 -30.93
C SER B 69 -7.01 -36.98 -29.97
N THR B 70 -7.27 -35.70 -29.70
CA THR B 70 -8.38 -35.26 -28.80
C THR B 70 -7.95 -35.30 -27.32
N ALA B 71 -6.70 -35.67 -27.06
CA ALA B 71 -6.21 -35.74 -25.67
C ALA B 71 -6.00 -34.35 -25.08
N ARG B 72 -6.16 -34.19 -23.77
CA ARG B 72 -5.91 -32.89 -23.11
C ARG B 72 -4.80 -33.05 -22.06
N ASP B 73 -4.26 -34.26 -21.88
CA ASP B 73 -3.11 -34.45 -20.97
C ASP B 73 -2.04 -35.30 -21.66
N VAL B 74 -0.77 -34.90 -21.56
CA VAL B 74 0.35 -35.68 -22.16
C VAL B 74 0.47 -37.01 -21.41
N THR B 75 0.09 -37.03 -20.14
CA THR B 75 0.16 -38.26 -19.33
C THR B 75 -0.73 -39.32 -19.99
N ASP B 76 -1.87 -38.89 -20.53
CA ASP B 76 -2.80 -39.85 -21.16
C ASP B 76 -2.05 -40.54 -22.31
N ILE B 77 -1.34 -39.75 -23.12
CA ILE B 77 -0.59 -40.31 -24.28
C ILE B 77 0.50 -41.26 -23.79
N TRP B 78 1.23 -40.88 -22.74
CA TRP B 78 2.37 -41.69 -22.25
C TRP B 78 1.90 -43.05 -21.70
N LYS B 79 0.76 -43.09 -21.00
CA LYS B 79 0.21 -44.40 -20.52
C LYS B 79 -0.21 -45.24 -21.74
N ARG B 83 2.47 -49.12 -20.61
CA ARG B 83 1.86 -50.45 -20.59
C ARG B 83 2.68 -51.48 -21.34
N LEU B 84 3.75 -51.08 -22.01
CA LEU B 84 4.54 -51.95 -22.88
C LEU B 84 5.89 -52.25 -22.26
N ASP B 85 6.58 -53.23 -22.87
CA ASP B 85 7.79 -53.79 -22.29
C ASP B 85 8.88 -52.75 -22.14
N ALA B 86 9.22 -52.07 -23.24
CA ALA B 86 10.43 -51.25 -23.26
C ALA B 86 10.34 -50.05 -22.34
N PHE B 87 9.13 -49.57 -22.04
CA PHE B 87 8.96 -48.41 -21.19
C PHE B 87 8.50 -48.75 -19.77
N ARG B 88 8.18 -50.02 -19.50
CA ARG B 88 7.71 -50.41 -18.17
C ARG B 88 8.76 -50.08 -17.12
N GLY B 89 8.39 -49.21 -16.18
CA GLY B 89 9.24 -48.87 -15.05
C GLY B 89 10.27 -47.79 -15.32
N LYS B 90 10.48 -47.40 -16.57
CA LYS B 90 11.43 -46.35 -16.88
C LYS B 90 10.96 -45.02 -16.28
N PRO B 91 11.87 -44.08 -16.06
CA PRO B 91 11.46 -42.78 -15.52
C PRO B 91 10.69 -41.96 -16.53
N PHE B 92 9.84 -41.06 -16.00
CA PHE B 92 9.00 -40.18 -16.87
C PHE B 92 9.69 -38.84 -17.05
N PRO B 93 9.68 -38.21 -18.25
CA PRO B 93 10.23 -36.88 -18.44
C PRO B 93 9.27 -35.79 -17.95
N GLU B 94 9.79 -34.56 -17.81
CA GLU B 94 8.94 -33.42 -17.37
C GLU B 94 7.81 -33.28 -18.38
N LYS B 95 6.57 -33.14 -17.90
CA LYS B 95 5.42 -33.14 -18.84
C LYS B 95 5.05 -31.71 -19.22
N PRO B 96 4.69 -31.45 -20.49
CA PRO B 96 4.23 -30.12 -20.88
C PRO B 96 2.95 -29.83 -20.10
N PRO B 97 2.73 -28.59 -19.63
CA PRO B 97 1.55 -28.24 -18.86
C PRO B 97 0.31 -28.38 -19.74
N ASN B 98 -0.84 -28.65 -19.13
CA ASN B 98 -2.07 -28.93 -19.92
C ASN B 98 -2.52 -27.75 -20.78
N ASP B 99 -2.45 -26.53 -20.28
CA ASP B 99 -2.97 -25.39 -21.08
C ASP B 99 -2.21 -25.30 -22.40
N VAL B 100 -0.89 -25.45 -22.35
CA VAL B 100 -0.06 -25.38 -23.58
C VAL B 100 -0.45 -26.52 -24.51
N PHE B 101 -0.62 -27.74 -23.98
CA PHE B 101 -0.96 -28.94 -24.78
C PHE B 101 -2.34 -28.76 -25.42
N VAL B 102 -3.29 -28.23 -24.65
CA VAL B 102 -4.66 -28.03 -25.19
C VAL B 102 -4.54 -27.08 -26.37
N THR B 103 -3.96 -25.90 -26.13
CA THR B 103 -3.82 -24.91 -27.19
C THR B 103 -2.98 -25.46 -28.35
N ALA B 104 -1.97 -26.28 -28.03
CA ALA B 104 -1.21 -26.94 -29.10
C ALA B 104 -2.14 -27.78 -29.98
N MET B 105 -3.05 -28.53 -29.37
CA MET B 105 -3.91 -29.42 -30.13
C MET B 105 -5.08 -28.69 -30.79
N THR B 106 -5.75 -27.81 -30.05
CA THR B 106 -6.99 -27.21 -30.50
C THR B 106 -6.92 -25.71 -30.68
N GLY B 107 -5.80 -25.06 -30.36
CA GLY B 107 -5.70 -23.61 -30.45
C GLY B 107 -4.82 -23.07 -31.55
N ASN B 108 -4.33 -23.92 -32.46
CA ASN B 108 -3.43 -23.50 -33.53
C ASN B 108 -2.18 -22.81 -32.99
N PHE B 109 -1.67 -23.33 -31.87
CA PHE B 109 -0.39 -22.95 -31.26
C PHE B 109 -0.36 -21.51 -30.75
N GLU B 110 -1.48 -20.79 -30.78
CA GLU B 110 -1.55 -19.44 -30.23
C GLU B 110 -2.64 -19.39 -29.18
N SER B 111 -2.34 -18.75 -28.05
CA SER B 111 -3.32 -18.53 -26.99
C SER B 111 -3.01 -17.20 -26.32
N LYS B 112 -3.91 -16.23 -26.48
CA LYS B 112 -3.86 -14.96 -25.76
C LYS B 112 -2.50 -14.26 -25.92
N GLY B 113 -2.02 -14.21 -27.17
CA GLY B 113 -0.76 -13.56 -27.46
C GLY B 113 0.47 -14.38 -27.14
N SER B 114 0.31 -15.56 -26.55
CA SER B 114 1.44 -16.45 -26.28
C SER B 114 1.51 -17.53 -27.35
N ALA B 115 2.72 -17.99 -27.62
CA ALA B 115 2.98 -18.97 -28.66
C ALA B 115 3.55 -20.24 -28.02
N VAL B 116 3.01 -21.39 -28.43
CA VAL B 116 3.61 -22.66 -28.06
C VAL B 116 4.98 -22.76 -28.73
N VAL B 117 5.99 -23.12 -27.95
CA VAL B 117 7.38 -23.04 -28.38
C VAL B 117 7.95 -24.45 -28.51
N LEU B 118 8.59 -24.72 -29.64
CA LEU B 118 9.31 -25.97 -29.87
C LEU B 118 10.77 -25.70 -29.52
N SER B 119 11.16 -26.09 -28.30
CA SER B 119 12.49 -25.78 -27.77
C SER B 119 13.27 -27.06 -27.55
N ALA B 120 14.58 -26.98 -27.78
CA ALA B 120 15.47 -28.12 -27.56
C ALA B 120 16.82 -27.58 -27.10
N VAL B 121 17.65 -28.49 -26.60
CA VAL B 121 18.99 -28.12 -26.13
C VAL B 121 19.93 -29.28 -26.42
N ASP B 123 23.86 -30.95 -26.20
CA ASP B 123 25.09 -30.98 -25.43
C ASP B 123 26.07 -31.97 -26.06
N TYR B 124 27.35 -31.75 -25.79
CA TYR B 124 28.39 -32.62 -26.32
C TYR B 124 28.22 -34.04 -25.82
N PRO B 126 29.27 -36.98 -24.52
CA PRO B 126 30.03 -37.42 -23.35
C PRO B 126 30.83 -38.68 -23.70
N ASP B 127 30.40 -39.38 -24.75
CA ASP B 127 31.13 -40.60 -25.19
C ASP B 127 32.02 -40.22 -26.37
N ASN B 128 33.32 -40.43 -26.22
CA ASN B 128 34.29 -40.09 -27.29
C ASN B 128 34.37 -41.27 -28.26
N SER B 129 33.32 -41.47 -29.05
CA SER B 129 33.29 -42.59 -30.02
C SER B 129 33.41 -41.99 -31.42
N PRO B 130 34.28 -42.51 -32.30
CA PRO B 130 34.50 -41.90 -33.61
C PRO B 130 33.28 -41.89 -34.54
N THR B 131 32.32 -42.78 -34.35
CA THR B 131 31.18 -42.87 -35.31
C THR B 131 29.85 -42.40 -34.71
N PRO B 133 27.71 -39.81 -33.19
CA PRO B 133 26.86 -38.65 -32.89
C PRO B 133 27.60 -37.62 -32.03
N LEU B 134 27.94 -36.47 -32.62
CA LEU B 134 28.71 -35.43 -31.90
C LEU B 134 27.92 -34.90 -30.70
N TYR B 135 26.61 -34.72 -30.85
CA TYR B 135 25.84 -34.08 -29.75
C TYR B 135 24.72 -34.96 -29.23
N LEU B 136 24.40 -34.82 -27.95
CA LEU B 136 23.24 -35.56 -27.39
C LEU B 136 22.10 -34.56 -27.36
N VAL B 137 21.06 -34.79 -28.16
CA VAL B 137 19.97 -33.78 -28.25
C VAL B 137 18.85 -34.12 -27.28
N LYS B 138 18.44 -33.15 -26.47
CA LYS B 138 17.28 -33.37 -25.59
C LYS B 138 16.19 -32.41 -26.03
N LEU B 139 15.05 -32.93 -26.48
CA LEU B 139 13.91 -32.05 -26.80
C LEU B 139 13.37 -31.51 -25.48
N LYS B 140 13.04 -30.22 -25.44
CA LYS B 140 12.51 -29.61 -24.21
C LYS B 140 10.99 -29.65 -24.30
N PRO B 141 10.19 -29.65 -23.22
CA PRO B 141 8.73 -29.73 -23.35
C PRO B 141 8.13 -28.54 -24.08
N LEU B 142 6.91 -28.74 -24.57
CA LEU B 142 6.12 -27.64 -25.11
C LEU B 142 5.87 -26.60 -24.03
N MET B 143 5.86 -25.33 -24.43
CA MET B 143 5.77 -24.26 -23.44
C MET B 143 5.22 -23.00 -24.09
N PHE B 144 4.60 -22.16 -23.27
CA PHE B 144 4.18 -20.84 -23.70
C PHE B 144 5.31 -19.83 -23.59
N GLU B 145 5.42 -18.98 -24.59
CA GLU B 145 6.24 -17.77 -24.51
C GLU B 145 5.54 -16.69 -25.31
N GLN B 146 5.98 -15.45 -25.12
CA GLN B 146 5.35 -14.34 -25.82
C GLN B 146 5.68 -14.42 -27.31
N GLY B 147 4.65 -14.31 -28.14
CA GLY B 147 4.83 -14.40 -29.57
C GLY B 147 5.62 -13.23 -30.13
N CYS B 148 5.94 -13.35 -31.41
CA CYS B 148 6.64 -12.30 -32.14
C CYS B 148 5.96 -12.11 -33.49
N ARG B 149 6.47 -11.15 -34.26
CA ARG B 149 5.87 -10.86 -35.57
C ARG B 149 5.91 -12.08 -36.47
N LEU B 150 7.03 -12.81 -36.48
CA LEU B 150 7.17 -13.93 -37.39
C LEU B 150 6.22 -15.08 -37.02
N THR B 151 6.09 -15.38 -35.73
CA THR B 151 5.16 -16.43 -35.31
C THR B 151 3.71 -16.00 -35.52
N ARG B 152 3.44 -14.69 -35.42
CA ARG B 152 2.08 -14.21 -35.66
C ARG B 152 1.72 -14.15 -37.13
N ARG B 153 2.73 -14.16 -38.02
CA ARG B 153 2.49 -14.11 -39.45
C ARG B 153 2.52 -15.48 -40.11
N PHE B 154 3.37 -16.39 -39.64
CA PHE B 154 3.55 -17.68 -40.29
C PHE B 154 3.12 -18.87 -39.43
N GLY B 155 2.90 -18.68 -38.15
CA GLY B 155 2.47 -19.76 -37.28
C GLY B 155 3.57 -20.23 -36.35
N PRO B 156 3.29 -20.24 -35.05
CA PRO B 156 4.30 -20.69 -34.08
C PRO B 156 4.81 -22.10 -34.34
N ASP B 157 3.98 -22.96 -34.93
CA ASP B 157 4.40 -24.33 -35.21
C ASP B 157 5.54 -24.40 -36.22
N ARG B 158 5.76 -23.35 -36.99
CA ARG B 158 6.79 -23.34 -38.02
C ARG B 158 8.12 -22.80 -37.52
N PHE B 159 8.31 -22.68 -36.21
CA PHE B 159 9.54 -22.16 -35.64
C PHE B 159 10.04 -23.07 -34.53
N PHE B 160 11.34 -23.29 -34.50
CA PHE B 160 11.97 -24.27 -33.63
C PHE B 160 13.35 -23.77 -33.25
N GLU B 161 13.62 -23.67 -31.95
CA GLU B 161 14.86 -23.12 -31.44
C GLU B 161 15.66 -24.17 -30.67
N ILE B 162 16.98 -24.09 -30.78
CA ILE B 162 17.87 -25.01 -30.08
C ILE B 162 18.93 -24.20 -29.34
N LEU B 163 19.59 -24.86 -28.39
CA LEU B 163 20.72 -24.31 -27.64
C LEU B 163 21.89 -25.27 -27.83
N ILE B 164 22.94 -24.81 -28.50
CA ILE B 164 24.04 -25.68 -28.94
C ILE B 164 25.36 -25.01 -28.57
N PRO B 165 26.38 -25.74 -28.12
CA PRO B 165 27.62 -25.09 -27.70
C PRO B 165 28.47 -24.69 -28.89
N SER B 166 29.05 -23.50 -28.80
CA SER B 166 29.84 -22.98 -29.90
C SER B 166 31.15 -23.77 -30.05
N PRO B 167 31.56 -24.08 -31.28
CA PRO B 167 32.88 -24.68 -31.47
C PRO B 167 34.02 -23.75 -31.11
N THR B 168 33.76 -22.45 -30.98
CA THR B 168 34.79 -21.45 -30.68
C THR B 168 34.73 -21.01 -29.22
N SER B 169 34.61 -21.96 -28.31
CA SER B 169 34.78 -21.73 -26.88
C SER B 169 36.09 -22.39 -26.43
N THR B 170 36.43 -22.22 -25.14
CA THR B 170 37.75 -22.70 -24.67
C THR B 170 37.63 -23.77 -23.56
N SER B 171 36.71 -23.63 -22.61
CA SER B 171 36.68 -24.63 -21.51
C SER B 171 36.48 -26.00 -22.16
N PRO B 172 37.28 -27.03 -21.82
CA PRO B 172 37.19 -28.31 -22.53
C PRO B 172 36.22 -29.34 -21.96
N SER B 173 35.16 -29.67 -22.71
CA SER B 173 34.23 -30.73 -22.25
C SER B 173 34.30 -31.92 -23.22
N PRO B 175 36.65 -31.38 -25.47
CA PRO B 175 35.78 -31.91 -26.53
C PRO B 175 36.59 -32.71 -27.55
N PRO B 176 35.98 -33.65 -28.30
CA PRO B 176 36.70 -34.37 -29.33
C PRO B 176 37.19 -33.30 -30.31
N VAL B 178 37.67 -30.29 -32.59
CA VAL B 178 38.10 -29.33 -31.53
C VAL B 178 39.49 -29.72 -31.06
N SER B 179 39.64 -30.93 -30.54
CA SER B 179 40.96 -31.42 -30.07
C SER B 179 41.82 -31.79 -31.29
N GLN B 181 40.52 -31.41 -34.70
CA GLN B 181 40.41 -31.08 -36.14
C GLN B 181 40.37 -29.56 -36.35
N PRO B 182 41.06 -29.04 -37.40
CA PRO B 182 41.07 -27.60 -37.71
C PRO B 182 39.77 -26.94 -38.24
N GLY B 183 39.00 -27.64 -39.08
CA GLY B 183 37.82 -27.02 -39.73
C GLY B 183 36.51 -27.36 -39.06
N ALA B 184 36.54 -27.76 -37.78
CA ALA B 184 35.31 -28.19 -37.09
C ALA B 184 34.30 -27.05 -37.08
N VAL B 185 34.78 -25.82 -36.90
CA VAL B 185 33.86 -24.65 -36.83
C VAL B 185 33.09 -24.57 -38.15
N GLU B 186 33.78 -24.68 -39.27
CA GLU B 186 33.10 -24.61 -40.58
C GLU B 186 32.17 -25.82 -40.70
N GLU B 187 32.62 -26.98 -40.24
CA GLU B 187 31.81 -28.21 -40.37
C GLU B 187 30.51 -28.04 -39.58
N VAL B 188 30.61 -27.47 -38.37
CA VAL B 188 29.39 -27.31 -37.52
C VAL B 188 28.45 -26.33 -38.23
N ILE B 189 29.00 -25.25 -38.78
CA ILE B 189 28.17 -24.24 -39.49
C ILE B 189 27.55 -24.92 -40.71
N GLN B 190 28.30 -25.79 -41.38
CA GLN B 190 27.78 -26.50 -42.59
C GLN B 190 26.58 -27.36 -42.19
N TRP B 191 26.64 -28.02 -41.04
CA TRP B 191 25.53 -28.92 -40.66
C TRP B 191 24.26 -28.08 -40.51
N LEU B 192 24.34 -26.96 -39.78
CA LEU B 192 23.14 -26.12 -39.52
C LEU B 192 22.64 -25.37 -40.75
N THR B 193 23.53 -24.81 -41.57
CA THR B 193 23.07 -23.92 -42.68
C THR B 193 23.00 -24.54 -44.07
N MET B 194 23.77 -25.57 -44.37
CA MET B 194 23.83 -26.10 -45.76
C MET B 194 22.48 -26.67 -46.22
N GLY B 195 21.79 -27.39 -45.35
CA GLY B 195 20.54 -28.03 -45.80
C GLY B 195 19.49 -28.14 -44.73
N GLN B 196 18.41 -28.85 -45.04
CA GLN B 196 17.27 -28.99 -44.12
C GLN B 196 17.53 -30.05 -43.07
N HIS B 197 16.81 -30.00 -41.96
CA HIS B 197 16.92 -30.96 -40.88
C HIS B 197 15.54 -31.55 -40.63
N SER B 198 15.47 -32.88 -40.52
CA SER B 198 14.16 -33.57 -40.38
C SER B 198 13.84 -33.92 -38.93
N LEU B 199 12.75 -33.39 -38.39
CA LEU B 199 12.29 -33.75 -37.03
C LEU B 199 10.77 -33.64 -36.94
N VAL B 200 10.11 -34.57 -36.26
CA VAL B 200 8.65 -34.47 -35.98
C VAL B 200 7.88 -34.30 -37.30
N GLY B 201 8.39 -34.85 -38.39
CA GLY B 201 7.66 -34.81 -39.67
C GLY B 201 7.81 -33.52 -40.42
N ARG B 202 8.69 -32.63 -39.96
CA ARG B 202 8.80 -31.31 -40.61
C ARG B 202 10.25 -31.03 -41.00
N GLN B 203 10.46 -30.36 -42.13
CA GLN B 203 11.81 -29.99 -42.58
C GLN B 203 12.17 -28.60 -42.04
N TRP B 204 13.14 -28.53 -41.14
CA TRP B 204 13.54 -27.28 -40.50
C TRP B 204 14.82 -26.75 -41.14
N ARG B 205 14.79 -25.49 -41.55
CA ARG B 205 15.96 -24.79 -42.08
C ARG B 205 16.34 -23.67 -41.14
N ALA B 206 17.65 -23.50 -40.92
CA ALA B 206 18.13 -22.49 -40.00
C ALA B 206 18.14 -21.11 -40.66
N PHE B 207 17.68 -20.10 -39.91
CA PHE B 207 17.64 -18.74 -40.43
C PHE B 207 18.25 -17.69 -39.50
N PHE B 208 18.51 -18.01 -38.23
CA PHE B 208 19.09 -17.05 -37.31
C PHE B 208 19.89 -17.76 -36.24
N ALA B 209 20.90 -17.07 -35.71
CA ALA B 209 21.66 -17.54 -34.58
C ALA B 209 22.19 -16.35 -33.79
N LYS B 210 22.20 -16.48 -32.47
CA LYS B 210 22.79 -15.46 -31.60
C LYS B 210 23.17 -16.10 -30.28
N ASP B 211 24.21 -15.56 -29.66
CA ASP B 211 24.68 -16.05 -28.38
C ASP B 211 23.60 -15.84 -27.31
N ALA B 212 23.45 -16.83 -26.44
CA ALA B 212 22.42 -16.79 -25.41
C ALA B 212 23.00 -16.30 -24.08
N PRO B 230 31.52 -24.01 -17.36
CA PRO B 230 30.33 -23.77 -18.17
C PRO B 230 30.67 -23.28 -19.58
N ILE B 231 30.02 -23.86 -20.58
CA ILE B 231 30.34 -23.60 -21.98
C ILE B 231 29.46 -22.47 -22.49
N ILE B 232 29.94 -21.78 -23.53
CA ILE B 232 29.17 -20.75 -24.22
C ILE B 232 28.28 -21.42 -25.25
N LYS B 233 26.96 -21.24 -25.11
CA LYS B 233 25.97 -21.83 -25.99
C LYS B 233 25.28 -20.73 -26.78
N GLU B 234 25.02 -21.01 -28.05
CA GLU B 234 24.33 -20.06 -28.92
C GLU B 234 22.94 -20.60 -29.25
N ARG B 235 22.00 -19.67 -29.43
CA ARG B 235 20.62 -20.01 -29.75
C ARG B 235 20.45 -19.97 -31.27
N VAL B 236 20.02 -21.08 -31.85
CA VAL B 236 19.79 -21.20 -33.29
C VAL B 236 18.29 -21.37 -33.52
N HIS B 237 17.78 -20.70 -34.55
CA HIS B 237 16.35 -20.71 -34.86
C HIS B 237 16.12 -21.41 -36.19
N PHE B 238 15.06 -22.20 -36.26
CA PHE B 238 14.72 -22.96 -37.45
C PHE B 238 13.31 -22.66 -37.89
N PHE B 239 13.08 -22.72 -39.19
CA PHE B 239 11.76 -22.51 -39.79
C PHE B 239 11.37 -23.77 -40.54
N ALA B 240 10.11 -24.20 -40.36
CA ALA B 240 9.60 -25.38 -41.04
C ALA B 240 9.26 -25.02 -42.47
N GLU B 241 10.12 -25.43 -43.40
CA GLU B 241 9.92 -25.13 -44.81
C GLU B 241 8.96 -26.11 -45.48
N THR B 242 8.96 -27.35 -45.02
CA THR B 242 8.21 -28.43 -45.67
C THR B 242 7.89 -29.46 -44.60
N GLY B 243 6.90 -30.31 -44.89
CA GLY B 243 6.57 -31.38 -43.97
C GLY B 243 5.71 -32.44 -44.62
N ILE B 244 5.31 -33.41 -43.80
CA ILE B 244 4.43 -34.48 -44.28
C ILE B 244 3.03 -33.94 -44.55
N THR B 245 2.50 -33.13 -43.64
CA THR B 245 1.17 -32.56 -43.77
C THR B 245 1.16 -31.25 -44.55
N PHE B 246 2.25 -30.92 -45.24
CA PHE B 246 2.38 -29.64 -45.91
C PHE B 246 1.84 -29.72 -47.34
N ARG B 247 1.04 -28.73 -47.72
CA ARG B 247 0.54 -28.65 -49.08
C ARG B 247 1.60 -28.08 -50.00
N PRO B 248 1.94 -28.75 -51.11
CA PRO B 248 2.91 -28.18 -52.05
C PRO B 248 2.26 -27.16 -52.98
N ASP B 249 1.92 -25.99 -52.43
CA ASP B 249 1.21 -24.98 -53.18
C ASP B 249 2.13 -23.81 -53.54
N GLU B 261 -5.33 -20.82 -42.86
CA GLU B 261 -4.33 -21.90 -42.91
C GLU B 261 -4.01 -22.42 -41.52
N PRO B 262 -4.58 -23.58 -41.18
CA PRO B 262 -4.36 -24.17 -39.85
C PRO B 262 -2.99 -24.84 -39.78
N VAL B 263 -2.69 -25.37 -38.60
CA VAL B 263 -1.37 -25.95 -38.33
C VAL B 263 -1.10 -27.13 -39.24
N GLU B 264 -2.11 -27.95 -39.50
CA GLU B 264 -1.93 -29.19 -40.25
C GLU B 264 -2.17 -29.04 -41.74
N GLN B 265 -2.34 -27.81 -42.24
CA GLN B 265 -2.46 -27.58 -43.68
C GLN B 265 -1.58 -26.41 -44.10
N ARG B 266 -0.31 -26.48 -43.70
CA ARG B 266 0.65 -25.42 -43.99
C ARG B 266 1.15 -25.54 -45.42
N THR B 267 1.02 -24.45 -46.18
CA THR B 267 1.63 -24.38 -47.50
C THR B 267 3.16 -24.30 -47.35
N GLU B 268 3.87 -25.10 -48.13
CA GLU B 268 5.33 -25.07 -48.12
C GLU B 268 5.82 -23.66 -48.42
N PHE B 269 6.73 -23.17 -47.57
CA PHE B 269 7.28 -21.83 -47.70
C PHE B 269 8.75 -21.88 -47.32
N LYS B 270 9.59 -21.26 -48.14
CA LYS B 270 11.03 -21.32 -47.93
C LYS B 270 11.51 -20.17 -47.04
N VAL B 271 12.57 -20.46 -46.27
CA VAL B 271 13.17 -19.46 -45.39
C VAL B 271 13.54 -18.22 -46.19
N SER B 272 14.13 -18.41 -47.37
CA SER B 272 14.48 -17.28 -48.24
C SER B 272 13.27 -16.42 -48.55
N GLN B 273 12.08 -17.02 -48.60
CA GLN B 273 10.86 -16.25 -48.82
C GLN B 273 10.38 -15.60 -47.53
N MET B 274 10.44 -16.33 -46.41
CA MET B 274 10.08 -15.74 -45.12
C MET B 274 10.93 -14.52 -44.82
N LEU B 275 12.25 -14.65 -44.96
CA LEU B 275 13.14 -13.53 -44.73
C LEU B 275 12.91 -12.41 -45.74
N ASP B 276 12.54 -12.77 -46.98
CA ASP B 276 12.21 -11.75 -47.97
C ASP B 276 10.91 -11.03 -47.61
N TRP B 277 9.99 -11.71 -46.90
CA TRP B 277 8.79 -11.03 -46.44
C TRP B 277 9.13 -10.01 -45.36
N LEU B 278 10.00 -10.38 -44.43
CA LEU B 278 10.32 -9.49 -43.31
C LEU B 278 11.15 -8.31 -43.77
N LEU B 279 12.25 -8.58 -44.49
CA LEU B 279 13.24 -7.55 -44.79
C LEU B 279 13.05 -6.90 -46.16
N GLN B 280 12.18 -7.45 -47.02
CA GLN B 280 11.98 -6.93 -48.38
C GLN B 280 13.32 -6.74 -49.08
N LEU B 281 13.99 -7.88 -49.29
CA LEU B 281 15.41 -7.86 -49.64
C LEU B 281 15.69 -7.06 -50.90
N ASP B 282 14.76 -7.07 -51.86
CA ASP B 282 14.98 -6.37 -53.13
C ASP B 282 15.33 -4.91 -52.91
N ASN B 283 14.67 -4.25 -51.98
CA ASN B 283 14.89 -2.84 -51.71
C ASN B 283 15.96 -2.61 -50.64
N ASN B 284 16.71 -3.65 -50.25
CA ASN B 284 17.72 -3.51 -49.21
C ASN B 284 19.01 -4.23 -49.58
N THR B 285 19.27 -4.40 -50.88
CA THR B 285 20.52 -5.01 -51.32
C THR B 285 21.72 -4.12 -51.03
N TRP B 286 21.49 -2.82 -50.82
CA TRP B 286 22.58 -1.89 -50.52
C TRP B 286 23.13 -2.09 -49.11
N GLN B 287 22.40 -2.78 -48.23
CA GLN B 287 22.86 -2.96 -46.86
C GLN B 287 23.96 -4.01 -46.79
N PRO B 288 24.92 -3.84 -45.88
CA PRO B 288 25.84 -4.93 -45.55
C PRO B 288 25.03 -6.15 -45.09
N HIS B 289 25.37 -7.31 -45.63
CA HIS B 289 24.56 -8.50 -45.38
C HIS B 289 24.63 -8.95 -43.93
N LEU B 290 25.71 -8.63 -43.23
CA LEU B 290 25.79 -9.00 -41.81
C LEU B 290 24.87 -8.14 -40.96
N LYS B 291 24.69 -6.86 -41.32
CA LYS B 291 23.72 -6.02 -40.63
C LYS B 291 22.29 -6.40 -41.00
N LEU B 292 22.08 -6.79 -42.26
CA LEU B 292 20.75 -7.24 -42.69
C LEU B 292 20.31 -8.46 -41.89
N PHE B 293 21.21 -9.42 -41.71
CA PHE B 293 20.94 -10.59 -40.89
C PHE B 293 20.58 -10.20 -39.46
N SER B 294 21.22 -9.14 -38.95
CA SER B 294 20.95 -8.71 -37.58
C SER B 294 19.53 -8.17 -37.42
N ARG B 295 18.96 -7.60 -38.48
CA ARG B 295 17.60 -7.08 -38.40
C ARG B 295 16.56 -8.17 -38.29
N ILE B 296 16.95 -9.44 -38.44
CA ILE B 296 16.04 -10.56 -38.17
C ILE B 296 15.64 -10.60 -36.70
N GLN B 297 16.44 -9.97 -35.83
CA GLN B 297 16.05 -9.86 -34.42
C GLN B 297 14.71 -9.16 -34.27
N LEU B 298 14.46 -8.14 -35.08
CA LEU B 298 13.20 -7.39 -34.98
C LEU B 298 12.00 -8.28 -35.26
N GLY B 299 12.16 -9.29 -36.12
CA GLY B 299 11.07 -10.22 -36.37
C GLY B 299 10.90 -11.28 -35.30
N LEU B 300 11.98 -11.61 -34.58
CA LEU B 300 11.93 -12.57 -33.50
C LEU B 300 11.63 -11.93 -32.15
N SER B 301 11.67 -10.61 -32.06
CA SER B 301 11.49 -9.91 -30.80
C SER B 301 10.13 -10.21 -30.19
N LYS B 302 10.14 -10.75 -28.96
CA LYS B 302 8.92 -11.07 -28.25
C LYS B 302 8.19 -9.78 -27.88
N THR B 303 7.08 -9.50 -28.56
CA THR B 303 6.38 -8.24 -28.41
C THR B 303 4.90 -8.47 -28.23
N TYR B 304 4.24 -7.47 -27.64
CA TYR B 304 2.80 -7.48 -27.43
C TYR B 304 2.15 -6.72 -28.58
N ALA B 305 1.44 -7.45 -29.44
CA ALA B 305 0.69 -6.82 -30.51
C ALA B 305 -0.39 -5.93 -29.92
N ILE B 306 -0.38 -4.65 -30.30
CA ILE B 306 -1.32 -3.68 -29.76
C ILE B 306 -2.42 -3.41 -30.77
N MET B 307 -2.06 -2.84 -31.91
CA MET B 307 -3.05 -2.38 -32.87
C MET B 307 -2.41 -2.26 -34.24
N THR B 308 -3.26 -2.32 -35.26
CA THR B 308 -2.85 -2.14 -36.65
C THR B 308 -3.29 -0.77 -37.12
N LEU B 309 -2.36 -0.01 -37.68
CA LEU B 309 -2.64 1.34 -38.15
C LEU B 309 -2.73 1.37 -39.67
N GLU B 310 -3.57 2.25 -40.18
CA GLU B 310 -3.74 2.35 -41.62
C GLU B 310 -2.63 3.20 -42.24
N PRO B 311 -2.33 2.99 -43.53
CA PRO B 311 -1.24 3.75 -44.16
C PRO B 311 -1.39 5.26 -44.01
N HIS B 312 -2.63 5.76 -44.00
CA HIS B 312 -2.83 7.19 -43.83
C HIS B 312 -2.67 7.65 -42.39
N GLN B 313 -2.53 6.72 -41.45
CA GLN B 313 -2.25 7.06 -40.05
C GLN B 313 -0.78 6.89 -39.69
N ILE B 314 0.10 6.92 -40.68
CA ILE B 314 1.53 6.70 -40.47
C ILE B 314 2.30 7.84 -41.13
N ARG B 315 3.16 8.50 -40.35
CA ARG B 315 3.91 9.67 -40.79
C ARG B 315 5.39 9.29 -40.90
N HIS B 316 5.79 8.87 -42.09
CA HIS B 316 7.20 8.57 -42.37
C HIS B 316 7.94 9.88 -42.63
N HIS B 317 8.76 10.31 -41.68
CA HIS B 317 9.64 11.45 -41.90
C HIS B 317 10.84 11.01 -42.72
N LYS B 318 11.31 11.88 -43.61
CA LYS B 318 12.49 11.60 -44.39
C LYS B 318 13.77 12.12 -43.76
N THR B 319 13.65 13.06 -42.82
CA THR B 319 14.80 13.64 -42.13
C THR B 319 14.62 13.49 -40.63
N ASP B 320 15.71 13.20 -39.93
CA ASP B 320 15.71 13.20 -38.47
C ASP B 320 15.75 14.63 -37.95
N LEU B 321 15.58 14.77 -36.64
CA LEU B 321 15.80 16.05 -35.97
C LEU B 321 17.29 16.27 -35.85
N LEU B 322 17.80 17.28 -36.55
CA LEU B 322 19.23 17.55 -36.59
C LEU B 322 19.59 18.71 -35.67
N SER B 323 20.87 18.78 -35.33
CA SER B 323 21.35 19.80 -34.41
C SER B 323 21.07 21.19 -34.96
N PRO B 324 20.53 22.11 -34.16
CA PRO B 324 20.36 23.49 -34.64
C PRO B 324 21.67 24.20 -34.92
N SER B 325 22.81 23.60 -34.57
CA SER B 325 24.12 24.17 -34.80
C SER B 325 24.70 23.79 -36.16
N GLY B 326 23.91 23.15 -37.03
CA GLY B 326 24.38 22.77 -38.34
C GLY B 326 25.45 21.70 -38.35
N THR B 327 25.68 21.01 -37.24
CA THR B 327 26.67 19.94 -37.18
C THR B 327 26.20 18.64 -37.80
N GLY B 328 24.94 18.56 -38.22
CA GLY B 328 24.39 17.37 -38.83
C GLY B 328 24.07 16.24 -37.88
N GLU B 329 24.35 16.38 -36.60
CA GLU B 329 24.12 15.30 -35.64
C GLU B 329 22.62 15.08 -35.43
N VAL B 330 22.24 13.82 -35.24
CA VAL B 330 20.82 13.46 -35.00
C VAL B 330 20.53 13.56 -33.51
N MET B 331 19.53 14.35 -33.14
CA MET B 331 19.19 14.58 -31.71
C MET B 331 17.98 13.73 -31.28
N ASN B 332 17.43 12.91 -32.18
CA ASN B 332 16.26 12.06 -31.88
C ASN B 332 16.48 10.60 -32.30
N ASP B 333 17.68 10.06 -32.08
CA ASP B 333 17.94 8.68 -32.60
C ASP B 333 17.04 7.68 -31.88
N GLY B 334 16.20 6.98 -32.64
CA GLY B 334 15.33 5.93 -32.09
C GLY B 334 14.05 6.41 -31.47
N VAL B 335 13.77 7.72 -31.49
CA VAL B 335 12.58 8.22 -30.76
C VAL B 335 11.60 8.91 -31.70
N GLY B 336 10.32 8.61 -31.54
CA GLY B 336 9.27 9.26 -32.33
C GLY B 336 8.04 9.49 -31.49
N ARG B 337 7.11 10.29 -31.99
CA ARG B 337 5.88 10.56 -31.28
C ARG B 337 4.75 9.66 -31.75
N MET B 338 3.82 9.40 -30.84
CA MET B 338 2.60 8.66 -31.09
C MET B 338 1.43 9.47 -30.55
N SER B 339 0.23 9.12 -30.99
CA SER B 339 -0.95 9.87 -30.60
C SER B 339 -1.38 9.50 -29.19
N ARG B 340 -2.08 10.42 -28.53
N ARG B 340 -2.08 10.42 -28.53
CA ARG B 340 -2.61 10.12 -27.20
CA ARG B 340 -2.64 10.14 -27.22
C ARG B 340 -3.65 9.00 -27.26
C ARG B 340 -3.63 8.99 -27.28
N SER B 341 -4.33 8.84 -28.41
CA SER B 341 -5.27 7.74 -28.55
C SER B 341 -4.54 6.41 -28.70
N VAL B 342 -3.40 6.38 -29.40
CA VAL B 342 -2.62 5.12 -29.56
C VAL B 342 -2.10 4.68 -28.18
N ALA B 343 -1.66 5.63 -27.37
CA ALA B 343 -1.19 5.31 -26.01
C ALA B 343 -2.33 4.74 -25.17
N LYS B 344 -3.53 5.28 -25.35
CA LYS B 344 -4.71 4.76 -24.61
C LYS B 344 -4.98 3.31 -25.00
N ARG B 345 -4.86 2.98 -26.28
CA ARG B 345 -5.03 1.57 -26.72
C ARG B 345 -3.95 0.69 -26.08
N ILE B 346 -2.71 1.17 -26.03
CA ILE B 346 -1.63 0.39 -25.35
C ILE B 346 -2.09 0.07 -23.93
N ARG B 347 -2.62 1.06 -23.21
CA ARG B 347 -3.13 0.81 -21.87
C ARG B 347 -4.23 -0.25 -21.90
N ASP B 348 -5.19 -0.09 -22.81
CA ASP B 348 -6.38 -0.98 -22.81
C ASP B 348 -6.01 -2.44 -23.04
N VAL B 349 -5.21 -2.73 -24.06
CA VAL B 349 -4.94 -4.13 -24.39
C VAL B 349 -3.92 -4.77 -23.45
N LEU B 350 -3.07 -3.97 -22.80
CA LEU B 350 -2.06 -4.51 -21.90
C LEU B 350 -2.55 -4.60 -20.46
N GLY B 351 -3.65 -3.95 -20.12
CA GLY B 351 -4.19 -4.03 -18.78
C GLY B 351 -3.52 -3.10 -17.78
N LEU B 352 -3.13 -1.91 -18.21
CA LEU B 352 -2.43 -0.98 -17.34
C LEU B 352 -3.42 0.00 -16.71
N GLY B 353 -3.05 0.52 -15.54
CA GLY B 353 -3.91 1.47 -14.86
C GLY B 353 -3.77 2.90 -15.31
N ASP B 354 -2.83 3.17 -16.22
CA ASP B 354 -2.54 4.52 -16.66
C ASP B 354 -2.05 4.50 -18.10
N VAL B 355 -2.33 5.58 -18.81
CA VAL B 355 -1.80 5.75 -20.17
C VAL B 355 -0.28 5.87 -20.06
N PRO B 356 0.48 4.97 -20.66
CA PRO B 356 1.94 5.10 -20.63
C PRO B 356 2.38 6.33 -21.42
N SER B 357 3.33 7.07 -20.84
CA SER B 357 3.87 8.23 -21.54
C SER B 357 4.76 7.82 -22.71
N ALA B 358 5.41 6.66 -22.61
CA ALA B 358 6.37 6.23 -23.60
C ALA B 358 6.48 4.71 -23.56
N VAL B 359 6.78 4.12 -24.71
CA VAL B 359 6.87 2.67 -24.84
C VAL B 359 8.11 2.32 -25.67
N GLN B 360 8.65 1.14 -25.42
CA GLN B 360 9.67 0.55 -26.27
C GLN B 360 8.99 -0.46 -27.18
N GLY B 361 9.18 -0.31 -28.49
CA GLY B 361 8.45 -1.14 -29.41
C GLY B 361 9.08 -1.25 -30.77
N ARG B 362 8.32 -1.87 -31.68
CA ARG B 362 8.69 -2.00 -33.09
C ARG B 362 7.46 -1.74 -33.94
N PHE B 363 7.70 -1.38 -35.18
CA PHE B 363 6.62 -1.03 -36.10
C PHE B 363 7.18 -1.10 -37.51
N GLY B 364 6.84 -2.17 -38.23
CA GLY B 364 7.48 -2.42 -39.51
C GLY B 364 8.99 -2.54 -39.31
N SER B 365 9.74 -1.79 -40.11
CA SER B 365 11.19 -1.75 -39.96
C SER B 365 11.65 -0.83 -38.85
N ALA B 366 10.74 -0.09 -38.23
CA ALA B 366 11.10 0.90 -37.22
C ALA B 366 11.26 0.24 -35.86
N LYS B 367 12.27 0.70 -35.11
CA LYS B 367 12.55 0.20 -33.78
C LYS B 367 12.95 1.36 -32.88
N GLY B 368 12.42 1.38 -31.68
CA GLY B 368 12.86 2.38 -30.72
C GLY B 368 11.77 2.70 -29.71
N MET B 369 11.81 3.93 -29.23
CA MET B 369 10.85 4.47 -28.28
C MET B 369 9.77 5.25 -29.02
N TRP B 370 8.58 5.26 -28.45
CA TRP B 370 7.50 6.11 -28.94
C TRP B 370 6.87 6.82 -27.75
N VAL B 371 6.73 8.14 -27.86
CA VAL B 371 6.29 8.98 -26.76
C VAL B 371 5.06 9.77 -27.20
N ILE B 372 4.16 10.00 -26.24
CA ILE B 372 2.94 10.77 -26.51
C ILE B 372 3.30 12.15 -27.02
N ASP B 373 2.56 12.59 -28.05
CA ASP B 373 2.61 13.98 -28.48
C ASP B 373 1.86 14.84 -27.47
N VAL B 374 2.60 15.67 -26.72
CA VAL B 374 1.96 16.54 -25.73
C VAL B 374 1.02 17.53 -26.39
N ASP B 375 1.21 17.82 -27.68
CA ASP B 375 0.40 18.78 -28.40
C ASP B 375 -0.75 18.13 -29.15
N ASP B 376 -1.02 16.84 -28.92
CA ASP B 376 -2.13 16.17 -29.56
C ASP B 376 -3.44 16.61 -28.91
N THR B 377 -4.25 17.37 -29.65
CA THR B 377 -5.52 17.85 -29.13
C THR B 377 -6.72 17.03 -29.59
N GLY B 378 -6.59 16.31 -30.71
CA GLY B 378 -7.66 15.44 -31.19
C GLY B 378 -7.59 14.06 -30.59
N ASP B 379 -8.41 13.17 -31.14
CA ASP B 379 -8.42 11.76 -30.75
C ASP B 379 -8.34 10.87 -31.98
N GLU B 380 -7.60 11.31 -32.99
CA GLU B 380 -7.32 10.52 -34.17
C GLU B 380 -6.05 9.69 -33.94
N ASP B 381 -6.10 8.42 -34.35
CA ASP B 381 -4.96 7.52 -34.17
C ASP B 381 -3.87 7.80 -35.20
N TRP B 382 -2.61 7.91 -34.75
CA TRP B 382 -1.50 8.11 -35.67
C TRP B 382 -0.19 7.76 -34.97
N ILE B 383 0.87 7.63 -35.79
CA ILE B 383 2.22 7.39 -35.31
C ILE B 383 3.18 7.87 -36.39
N GLU B 384 4.40 8.25 -35.98
CA GLU B 384 5.43 8.70 -36.88
C GLU B 384 6.66 7.80 -36.79
N THR B 385 7.45 7.80 -37.86
CA THR B 385 8.75 7.14 -37.88
C THR B 385 9.80 8.10 -38.42
N TYR B 386 11.05 7.83 -38.06
CA TYR B 386 12.19 8.60 -38.51
C TYR B 386 13.23 7.67 -39.15
N PRO B 387 14.16 8.21 -39.93
CA PRO B 387 15.21 7.35 -40.49
C PRO B 387 16.03 6.64 -39.44
N SER B 388 16.30 7.30 -38.31
CA SER B 388 17.09 6.68 -37.25
C SER B 388 16.40 5.45 -36.66
N GLN B 389 15.07 5.36 -36.76
CA GLN B 389 14.35 4.20 -36.27
C GLN B 389 14.24 3.08 -37.31
N ARG B 390 14.16 3.43 -38.60
CA ARG B 390 13.87 2.45 -39.63
C ARG B 390 15.13 1.70 -40.02
N LYS B 391 15.13 0.39 -39.75
CA LYS B 391 16.34 -0.45 -39.91
C LYS B 391 16.46 -1.05 -41.32
N TRP B 392 15.41 -0.95 -42.13
CA TRP B 392 15.49 -1.37 -43.53
C TRP B 392 14.39 -0.67 -44.29
N GLU B 393 14.53 -0.64 -45.62
CA GLU B 393 13.49 -0.04 -46.45
C GLU B 393 12.27 -0.96 -46.47
N CYS B 394 11.17 -0.45 -45.92
CA CYS B 394 9.95 -1.21 -45.72
C CYS B 394 8.80 -0.44 -46.35
N ASP B 395 7.86 -1.17 -46.98
CA ASP B 395 6.75 -0.50 -47.62
C ASP B 395 5.54 -0.31 -46.71
N PHE B 396 5.51 -0.98 -45.56
CA PHE B 396 4.42 -0.88 -44.60
C PHE B 396 3.07 -1.15 -45.27
N VAL B 397 2.96 -2.35 -45.84
CA VAL B 397 1.76 -2.77 -46.59
C VAL B 397 1.02 -3.88 -45.85
N ASP B 398 1.66 -5.03 -45.67
CA ASP B 398 1.09 -6.10 -44.86
C ASP B 398 0.75 -5.57 -43.48
N LYS B 399 -0.38 -6.02 -42.93
CA LYS B 399 -0.83 -5.52 -41.63
C LYS B 399 0.16 -5.87 -40.53
N HIS B 400 0.97 -6.92 -40.72
CA HIS B 400 1.99 -7.26 -39.74
C HIS B 400 3.20 -6.34 -39.80
N GLN B 401 3.39 -5.64 -40.92
CA GLN B 401 4.38 -4.57 -41.03
C GLN B 401 3.79 -3.22 -40.64
N ARG B 402 2.54 -3.20 -40.17
CA ARG B 402 1.87 -1.97 -39.74
C ARG B 402 1.27 -2.11 -38.35
N THR B 403 1.64 -3.13 -37.59
CA THR B 403 1.15 -3.35 -36.24
C THR B 403 2.15 -2.79 -35.25
N LEU B 404 1.67 -1.94 -34.33
CA LEU B 404 2.53 -1.49 -33.25
C LEU B 404 2.75 -2.65 -32.29
N GLU B 405 4.02 -3.04 -32.11
CA GLU B 405 4.42 -4.16 -31.28
C GLU B 405 5.21 -3.60 -30.11
N VAL B 406 4.71 -3.80 -28.89
CA VAL B 406 5.30 -3.20 -27.70
C VAL B 406 6.18 -4.23 -27.00
N ARG B 407 7.43 -3.85 -26.74
CA ARG B 407 8.33 -4.67 -25.94
C ARG B 407 8.15 -4.41 -24.45
N SER B 408 8.02 -3.15 -24.04
CA SER B 408 7.81 -2.78 -22.65
C SER B 408 7.37 -1.32 -22.60
N VAL B 409 6.83 -0.95 -21.44
CA VAL B 409 6.32 0.42 -21.23
C VAL B 409 7.15 1.09 -20.13
N ALA B 410 7.17 2.42 -20.11
CA ALA B 410 7.90 3.13 -19.06
C ALA B 410 7.02 3.13 -17.82
N SER B 411 7.37 2.30 -16.85
CA SER B 411 6.57 2.13 -15.63
C SER B 411 7.15 2.90 -14.46
N GLU B 412 6.56 2.73 -13.28
CA GLU B 412 7.00 3.45 -12.07
C GLU B 412 8.45 3.11 -11.75
N LEU B 413 9.20 4.10 -11.27
CA LEU B 413 10.64 3.92 -11.00
C LEU B 413 10.88 3.53 -9.55
N LYS B 414 11.87 2.66 -9.32
CA LYS B 414 12.28 2.28 -7.94
C LYS B 414 13.73 2.71 -7.78
N SER B 415 14.19 2.93 -6.55
CA SER B 415 15.57 3.41 -6.33
C SER B 415 16.60 2.45 -6.90
N ALA B 416 17.65 3.01 -7.49
CA ALA B 416 18.68 2.20 -8.13
C ALA B 416 19.89 1.95 -7.25
N GLY B 417 20.27 2.91 -6.42
CA GLY B 417 21.54 2.83 -5.73
C GLY B 417 22.67 3.20 -6.66
N LEU B 418 23.88 3.09 -6.14
CA LEU B 418 25.10 3.39 -6.88
C LEU B 418 25.91 2.09 -6.96
N ASN B 419 25.89 1.43 -8.11
CA ASN B 419 26.68 0.22 -8.24
C ASN B 419 28.17 0.59 -8.33
N LEU B 420 29.02 -0.35 -7.91
CA LEU B 420 30.42 -0.02 -7.71
C LEU B 420 31.13 0.34 -9.01
N GLN B 421 30.60 -0.13 -10.15
CA GLN B 421 31.27 0.09 -11.42
C GLN B 421 31.44 1.57 -11.75
N LEU B 422 30.53 2.42 -11.24
CA LEU B 422 30.58 3.84 -11.57
C LEU B 422 31.60 4.60 -10.72
N LEU B 423 31.99 4.06 -9.57
CA LEU B 423 32.81 4.83 -8.63
C LEU B 423 34.15 5.28 -9.20
N PRO B 424 34.90 4.46 -9.96
CA PRO B 424 36.14 4.98 -10.55
C PRO B 424 35.95 6.24 -11.38
N VAL B 425 34.92 6.31 -12.22
CA VAL B 425 34.71 7.52 -13.01
C VAL B 425 34.24 8.67 -12.11
N LEU B 426 33.38 8.37 -11.13
CA LEU B 426 32.98 9.40 -10.18
C LEU B 426 34.17 9.91 -9.38
N GLU B 427 35.15 9.06 -9.12
CA GLU B 427 36.35 9.51 -8.43
C GLU B 427 37.25 10.32 -9.36
N ASP B 428 37.34 9.91 -10.63
CA ASP B 428 38.12 10.66 -11.60
C ASP B 428 37.61 12.09 -11.78
N ARG B 429 36.32 12.30 -11.52
CA ARG B 429 35.68 13.59 -11.77
C ARG B 429 35.44 14.39 -10.50
N ALA B 430 35.79 13.85 -9.34
CA ALA B 430 35.62 14.58 -8.09
C ALA B 430 36.58 15.76 -8.03
N ARG B 431 36.06 16.93 -7.65
CA ARG B 431 36.94 18.08 -7.49
C ARG B 431 37.87 17.91 -6.29
N ASP B 432 37.46 17.13 -5.30
CA ASP B 432 38.32 16.71 -4.19
C ASP B 432 38.11 15.22 -4.00
N LYS B 433 39.07 14.42 -4.46
CA LYS B 433 38.94 12.97 -4.40
C LYS B 433 39.04 12.42 -2.98
N VAL B 434 39.66 13.16 -2.06
CA VAL B 434 39.81 12.66 -0.70
C VAL B 434 38.52 12.82 0.08
N LYS B 435 37.80 13.94 -0.11
CA LYS B 435 36.52 14.09 0.56
C LYS B 435 35.48 13.12 -0.01
N MET B 436 35.49 12.89 -1.32
CA MET B 436 34.49 12.00 -1.90
C MET B 436 34.63 10.59 -1.35
N ARG B 437 35.86 10.09 -1.29
CA ARG B 437 36.09 8.76 -0.74
C ARG B 437 35.64 8.69 0.71
N GLN B 438 35.96 9.71 1.50
CA GLN B 438 35.52 9.75 2.89
C GLN B 438 33.99 9.76 2.99
N ALA B 439 33.33 10.48 2.08
CA ALA B 439 31.87 10.60 2.15
C ALA B 439 31.19 9.30 1.74
N ILE B 440 31.71 8.63 0.71
CA ILE B 440 31.11 7.37 0.27
C ILE B 440 31.25 6.31 1.35
N GLY B 441 32.38 6.30 2.06
CA GLY B 441 32.56 5.34 3.13
C GLY B 441 31.70 5.66 4.35
N ASP B 442 31.59 6.94 4.70
CA ASP B 442 30.71 7.34 5.79
C ASP B 442 29.26 6.98 5.47
N ARG B 443 28.86 7.12 4.21
CA ARG B 443 27.52 6.70 3.80
C ARG B 443 27.34 5.20 3.99
N LEU B 444 28.38 4.43 3.66
CA LEU B 444 28.29 2.98 3.76
C LEU B 444 28.27 2.51 5.21
N ILE B 445 29.11 3.10 6.06
CA ILE B 445 29.14 2.71 7.46
C ILE B 445 27.81 3.04 8.14
N ASN B 446 27.23 4.19 7.81
CA ASN B 446 25.97 4.59 8.43
C ASN B 446 24.84 3.66 8.00
N ASP B 447 24.76 3.38 6.70
CA ASP B 447 23.75 2.44 6.21
C ASP B 447 23.88 1.07 6.87
N LEU B 448 25.11 0.57 6.99
CA LEU B 448 25.33 -0.73 7.62
C LEU B 448 24.96 -0.70 9.10
N GLN B 449 25.37 0.35 9.82
CA GLN B 449 25.02 0.46 11.22
C GLN B 449 23.52 0.59 11.41
N ARG B 450 22.86 1.29 10.50
CA ARG B 450 21.38 1.44 10.55
C ARG B 450 20.73 0.08 10.34
N GLN B 451 21.19 -0.68 9.35
CA GLN B 451 20.59 -1.98 9.07
C GLN B 451 20.71 -2.91 10.27
N PHE B 452 21.92 -3.02 10.83
CA PHE B 452 22.12 -3.90 11.97
C PHE B 452 21.33 -3.43 13.18
N SER B 453 21.25 -2.11 13.38
CA SER B 453 20.52 -1.58 14.53
C SER B 453 19.02 -1.82 14.39
N GLU B 454 18.48 -1.62 13.19
CA GLU B 454 17.05 -1.80 12.99
C GLU B 454 16.62 -3.25 13.18
N GLN B 455 17.52 -4.20 12.89
CA GLN B 455 17.20 -5.61 13.13
C GLN B 455 17.06 -5.89 14.63
N LYS B 456 18.04 -5.43 15.41
CA LYS B 456 18.07 -5.76 16.83
C LYS B 456 16.88 -5.16 17.57
N HIS B 457 16.44 -3.96 17.17
CA HIS B 457 15.31 -3.33 17.85
C HIS B 457 14.01 -4.07 17.56
N ALA B 458 13.84 -4.56 16.33
CA ALA B 458 12.62 -5.26 15.97
C ALA B 458 12.48 -6.57 16.75
N LEU B 459 13.61 -7.19 17.11
CA LEU B 459 13.57 -8.44 17.86
C LEU B 459 12.95 -8.28 19.24
N ASN B 460 12.92 -7.06 19.78
CA ASN B 460 12.44 -6.86 21.14
C ASN B 460 10.92 -7.04 21.23
N ARG B 461 10.19 -6.69 20.17
CA ARG B 461 8.74 -6.80 20.19
C ARG B 461 8.27 -7.65 19.02
N PRO B 462 7.46 -8.68 19.28
CA PRO B 462 7.15 -9.66 18.21
C PRO B 462 6.37 -9.08 17.05
N VAL B 463 5.55 -8.04 17.27
CA VAL B 463 4.86 -7.41 16.15
C VAL B 463 5.87 -6.68 15.27
N GLU B 464 6.90 -6.09 15.88
CA GLU B 464 7.90 -5.37 15.11
C GLU B 464 8.83 -6.32 14.36
N PHE B 465 9.15 -7.47 14.96
CA PHE B 465 9.97 -8.44 14.25
C PHE B 465 9.23 -9.06 13.07
N ARG B 466 7.90 -9.13 13.14
CA ARG B 466 7.15 -9.72 12.04
C ARG B 466 7.21 -8.83 10.80
N GLN B 467 7.09 -7.51 10.99
CA GLN B 467 7.35 -6.58 9.89
C GLN B 467 8.71 -6.84 9.28
N TRP B 468 9.74 -6.81 10.12
CA TRP B 468 11.11 -6.92 9.64
C TRP B 468 11.32 -8.20 8.84
N VAL B 469 10.89 -9.34 9.38
CA VAL B 469 11.04 -10.60 8.66
C VAL B 469 10.25 -10.58 7.36
N TYR B 470 9.08 -9.92 7.36
CA TYR B 470 8.34 -9.80 6.10
C TYR B 470 9.04 -8.86 5.14
N GLU B 471 9.53 -7.71 5.62
CA GLU B 471 10.21 -6.77 4.75
C GLU B 471 11.55 -7.31 4.26
N SER B 472 12.22 -8.13 5.08
CA SER B 472 13.58 -8.54 4.77
C SER B 472 13.65 -9.33 3.47
N TYR B 473 12.70 -10.24 3.24
CA TYR B 473 12.70 -11.07 2.04
C TYR B 473 11.28 -11.08 1.51
N SER B 474 10.96 -12.05 0.64
CA SER B 474 9.64 -12.04 0.00
C SER B 474 9.26 -13.45 -0.42
N SER B 475 8.09 -13.91 0.02
CA SER B 475 7.59 -15.23 -0.31
C SER B 475 6.30 -15.21 -1.11
N ARG B 476 5.83 -14.02 -1.51
CA ARG B 476 4.56 -13.92 -2.24
C ARG B 476 4.53 -14.85 -3.44
N ALA B 477 5.59 -14.82 -4.26
CA ALA B 477 5.62 -15.64 -5.47
C ALA B 477 5.45 -17.12 -5.16
N THR B 478 6.11 -17.61 -4.10
CA THR B 478 5.92 -19.01 -3.72
C THR B 478 4.52 -19.25 -3.19
N ARG B 479 3.95 -18.27 -2.49
CA ARG B 479 2.60 -18.42 -1.95
C ARG B 479 1.56 -18.50 -3.05
N VAL B 480 1.73 -17.70 -4.12
CA VAL B 480 0.80 -17.74 -5.24
C VAL B 480 0.88 -19.08 -5.96
N SER B 481 2.10 -19.59 -6.18
CA SER B 481 2.27 -20.79 -7.00
C SER B 481 1.75 -22.03 -6.29
N HIS B 482 1.94 -22.10 -4.97
CA HIS B 482 1.46 -23.23 -4.19
C HIS B 482 0.08 -23.00 -3.60
N GLY B 483 -0.47 -21.80 -3.73
CA GLY B 483 -1.75 -21.50 -3.12
C GLY B 483 -1.73 -21.51 -1.61
N ARG B 484 -0.54 -21.47 -1.01
CA ARG B 484 -0.35 -21.63 0.43
C ARG B 484 1.12 -21.42 0.74
N VAL B 485 1.43 -21.33 2.03
CA VAL B 485 2.81 -21.46 2.49
C VAL B 485 3.18 -22.93 2.41
N PRO B 486 4.15 -23.32 1.59
CA PRO B 486 4.54 -24.74 1.55
C PRO B 486 5.22 -25.15 2.84
N PHE B 487 4.91 -26.37 3.28
CA PHE B 487 5.42 -26.93 4.53
C PHE B 487 6.33 -28.11 4.23
N LEU B 488 7.51 -28.11 4.84
CA LEU B 488 8.36 -29.29 4.88
C LEU B 488 8.17 -29.96 6.23
N ALA B 489 7.62 -31.17 6.23
CA ALA B 489 7.22 -31.86 7.45
C ALA B 489 6.27 -30.99 8.27
N GLY B 490 6.68 -30.59 9.46
CA GLY B 490 5.83 -29.86 10.37
C GLY B 490 5.98 -28.36 10.42
N LEU B 491 6.84 -27.78 9.59
CA LEU B 491 7.08 -26.35 9.57
C LEU B 491 7.19 -25.88 8.12
N PRO B 492 7.00 -24.59 7.87
CA PRO B 492 7.29 -24.06 6.53
C PRO B 492 8.72 -24.38 6.13
N ASP B 493 8.92 -24.55 4.81
CA ASP B 493 10.23 -24.96 4.35
C ASP B 493 11.26 -23.83 4.39
N SER B 494 10.82 -22.59 4.44
CA SER B 494 11.72 -21.45 4.58
C SER B 494 11.84 -21.04 6.04
N GLN B 495 12.94 -20.36 6.36
CA GLN B 495 13.16 -19.90 7.72
C GLN B 495 12.35 -18.65 8.04
N GLU B 496 12.09 -17.81 7.03
CA GLU B 496 11.31 -16.59 7.25
C GLU B 496 9.86 -16.93 7.59
N GLU B 497 9.23 -17.80 6.79
CA GLU B 497 7.85 -18.18 7.05
C GLU B 497 7.71 -18.95 8.36
N THR B 498 8.75 -19.70 8.75
CA THR B 498 8.69 -20.42 10.02
C THR B 498 8.68 -19.46 11.20
N LEU B 499 9.47 -18.38 11.13
CA LEU B 499 9.47 -17.38 12.19
C LEU B 499 8.10 -16.71 12.30
N ASN B 500 7.54 -16.29 11.16
CA ASN B 500 6.24 -15.61 11.20
C ASN B 500 5.12 -16.58 11.55
N PHE B 501 5.21 -17.83 11.09
CA PHE B 501 4.23 -18.83 11.47
C PHE B 501 4.18 -19.01 12.98
N LEU B 502 5.33 -19.18 13.62
CA LEU B 502 5.36 -19.45 15.06
C LEU B 502 5.04 -18.20 15.87
N MET B 503 5.49 -17.03 15.41
CA MET B 503 5.16 -15.80 16.10
C MET B 503 3.68 -15.46 15.98
N ASN B 504 3.05 -15.85 14.87
CA ASN B 504 1.62 -15.63 14.70
C ASN B 504 0.80 -16.40 15.73
N SER B 505 1.38 -17.45 16.33
CA SER B 505 0.70 -18.25 17.34
C SER B 505 1.17 -17.94 18.75
N GLY B 506 1.96 -16.89 18.93
CA GLY B 506 2.31 -16.40 20.26
C GLY B 506 3.74 -16.59 20.69
N PHE B 507 4.58 -17.23 19.89
CA PHE B 507 5.96 -17.47 20.27
C PHE B 507 6.77 -16.18 20.14
N ASP B 508 7.70 -15.98 21.07
CA ASP B 508 8.54 -14.78 21.12
C ASP B 508 9.97 -15.13 20.78
N PRO B 509 10.61 -14.41 19.85
CA PRO B 509 12.01 -14.71 19.56
C PRO B 509 12.93 -14.42 20.74
N LYS B 510 12.59 -13.45 21.59
CA LYS B 510 13.36 -13.17 22.79
C LYS B 510 13.13 -14.18 23.90
N LYS B 511 12.18 -15.10 23.74
CA LYS B 511 11.83 -16.04 24.79
C LYS B 511 11.99 -17.50 24.38
N GLN B 512 11.70 -17.84 23.11
CA GLN B 512 11.83 -19.20 22.63
C GLN B 512 13.15 -19.32 21.86
N LYS B 513 14.06 -20.15 22.37
CA LYS B 513 15.41 -20.21 21.80
C LYS B 513 15.40 -20.78 20.38
N TYR B 514 14.43 -21.64 20.06
CA TYR B 514 14.32 -22.14 18.69
C TYR B 514 14.12 -20.99 17.71
N LEU B 515 13.35 -19.97 18.11
CA LEU B 515 13.15 -18.81 17.25
C LEU B 515 14.38 -17.91 17.24
N GLN B 516 14.98 -17.70 18.41
CA GLN B 516 16.22 -16.91 18.51
C GLN B 516 17.29 -17.47 17.60
N ASP B 517 17.45 -18.80 17.58
CA ASP B 517 18.49 -19.41 16.76
C ASP B 517 18.23 -19.21 15.28
N ILE B 518 16.98 -19.37 14.83
CA ILE B 518 16.66 -19.17 13.42
C ILE B 518 16.89 -17.72 13.03
N ALA B 519 16.38 -16.79 13.85
CA ALA B 519 16.63 -15.37 13.60
C ALA B 519 18.12 -15.07 13.61
N TRP B 520 18.88 -15.79 14.43
CA TRP B 520 20.33 -15.64 14.42
C TRP B 520 20.93 -16.12 13.10
N ASP B 521 20.42 -17.24 12.57
CA ASP B 521 20.99 -17.82 11.36
C ASP B 521 20.77 -16.91 10.14
N LEU B 522 19.60 -16.27 10.06
CA LEU B 522 19.33 -15.39 8.91
C LEU B 522 20.21 -14.15 8.94
N GLN B 523 20.44 -13.57 10.12
CA GLN B 523 21.27 -12.37 10.18
C GLN B 523 22.73 -12.70 9.93
N LYS B 524 23.20 -13.88 10.37
CA LYS B 524 24.51 -14.36 9.96
C LYS B 524 24.60 -14.44 8.43
N ARG B 525 23.54 -14.94 7.79
CA ARG B 525 23.61 -15.15 6.35
C ARG B 525 23.45 -13.85 5.58
N LYS B 526 22.64 -12.92 6.09
CA LYS B 526 22.58 -11.59 5.49
C LYS B 526 23.93 -10.89 5.62
N CYS B 527 24.61 -11.08 6.75
CA CYS B 527 25.96 -10.54 6.91
C CYS B 527 26.93 -11.17 5.93
N ASP B 528 26.81 -12.49 5.71
CA ASP B 528 27.73 -13.17 4.82
C ASP B 528 27.47 -12.87 3.35
N THR B 529 26.28 -12.38 3.02
CA THR B 529 25.99 -11.93 1.67
C THR B 529 26.37 -10.47 1.45
N LEU B 530 26.45 -9.68 2.51
CA LEU B 530 26.78 -8.26 2.40
C LEU B 530 28.24 -8.00 2.11
N LYS B 531 29.13 -8.97 2.38
CA LYS B 531 30.55 -8.79 2.12
C LYS B 531 31.03 -9.58 0.91
N SER B 532 30.14 -10.32 0.25
CA SER B 532 30.35 -10.71 -1.14
C SER B 532 29.67 -9.74 -2.10
N LYS B 533 28.54 -9.18 -1.69
CA LYS B 533 27.76 -8.23 -2.49
C LYS B 533 27.78 -6.88 -1.79
N LEU B 534 28.49 -5.91 -2.36
CA LEU B 534 28.61 -4.58 -1.79
C LEU B 534 27.67 -3.64 -2.52
N ASN B 535 26.85 -2.92 -1.76
CA ASN B 535 25.78 -2.09 -2.31
C ASN B 535 25.81 -0.71 -1.67
N ILE B 536 26.12 0.31 -2.47
CA ILE B 536 26.07 1.69 -2.02
C ILE B 536 24.67 2.21 -2.28
N ARG B 537 23.89 2.38 -1.22
CA ARG B 537 22.49 2.77 -1.37
C ARG B 537 22.38 4.29 -1.53
N VAL B 538 21.81 4.71 -2.65
CA VAL B 538 21.47 6.10 -2.90
C VAL B 538 19.98 6.13 -3.19
N GLY B 539 19.20 6.63 -2.24
CA GLY B 539 17.76 6.69 -2.44
C GLY B 539 17.38 7.52 -3.66
N ARG B 540 17.99 8.69 -3.79
CA ARG B 540 17.68 9.60 -4.89
C ARG B 540 18.50 9.22 -6.12
N SER B 541 18.16 8.05 -6.66
CA SER B 541 18.72 7.54 -7.91
C SER B 541 17.72 6.59 -8.52
N ALA B 542 17.70 6.54 -9.86
CA ALA B 542 16.85 5.59 -10.56
C ALA B 542 17.33 5.46 -12.00
N TYR B 543 17.06 4.30 -12.58
CA TYR B 543 17.29 4.07 -14.01
C TYR B 543 15.99 4.42 -14.75
N ILE B 544 16.10 5.32 -15.73
CA ILE B 544 14.95 5.93 -16.38
C ILE B 544 15.14 5.88 -17.89
N TYR B 545 14.07 5.56 -18.62
CA TYR B 545 14.11 5.57 -20.08
C TYR B 545 14.43 6.96 -20.60
N MET B 546 15.30 7.01 -21.61
CA MET B 546 15.73 8.27 -22.20
C MET B 546 14.82 8.68 -23.34
N ILE B 547 14.39 9.93 -23.33
CA ILE B 547 13.51 10.50 -24.35
C ILE B 547 14.12 11.83 -24.81
N ALA B 548 13.84 12.20 -26.05
CA ALA B 548 14.30 13.47 -26.61
C ALA B 548 13.16 14.49 -26.62
N ASP B 549 13.54 15.77 -26.50
CA ASP B 549 12.56 16.86 -26.43
C ASP B 549 12.20 17.31 -27.84
N PHE B 550 11.08 16.80 -28.36
CA PHE B 550 10.62 17.19 -29.69
C PHE B 550 10.15 18.63 -29.77
N TRP B 551 10.05 19.34 -28.65
CA TRP B 551 9.36 20.62 -28.63
C TRP B 551 10.28 21.79 -28.31
N GLY B 552 11.59 21.56 -28.29
CA GLY B 552 12.56 22.64 -28.21
C GLY B 552 12.48 23.50 -26.97
N VAL B 553 11.83 23.01 -25.91
CA VAL B 553 11.71 23.80 -24.69
C VAL B 553 12.89 23.60 -23.74
N LEU B 554 13.61 22.49 -23.87
CA LEU B 554 14.77 22.22 -23.03
C LEU B 554 16.02 22.81 -23.66
N GLU B 555 16.76 23.61 -22.89
CA GLU B 555 18.04 24.11 -23.36
C GLU B 555 19.11 23.04 -23.22
N GLU B 556 20.24 23.28 -23.88
CA GLU B 556 21.39 22.38 -23.77
C GLU B 556 21.76 22.19 -22.31
N ASN B 557 21.98 20.92 -21.94
CA ASN B 557 22.33 20.54 -20.57
C ASN B 557 21.21 20.84 -19.58
N GLU B 558 19.96 20.81 -20.05
CA GLU B 558 18.78 20.82 -19.21
C GLU B 558 17.99 19.53 -19.45
N VAL B 559 17.46 18.95 -18.37
CA VAL B 559 16.69 17.72 -18.46
C VAL B 559 15.39 17.86 -17.69
N HIS B 560 14.36 17.14 -18.16
CA HIS B 560 13.04 17.15 -17.56
C HIS B 560 12.75 15.77 -16.99
N VAL B 561 12.43 15.71 -15.70
CA VAL B 561 12.08 14.45 -15.03
C VAL B 561 10.81 14.68 -14.22
N GLY B 562 9.73 14.05 -14.64
CA GLY B 562 8.50 14.02 -13.86
C GLY B 562 8.09 12.59 -13.58
N PHE B 563 7.69 12.32 -12.35
CA PHE B 563 7.30 10.98 -11.93
C PHE B 563 5.79 10.79 -12.05
N SER B 564 5.38 9.54 -12.22
CA SER B 564 3.97 9.22 -12.23
C SER B 564 3.37 9.14 -10.84
N SER B 565 4.18 9.06 -9.79
CA SER B 565 3.69 9.03 -8.43
C SER B 565 4.80 9.46 -7.48
N LYS B 566 4.54 9.28 -6.18
CA LYS B 566 5.47 9.71 -5.14
C LYS B 566 6.73 8.84 -5.16
N PHE B 567 7.88 9.49 -5.37
CA PHE B 567 9.18 8.82 -5.26
C PHE B 567 9.73 9.12 -3.87
N ARG B 568 9.75 8.11 -3.01
CA ARG B 568 10.08 8.30 -1.60
C ARG B 568 11.55 8.07 -1.35
N ASP B 569 12.18 9.01 -0.67
CA ASP B 569 13.43 8.81 0.04
C ASP B 569 13.13 8.89 1.53
N GLU B 570 14.14 8.62 2.36
CA GLU B 570 13.91 8.58 3.79
C GLU B 570 13.36 9.90 4.31
N GLU B 571 13.93 11.02 3.87
CA GLU B 571 13.56 12.32 4.40
C GLU B 571 12.79 13.20 3.43
N GLU B 572 12.85 12.92 2.12
CA GLU B 572 12.18 13.75 1.14
C GLU B 572 11.42 12.85 0.16
N SER B 573 10.43 13.45 -0.49
CA SER B 573 9.69 12.78 -1.54
C SER B 573 9.55 13.71 -2.72
N PHE B 574 9.36 13.12 -3.89
CA PHE B 574 9.39 13.84 -5.15
C PHE B 574 8.27 13.33 -6.04
N THR B 575 7.62 14.26 -6.74
CA THR B 575 6.82 13.93 -7.91
C THR B 575 7.47 14.42 -9.19
N LEU B 576 8.55 15.20 -9.07
CA LEU B 576 9.28 15.75 -10.19
C LEU B 576 10.63 16.24 -9.67
N LEU B 577 11.50 16.64 -10.59
CA LEU B 577 12.81 17.20 -10.26
C LEU B 577 12.90 18.61 -10.82
N SER B 578 13.30 19.56 -9.98
CA SER B 578 13.34 20.95 -10.39
C SER B 578 14.40 21.70 -9.58
N ASP B 579 15.11 22.60 -10.25
CA ASP B 579 16.08 23.50 -9.62
C ASP B 579 17.14 22.72 -8.83
N CYS B 580 17.67 21.67 -9.45
CA CYS B 580 18.79 20.96 -8.87
C CYS B 580 19.65 20.38 -9.99
N ASP B 581 20.93 20.21 -9.69
CA ASP B 581 21.83 19.47 -10.57
C ASP B 581 21.61 17.98 -10.38
N VAL B 582 21.70 17.22 -11.48
CA VAL B 582 21.60 15.78 -11.43
C VAL B 582 22.76 15.19 -12.23
N LEU B 583 23.06 13.93 -11.95
CA LEU B 583 24.08 13.16 -12.67
C LEU B 583 23.39 12.13 -13.55
N VAL B 584 23.70 12.14 -14.84
CA VAL B 584 23.13 11.17 -15.78
C VAL B 584 24.26 10.33 -16.36
N ALA B 585 24.01 9.03 -16.51
CA ALA B 585 25.01 8.12 -17.02
C ALA B 585 24.32 6.87 -17.54
N ARG B 586 24.98 6.21 -18.49
CA ARG B 586 24.59 4.88 -18.95
C ARG B 586 25.56 3.86 -18.38
N SER B 587 25.02 2.74 -17.90
CA SER B 587 25.86 1.69 -17.35
C SER B 587 26.16 0.66 -18.41
N PRO B 588 27.42 0.24 -18.59
CA PRO B 588 28.58 0.68 -17.79
C PRO B 588 29.15 2.01 -18.27
N ALA B 589 29.83 2.73 -17.37
CA ALA B 589 30.51 3.96 -17.71
C ALA B 589 31.99 3.71 -17.83
N HIS B 590 32.59 4.13 -18.96
CA HIS B 590 33.99 3.86 -19.24
C HIS B 590 34.79 5.15 -19.36
N PHE B 591 34.56 5.96 -20.39
CA PHE B 591 35.24 7.23 -20.52
C PHE B 591 34.92 8.11 -19.31
N PRO B 592 35.85 9.00 -18.92
CA PRO B 592 35.51 9.97 -17.87
C PRO B 592 34.30 10.83 -18.19
N SER B 593 33.98 11.02 -19.48
CA SER B 593 32.82 11.80 -19.88
C SER B 593 31.55 10.98 -20.00
N ASP B 594 31.58 9.70 -19.61
CA ASP B 594 30.40 8.86 -19.67
C ASP B 594 29.39 9.17 -18.56
N ILE B 595 29.74 10.03 -17.61
CA ILE B 595 28.81 10.57 -16.64
C ILE B 595 28.79 12.09 -16.83
N GLN B 596 27.59 12.67 -16.88
CA GLN B 596 27.43 14.09 -17.13
C GLN B 596 26.56 14.72 -16.05
N ARG B 597 26.97 15.89 -15.59
CA ARG B 597 26.22 16.68 -14.62
C ARG B 597 25.39 17.70 -15.39
N VAL B 598 24.06 17.66 -15.20
CA VAL B 598 23.15 18.53 -15.92
C VAL B 598 22.16 19.14 -14.92
N ARG B 599 21.30 20.02 -15.43
CA ARG B 599 20.36 20.79 -14.63
C ARG B 599 18.94 20.27 -14.85
N ALA B 600 18.33 19.76 -13.80
CA ALA B 600 16.93 19.35 -13.87
C ALA B 600 16.04 20.59 -13.87
N VAL B 601 15.27 20.76 -14.94
CA VAL B 601 14.34 21.87 -15.08
C VAL B 601 12.98 21.29 -15.47
N PHE B 602 11.97 21.51 -14.64
CA PHE B 602 10.64 20.98 -14.89
C PHE B 602 9.88 21.94 -15.79
N LYS B 603 9.53 21.46 -16.99
CA LYS B 603 8.83 22.27 -17.96
C LYS B 603 7.35 21.89 -17.94
N PRO B 604 6.45 22.81 -17.59
CA PRO B 604 5.02 22.48 -17.63
C PRO B 604 4.54 22.03 -19.00
N GLU B 605 5.20 22.49 -20.07
CA GLU B 605 4.90 21.99 -21.41
C GLU B 605 4.93 20.47 -21.46
N LEU B 606 5.86 19.86 -20.74
CA LEU B 606 6.10 18.42 -20.80
C LEU B 606 5.52 17.68 -19.60
N HIS B 607 4.70 18.34 -18.78
CA HIS B 607 4.27 17.75 -17.51
C HIS B 607 3.60 16.40 -17.69
N SER B 608 2.93 16.18 -18.82
CA SER B 608 2.18 14.94 -19.01
C SER B 608 3.07 13.74 -19.29
N LEU B 609 4.34 13.96 -19.61
CA LEU B 609 5.28 12.88 -19.91
C LEU B 609 5.94 12.42 -18.61
N LYS B 610 5.61 11.21 -18.16
CA LYS B 610 5.99 10.76 -16.84
C LYS B 610 6.78 9.46 -16.89
N ASP B 611 7.65 9.29 -15.89
CA ASP B 611 8.55 8.13 -15.76
C ASP B 611 9.49 8.02 -16.96
N VAL B 612 9.92 9.18 -17.48
CA VAL B 612 10.94 9.27 -18.50
C VAL B 612 11.83 10.47 -18.16
N ILE B 613 13.08 10.43 -18.61
CA ILE B 613 13.95 11.59 -18.58
C ILE B 613 14.09 12.12 -19.99
N ILE B 614 13.90 13.43 -20.16
CA ILE B 614 13.85 14.06 -21.47
C ILE B 614 15.11 14.87 -21.65
N PHE B 615 15.85 14.59 -22.71
CA PHE B 615 17.08 15.31 -23.02
C PHE B 615 16.82 16.37 -24.06
N SER B 616 17.62 17.43 -24.02
CA SER B 616 17.47 18.53 -24.96
C SER B 616 17.80 18.08 -26.38
N THR B 617 17.03 18.58 -27.35
CA THR B 617 17.37 18.46 -28.75
C THR B 617 18.11 19.70 -29.26
N LYS B 618 18.61 20.53 -28.36
CA LYS B 618 19.48 21.64 -28.72
C LYS B 618 20.93 21.23 -28.49
N GLY B 619 21.84 22.07 -28.98
CA GLY B 619 23.26 21.83 -28.82
C GLY B 619 23.88 21.11 -30.00
N ASP B 620 25.21 20.97 -29.94
CA ASP B 620 25.94 20.37 -31.04
C ASP B 620 25.75 18.85 -31.07
N VAL B 621 25.86 18.21 -29.91
CA VAL B 621 25.82 16.75 -29.82
C VAL B 621 24.68 16.35 -28.89
N PRO B 622 23.87 15.35 -29.23
CA PRO B 622 22.83 14.91 -28.31
C PRO B 622 23.45 14.33 -27.04
N LEU B 623 22.81 14.63 -25.89
CA LEU B 623 23.35 14.18 -24.61
C LEU B 623 23.44 12.65 -24.55
N ALA B 624 22.56 11.95 -25.27
CA ALA B 624 22.57 10.49 -25.24
C ALA B 624 23.85 9.92 -25.83
N LYS B 625 24.47 10.62 -26.78
CA LYS B 625 25.72 10.11 -27.35
C LYS B 625 26.88 10.27 -26.37
N LYS B 626 26.90 11.36 -25.61
CA LYS B 626 27.94 11.52 -24.60
C LYS B 626 27.87 10.47 -23.50
N LEU B 627 26.75 9.75 -23.38
CA LEU B 627 26.60 8.70 -22.39
C LEU B 627 26.93 7.37 -23.07
N SER B 628 28.23 7.13 -23.28
CA SER B 628 28.74 5.90 -23.87
C SER B 628 28.16 5.63 -25.25
N GLY B 629 27.94 6.69 -26.02
CA GLY B 629 27.42 6.53 -27.38
C GLY B 629 26.02 5.95 -27.42
N GLY B 630 25.14 6.40 -26.53
CA GLY B 630 23.77 5.92 -26.49
C GLY B 630 22.82 6.76 -27.33
N ASP B 631 21.56 6.38 -27.28
CA ASP B 631 20.52 7.06 -28.05
C ASP B 631 19.17 6.81 -27.37
N TYR B 632 18.07 7.05 -28.09
CA TYR B 632 16.75 7.04 -27.46
C TYR B 632 15.84 5.95 -28.02
N ASP B 633 16.33 4.71 -28.10
CA ASP B 633 15.55 3.61 -28.64
C ASP B 633 15.33 2.51 -27.60
N GLY B 634 15.40 2.87 -26.33
CA GLY B 634 15.23 1.91 -25.25
C GLY B 634 16.29 2.06 -24.19
N ASP B 635 17.29 2.91 -24.46
CA ASP B 635 18.35 3.13 -23.49
C ASP B 635 17.79 3.76 -22.22
N MET B 636 18.31 3.30 -21.09
CA MET B 636 17.98 3.85 -19.78
C MET B 636 19.20 4.60 -19.24
N ALA B 637 18.96 5.72 -18.59
CA ALA B 637 20.02 6.48 -17.95
C ALA B 637 19.95 6.30 -16.45
N TRP B 638 21.11 6.10 -15.83
CA TRP B 638 21.23 6.30 -14.39
C TRP B 638 21.04 7.78 -14.11
N VAL B 639 20.05 8.12 -13.29
CA VAL B 639 19.78 9.50 -12.92
C VAL B 639 19.90 9.59 -11.41
N CYS B 640 20.78 10.47 -10.94
CA CYS B 640 21.03 10.64 -9.51
C CYS B 640 20.87 12.11 -9.17
N TRP B 641 20.00 12.39 -8.19
CA TRP B 641 19.83 13.75 -7.69
C TRP B 641 20.21 13.85 -6.22
N ASP B 642 20.94 12.89 -5.70
CA ASP B 642 21.52 12.96 -4.37
C ASP B 642 22.55 14.08 -4.34
N PRO B 643 22.33 15.14 -3.57
CA PRO B 643 23.33 16.23 -3.56
C PRO B 643 24.72 15.75 -3.18
N GLU B 644 24.85 14.85 -2.22
CA GLU B 644 26.19 14.47 -1.79
C GLU B 644 26.97 13.81 -2.92
N ILE B 645 26.28 13.22 -3.90
CA ILE B 645 26.95 12.62 -5.04
C ILE B 645 27.18 13.64 -6.17
N VAL B 646 26.30 14.63 -6.30
CA VAL B 646 26.31 15.49 -7.47
C VAL B 646 27.29 16.64 -7.32
N ASP B 647 27.32 17.29 -6.16
CA ASP B 647 27.98 18.59 -6.05
C ASP B 647 29.50 18.53 -6.18
N GLY B 648 30.11 17.35 -6.09
CA GLY B 648 31.55 17.27 -6.33
C GLY B 648 31.93 17.11 -7.78
N PHE B 649 30.98 16.71 -8.63
CA PHE B 649 31.30 16.26 -9.97
C PHE B 649 31.67 17.41 -10.89
N VAL B 650 32.73 17.19 -11.68
CA VAL B 650 33.16 18.13 -12.71
C VAL B 650 33.14 17.41 -14.05
N ASN B 651 32.49 18.01 -15.04
CA ASN B 651 32.31 17.38 -16.33
C ASN B 651 33.61 17.35 -17.12
N ALA B 652 33.85 16.23 -17.81
CA ALA B 652 34.96 16.10 -18.73
C ALA B 652 34.45 16.18 -20.17
N GLU B 653 35.32 16.63 -21.07
CA GLU B 653 34.97 16.62 -22.48
C GLU B 653 35.06 15.20 -23.01
N MET B 654 34.48 14.99 -24.19
CA MET B 654 34.59 13.68 -24.83
C MET B 654 36.01 13.45 -25.32
N PRO B 655 36.54 12.24 -25.17
CA PRO B 655 37.95 12.01 -25.48
C PRO B 655 38.20 11.89 -26.97
N LEU B 656 39.47 12.03 -27.33
CA LEU B 656 39.92 11.76 -28.70
C LEU B 656 40.10 10.25 -28.85
N GLU B 657 39.14 9.61 -29.50
CA GLU B 657 39.18 8.17 -29.65
C GLU B 657 40.29 7.78 -30.63
N PRO B 658 41.09 6.77 -30.32
CA PRO B 658 42.21 6.41 -31.19
C PRO B 658 41.76 5.63 -32.42
N ASP B 659 42.60 5.71 -33.45
CA ASP B 659 42.39 4.91 -34.66
C ASP B 659 42.88 3.49 -34.39
N LEU B 660 41.95 2.54 -34.39
CA LEU B 660 42.28 1.13 -34.16
C LEU B 660 42.03 0.30 -35.41
N SER B 661 42.21 0.89 -36.59
CA SER B 661 41.93 0.17 -37.83
C SER B 661 42.89 -0.99 -38.03
N ARG B 662 44.15 -0.83 -37.62
CA ARG B 662 45.13 -1.91 -37.75
C ARG B 662 44.66 -3.17 -37.06
N TYR B 663 43.94 -3.05 -35.95
CA TYR B 663 43.47 -4.20 -35.19
C TYR B 663 42.02 -4.57 -35.47
N LEU B 664 41.17 -3.61 -35.79
CA LEU B 664 39.75 -3.86 -36.01
C LEU B 664 39.45 -3.85 -37.51
N LYS B 665 38.93 -4.96 -38.02
CA LYS B 665 38.57 -5.10 -39.42
C LYS B 665 37.05 -5.15 -39.56
N LYS B 666 36.54 -4.53 -40.63
CA LYS B 666 35.11 -4.51 -40.92
C LYS B 666 34.87 -5.16 -42.27
N ASP B 667 33.97 -6.14 -42.30
CA ASP B 667 33.47 -6.69 -43.55
C ASP B 667 32.16 -5.95 -43.88
N LYS B 668 32.23 -5.09 -44.90
CA LYS B 668 31.09 -4.29 -45.31
C LYS B 668 30.50 -4.75 -46.63
N THR B 669 30.80 -5.99 -47.04
CA THR B 669 30.29 -6.52 -48.30
C THR B 669 28.77 -6.57 -48.28
N THR B 670 28.15 -5.94 -49.28
CA THR B 670 26.71 -5.77 -49.33
C THR B 670 26.02 -7.02 -49.88
N PHE B 671 24.71 -7.06 -49.68
CA PHE B 671 23.89 -8.12 -50.26
C PHE B 671 24.07 -8.19 -51.78
N LYS B 672 24.10 -7.03 -52.44
CA LYS B 672 24.30 -7.00 -53.89
C LYS B 672 25.62 -7.65 -54.27
N GLN B 673 26.71 -7.22 -53.64
CA GLN B 673 28.02 -7.81 -53.92
C GLN B 673 28.03 -9.31 -53.68
N LEU B 674 27.29 -9.77 -52.67
CA LEU B 674 27.18 -11.19 -52.41
C LEU B 674 26.28 -11.90 -53.41
N MET B 675 25.35 -11.18 -54.03
CA MET B 675 24.41 -11.74 -54.99
C MET B 675 25.00 -11.79 -56.40
N ALA B 676 25.79 -10.79 -56.78
CA ALA B 676 26.42 -10.78 -58.09
C ALA B 676 27.32 -11.98 -58.31
N SER B 677 27.77 -12.64 -57.24
CA SER B 677 28.46 -13.92 -57.36
C SER B 677 27.53 -15.05 -57.78
N HIS B 678 26.22 -14.80 -57.82
CA HIS B 678 25.24 -15.80 -58.23
C HIS B 678 24.41 -15.39 -59.44
N GLY B 679 24.45 -14.12 -59.84
CA GLY B 679 23.68 -13.66 -60.97
C GLY B 679 22.51 -12.77 -60.57
N THR B 680 21.43 -12.81 -61.35
CA THR B 680 20.23 -12.03 -61.08
C THR B 680 19.03 -12.96 -61.06
N GLY B 681 17.89 -12.43 -60.66
CA GLY B 681 16.66 -13.18 -60.64
C GLY B 681 16.41 -13.87 -59.31
N SER B 682 15.22 -14.47 -59.22
CA SER B 682 14.75 -15.05 -57.96
C SER B 682 15.74 -16.05 -57.38
N ALA B 683 16.20 -17.00 -58.22
CA ALA B 683 17.05 -18.07 -57.72
C ALA B 683 18.39 -17.54 -57.23
N ALA B 684 18.89 -16.46 -57.82
CA ALA B 684 20.12 -15.84 -57.32
C ALA B 684 19.88 -15.22 -55.95
N LYS B 685 18.89 -14.32 -55.85
CA LYS B 685 18.50 -13.74 -54.56
C LYS B 685 18.25 -14.83 -53.53
N GLU B 686 17.58 -15.92 -53.93
CA GLU B 686 17.30 -17.00 -53.01
C GLU B 686 18.57 -17.65 -52.50
N GLN B 687 19.58 -17.79 -53.36
CA GLN B 687 20.84 -18.39 -52.94
C GLN B 687 21.65 -17.45 -52.06
N THR B 688 21.65 -16.16 -52.39
CA THR B 688 22.39 -15.18 -51.60
C THR B 688 21.84 -15.11 -50.18
N THR B 689 20.53 -15.23 -50.02
CA THR B 689 19.93 -15.24 -48.69
C THR B 689 20.50 -16.38 -47.84
N TYR B 690 20.53 -17.58 -48.41
CA TYR B 690 21.11 -18.71 -47.68
C TYR B 690 22.61 -18.52 -47.45
N ASP B 691 23.30 -17.83 -48.35
CA ASP B 691 24.69 -17.45 -48.11
C ASP B 691 24.79 -16.50 -46.92
N MET B 692 24.01 -15.42 -46.96
CA MET B 692 23.93 -14.44 -45.87
C MET B 692 23.80 -15.13 -44.52
N ILE B 693 22.94 -16.16 -44.45
CA ILE B 693 22.77 -16.90 -43.21
C ILE B 693 24.06 -17.61 -42.82
N GLN B 694 24.64 -18.37 -43.75
CA GLN B 694 25.84 -19.15 -43.46
C GLN B 694 27.01 -18.25 -43.09
N LYS B 695 27.29 -17.24 -43.91
CA LYS B 695 28.39 -16.33 -43.61
C LYS B 695 28.18 -15.61 -42.28
N SER B 696 26.92 -15.35 -41.92
CA SER B 696 26.64 -14.70 -40.64
C SER B 696 26.77 -15.66 -39.47
N PHE B 697 26.68 -16.95 -39.74
CA PHE B 697 26.73 -17.94 -38.64
C PHE B 697 28.18 -18.08 -38.17
N HIS B 698 29.13 -17.95 -39.09
CA HIS B 698 30.55 -18.00 -38.66
C HIS B 698 30.79 -16.83 -37.71
N PHE B 699 30.31 -15.64 -38.09
CA PHE B 699 30.51 -14.41 -37.28
C PHE B 699 29.79 -14.50 -35.93
N ALA B 700 28.56 -14.97 -35.92
CA ALA B 700 27.79 -15.07 -34.67
C ALA B 700 28.46 -16.09 -33.75
N LEU B 701 29.00 -17.15 -34.32
CA LEU B 701 29.57 -18.25 -33.51
C LEU B 701 31.03 -17.93 -33.17
N GLN B 702 31.52 -16.73 -33.50
CA GLN B 702 32.90 -16.31 -33.17
C GLN B 702 33.04 -15.99 -31.68
N PRO B 703 34.26 -15.98 -31.11
CA PRO B 703 34.49 -15.68 -29.69
C PRO B 703 34.00 -14.31 -29.21
N ASN B 704 33.79 -14.17 -27.90
CA ASN B 704 33.21 -12.94 -27.36
C ASN B 704 34.33 -12.04 -26.85
N PHE B 705 34.90 -11.25 -27.76
CA PHE B 705 35.97 -10.34 -27.39
C PHE B 705 35.46 -9.12 -26.64
N LEU B 706 34.15 -8.84 -26.70
CA LEU B 706 33.59 -7.78 -25.87
C LEU B 706 33.75 -8.10 -24.39
N GLY B 707 33.44 -9.35 -24.00
CA GLY B 707 33.61 -9.73 -22.61
C GLY B 707 35.07 -9.80 -22.19
N MET B 708 35.93 -10.38 -23.04
CA MET B 708 37.34 -10.51 -22.68
C MET B 708 38.00 -9.15 -22.55
N CYS B 709 37.73 -8.23 -23.48
CA CYS B 709 38.37 -6.93 -23.43
C CYS B 709 37.79 -6.06 -22.31
N THR B 710 36.54 -6.31 -21.93
CA THR B 710 35.97 -5.56 -20.80
C THR B 710 36.54 -6.06 -19.47
N ASN B 711 36.75 -7.37 -19.33
CA ASN B 711 37.42 -7.87 -18.14
C ASN B 711 38.86 -7.39 -18.06
N TYR B 712 39.52 -7.22 -19.20
CA TYR B 712 40.86 -6.65 -19.20
C TYR B 712 40.83 -5.18 -18.83
N LYS B 713 39.83 -4.44 -19.33
CA LYS B 713 39.67 -3.04 -18.95
C LYS B 713 39.52 -2.89 -17.45
N GLU B 714 38.64 -3.69 -16.83
CA GLU B 714 38.46 -3.63 -15.38
C GLU B 714 39.79 -3.85 -14.66
N ARG B 715 40.59 -4.80 -15.12
CA ARG B 715 41.86 -5.07 -14.47
C ARG B 715 42.89 -3.99 -14.76
N LEU B 716 42.98 -3.54 -16.02
CA LEU B 716 43.92 -2.48 -16.37
C LEU B 716 43.69 -1.24 -15.52
N CYS B 717 42.46 -0.72 -15.55
CA CYS B 717 42.16 0.49 -14.78
C CYS B 717 42.35 0.27 -13.29
N TYR B 718 42.24 -0.97 -12.82
CA TYR B 718 42.41 -1.24 -11.39
C TYR B 718 43.88 -1.18 -10.99
N ILE B 719 44.74 -1.87 -11.73
CA ILE B 719 46.16 -1.91 -11.37
C ILE B 719 46.80 -0.54 -11.57
N ASN B 720 46.44 0.16 -12.64
CA ASN B 720 46.92 1.51 -12.87
C ASN B 720 46.24 2.54 -11.99
N ASN B 721 45.12 2.19 -11.36
CA ASN B 721 44.28 3.13 -10.62
C ASN B 721 44.01 4.38 -11.46
N SER B 722 43.57 4.14 -12.69
CA SER B 722 43.29 5.25 -13.61
C SER B 722 42.30 4.79 -14.65
N VAL B 723 41.32 5.65 -14.93
CA VAL B 723 40.38 5.46 -16.02
C VAL B 723 40.50 6.53 -17.08
N SER B 724 41.48 7.42 -16.96
CA SER B 724 41.64 8.55 -17.85
C SER B 724 42.98 8.59 -18.57
N ASN B 725 43.95 7.77 -18.19
CA ASN B 725 45.22 7.74 -18.89
C ASN B 725 45.04 7.15 -20.28
N LYS B 726 46.10 7.21 -21.08
CA LYS B 726 46.01 6.77 -22.47
C LYS B 726 45.64 5.30 -22.63
N PRO B 727 46.16 4.36 -21.83
CA PRO B 727 45.67 2.97 -21.95
C PRO B 727 44.18 2.84 -21.75
N ALA B 728 43.61 3.58 -20.79
CA ALA B 728 42.19 3.44 -20.49
C ALA B 728 41.32 3.93 -21.63
N ILE B 729 41.69 5.06 -22.24
CA ILE B 729 40.89 5.62 -23.32
C ILE B 729 40.92 4.70 -24.54
N ILE B 730 42.08 4.09 -24.82
CA ILE B 730 42.19 3.15 -25.93
C ILE B 730 41.28 1.96 -25.70
N LEU B 731 41.34 1.36 -24.51
CA LEU B 731 40.51 0.21 -24.21
C LEU B 731 39.03 0.58 -24.23
N SER B 732 38.66 1.69 -23.58
CA SER B 732 37.27 2.12 -23.58
C SER B 732 36.77 2.34 -25.01
N SER B 733 37.59 2.95 -25.87
CA SER B 733 37.20 3.12 -27.27
C SER B 733 37.10 1.78 -27.98
N LEU B 734 37.92 0.80 -27.58
CA LEU B 734 37.87 -0.51 -28.23
C LEU B 734 36.59 -1.25 -27.88
N VAL B 735 36.30 -1.41 -26.59
CA VAL B 735 35.06 -2.09 -26.19
C VAL B 735 33.85 -1.33 -26.69
N GLY B 736 34.00 -0.05 -27.02
CA GLY B 736 32.90 0.68 -27.61
C GLY B 736 32.60 0.24 -29.04
N ASN B 737 33.65 -0.03 -29.81
CA ASN B 737 33.48 -0.52 -31.18
C ASN B 737 33.15 -2.00 -31.23
N LEU B 738 33.14 -2.69 -30.09
CA LEU B 738 32.85 -4.11 -30.05
C LEU B 738 31.45 -4.44 -29.56
N VAL B 739 30.66 -3.44 -29.15
CA VAL B 739 29.30 -3.70 -28.73
C VAL B 739 28.43 -4.14 -29.90
N ASP B 740 28.80 -3.77 -31.13
CA ASP B 740 28.03 -4.08 -32.32
C ASP B 740 28.79 -5.01 -33.24
N GLN B 741 29.62 -5.88 -32.66
CA GLN B 741 30.56 -6.68 -33.43
C GLN B 741 29.88 -7.43 -34.57
N SER B 742 28.84 -8.22 -34.24
CA SER B 742 28.11 -8.93 -35.28
C SER B 742 27.42 -7.97 -36.24
N LYS B 743 26.85 -6.89 -35.72
CA LYS B 743 26.05 -5.96 -36.56
C LYS B 743 26.95 -5.18 -37.52
N GLN B 744 27.90 -4.40 -37.00
CA GLN B 744 28.74 -3.57 -37.84
C GLN B 744 29.94 -4.32 -38.41
N GLY B 745 29.95 -5.65 -38.33
CA GLY B 745 30.92 -6.44 -39.06
C GLY B 745 32.35 -6.38 -38.57
N ILE B 746 32.55 -6.10 -37.28
CA ILE B 746 33.89 -6.00 -36.72
C ILE B 746 34.48 -7.40 -36.61
N VAL B 747 35.50 -7.71 -37.41
CA VAL B 747 36.25 -8.95 -37.27
C VAL B 747 37.49 -8.67 -36.44
N PHE B 748 37.58 -9.32 -35.29
CA PHE B 748 38.63 -9.09 -34.30
C PHE B 748 38.99 -10.46 -33.74
N ASN B 749 40.22 -10.90 -33.99
CA ASN B 749 40.66 -12.23 -33.56
C ASN B 749 41.68 -12.10 -32.43
N GLU B 750 42.06 -13.27 -31.90
CA GLU B 750 42.99 -13.31 -30.76
C GLU B 750 44.31 -12.64 -31.09
N ALA B 751 44.79 -12.79 -32.33
CA ALA B 751 46.06 -12.20 -32.72
C ALA B 751 46.00 -10.68 -32.72
N SER B 752 44.87 -10.11 -33.15
CA SER B 752 44.70 -8.67 -33.09
C SER B 752 44.60 -8.19 -31.65
N TRP B 753 43.91 -8.95 -30.81
CA TRP B 753 43.87 -8.67 -29.37
C TRP B 753 45.24 -8.83 -28.72
N ALA B 754 46.16 -9.56 -29.37
CA ALA B 754 47.50 -9.74 -28.82
C ALA B 754 48.38 -8.53 -29.11
N GLN B 755 48.40 -8.05 -30.37
CA GLN B 755 49.16 -6.85 -30.69
C GLN B 755 48.76 -5.69 -29.79
N LEU B 756 47.46 -5.37 -29.79
CA LEU B 756 46.95 -4.21 -29.07
C LEU B 756 47.37 -4.24 -27.60
N ARG B 757 47.32 -5.41 -26.98
CA ARG B 757 47.69 -5.52 -25.57
C ARG B 757 49.17 -5.25 -25.37
N ARG B 758 50.02 -5.84 -26.21
CA ARG B 758 51.45 -5.66 -26.06
C ARG B 758 51.90 -4.28 -26.55
N GLU B 759 51.39 -3.86 -27.71
CA GLU B 759 51.90 -2.64 -28.32
C GLU B 759 51.40 -1.39 -27.61
N LEU B 760 50.13 -1.38 -27.20
CA LEU B 760 49.47 -0.13 -26.81
C LEU B 760 48.95 -0.07 -25.38
N LEU B 761 48.72 -1.20 -24.71
CA LEU B 761 48.12 -1.15 -23.39
C LEU B 761 49.11 -1.37 -22.25
N GLY B 762 50.36 -1.72 -22.53
CA GLY B 762 51.34 -1.86 -21.48
C GLY B 762 52.13 -3.15 -21.52
N GLY B 763 51.84 -4.00 -22.50
CA GLY B 763 52.60 -5.21 -22.69
C GLY B 763 52.09 -6.43 -21.95
N ALA B 764 51.16 -6.25 -21.02
CA ALA B 764 50.63 -7.38 -20.25
C ALA B 764 49.57 -8.11 -21.06
N LEU B 765 49.81 -9.40 -21.32
CA LEU B 765 48.77 -10.23 -21.93
C LEU B 765 47.72 -10.63 -20.91
N SER B 766 48.15 -10.91 -19.67
CA SER B 766 47.27 -11.36 -18.61
C SER B 766 47.51 -10.50 -17.38
N LEU B 767 46.42 -9.95 -16.82
CA LEU B 767 46.49 -9.06 -15.67
C LEU B 767 45.83 -9.72 -14.45
N PRO B 768 46.29 -9.39 -13.24
CA PRO B 768 45.78 -10.08 -12.06
C PRO B 768 44.33 -9.73 -11.78
N ASP B 769 43.68 -10.59 -10.99
CA ASP B 769 42.35 -10.28 -10.50
C ASP B 769 42.43 -9.14 -9.49
N PRO B 770 41.52 -8.17 -9.55
CA PRO B 770 41.46 -7.15 -8.50
C PRO B 770 41.14 -7.78 -7.15
N MET B 771 41.68 -7.16 -6.09
CA MET B 771 41.56 -7.76 -4.76
C MET B 771 40.12 -7.83 -4.30
N TYR B 772 39.25 -6.91 -4.75
CA TYR B 772 37.87 -6.96 -4.32
C TYR B 772 37.11 -8.15 -4.86
N LYS B 773 37.71 -8.92 -5.77
CA LYS B 773 37.09 -10.17 -6.21
C LYS B 773 37.19 -11.26 -5.16
N SER B 774 38.16 -11.18 -4.25
CA SER B 774 38.25 -12.09 -3.13
C SER B 774 37.39 -11.58 -1.98
N ASP B 775 37.06 -12.48 -1.05
CA ASP B 775 36.23 -12.16 0.10
C ASP B 775 37.06 -11.97 1.37
N SER B 776 38.33 -11.63 1.23
CA SER B 776 39.21 -11.35 2.35
C SER B 776 40.43 -10.61 1.82
N TRP B 777 40.88 -9.62 2.59
CA TRP B 777 41.95 -8.72 2.14
C TRP B 777 43.26 -9.51 2.04
N LEU B 778 43.63 -9.89 0.83
CA LEU B 778 44.90 -10.53 0.55
C LEU B 778 45.95 -9.53 0.07
N GLY B 779 45.71 -8.24 0.27
CA GLY B 779 46.63 -7.21 -0.18
C GLY B 779 47.67 -6.85 0.87
N ARG B 780 48.57 -5.96 0.46
CA ARG B 780 49.67 -5.50 1.28
C ARG B 780 49.40 -4.07 1.75
N GLY B 781 49.30 -3.89 3.05
CA GLY B 781 49.03 -2.58 3.61
C GLY B 781 47.58 -2.17 3.43
N GLU B 782 47.35 -0.88 3.61
CA GLU B 782 46.00 -0.35 3.51
C GLU B 782 45.54 -0.38 2.06
N PRO B 783 44.28 -0.71 1.80
CA PRO B 783 43.76 -0.68 0.43
C PRO B 783 43.97 0.68 -0.21
N THR B 784 44.19 0.68 -1.52
CA THR B 784 44.41 1.91 -2.27
C THR B 784 43.31 2.18 -3.29
N HIS B 785 42.78 1.14 -3.94
CA HIS B 785 41.67 1.32 -4.86
C HIS B 785 40.38 1.59 -4.08
N ILE B 786 39.55 2.48 -4.62
CA ILE B 786 38.37 2.94 -3.89
C ILE B 786 37.44 1.77 -3.58
N ILE B 787 37.32 0.81 -4.50
CA ILE B 787 36.44 -0.33 -4.23
C ILE B 787 37.04 -1.23 -3.17
N ASP B 788 38.34 -1.51 -3.27
CA ASP B 788 39.04 -2.24 -2.21
C ASP B 788 38.84 -1.57 -0.86
N TYR B 789 38.96 -0.24 -0.83
CA TYR B 789 38.78 0.51 0.42
C TYR B 789 37.38 0.33 0.97
N LEU B 790 36.36 0.40 0.11
CA LEU B 790 34.99 0.29 0.59
C LEU B 790 34.66 -1.13 1.05
N LYS B 791 35.21 -2.14 0.39
CA LYS B 791 34.89 -3.51 0.76
C LYS B 791 35.65 -3.96 2.01
N PHE B 792 36.94 -3.62 2.11
CA PHE B 792 37.80 -4.17 3.15
C PHE B 792 38.18 -3.19 4.24
N SER B 793 38.17 -1.89 3.96
CA SER B 793 38.47 -0.90 5.01
C SER B 793 37.23 -0.36 5.69
N ILE B 794 36.07 -0.44 5.06
CA ILE B 794 34.85 0.15 5.60
C ILE B 794 33.84 -0.95 5.92
N ALA B 795 33.36 -1.63 4.89
CA ALA B 795 32.28 -2.60 5.07
C ALA B 795 32.73 -3.80 5.92
N ARG B 796 33.86 -4.41 5.55
CA ARG B 796 34.27 -5.64 6.24
C ARG B 796 34.49 -5.43 7.74
N PRO B 797 35.24 -4.42 8.24
CA PRO B 797 35.33 -4.25 9.70
C PRO B 797 33.96 -4.08 10.37
N ALA B 798 33.04 -3.32 9.76
CA ALA B 798 31.71 -3.05 10.36
C ALA B 798 30.89 -4.33 10.48
N ILE B 799 30.88 -5.13 9.43
CA ILE B 799 30.08 -6.39 9.44
C ILE B 799 30.67 -7.28 10.53
N ASP B 800 32.00 -7.30 10.62
CA ASP B 800 32.69 -8.18 11.59
C ASP B 800 32.30 -7.77 13.01
N LYS B 801 32.19 -6.46 13.27
CA LYS B 801 31.90 -6.02 14.65
C LYS B 801 30.55 -6.59 15.07
N GLU B 802 29.55 -6.54 14.20
CA GLU B 802 28.22 -7.10 14.53
C GLU B 802 28.31 -8.62 14.70
N LEU B 803 29.08 -9.29 13.86
CA LEU B 803 29.25 -10.76 13.99
C LEU B 803 29.94 -11.06 15.32
N GLU B 804 30.94 -10.27 15.72
CA GLU B 804 31.58 -10.47 17.04
C GLU B 804 30.53 -10.26 18.12
N ALA B 805 29.72 -9.21 17.96
CA ALA B 805 28.68 -8.90 18.96
C ALA B 805 27.71 -10.08 19.01
N PHE B 806 27.46 -10.69 17.85
CA PHE B 806 26.46 -11.78 17.80
C PHE B 806 26.91 -12.93 18.71
N HIS B 807 28.17 -13.34 18.59
CA HIS B 807 28.70 -14.47 19.40
C HIS B 807 28.79 -14.05 20.87
N ASN B 808 29.23 -12.82 21.10
CA ASN B 808 29.38 -12.31 22.49
C ASN B 808 28.01 -12.25 23.15
N ALA B 809 26.99 -11.79 22.42
CA ALA B 809 25.61 -11.78 22.95
C ALA B 809 25.16 -13.22 23.17
N MET B 810 25.56 -14.12 22.27
CA MET B 810 25.13 -15.54 22.38
C MET B 810 25.64 -16.11 23.70
N LYS B 811 26.86 -15.73 24.11
CA LYS B 811 27.41 -16.20 25.41
C LYS B 811 26.56 -15.66 26.55
N THR B 816 23.52 -16.84 31.16
CA THR B 816 22.53 -16.20 32.03
C THR B 816 21.21 -16.95 31.96
N GLU B 817 20.60 -17.16 33.14
CA GLU B 817 19.25 -17.70 33.18
C GLU B 817 18.22 -16.71 32.66
N ASP B 818 18.59 -15.44 32.49
CA ASP B 818 17.72 -14.42 31.91
C ASP B 818 17.93 -14.44 30.40
N GLY B 819 17.10 -15.19 29.70
CA GLY B 819 17.26 -15.26 28.25
C GLY B 819 16.23 -16.17 27.62
N ALA B 820 16.46 -16.46 26.34
CA ALA B 820 15.58 -17.32 25.57
C ALA B 820 15.95 -18.78 25.80
N HIS B 821 14.96 -19.59 26.15
CA HIS B 821 15.14 -21.00 26.45
C HIS B 821 14.33 -21.85 25.47
N PHE B 822 14.67 -23.14 25.43
CA PHE B 822 13.85 -24.09 24.68
C PHE B 822 12.58 -24.45 25.41
N TRP B 823 12.63 -24.50 26.74
CA TRP B 823 11.51 -24.96 27.54
C TRP B 823 10.38 -23.94 27.53
N ASP B 824 9.15 -24.45 27.44
CA ASP B 824 7.94 -23.65 27.56
C ASP B 824 6.89 -24.50 28.27
N PRO B 825 6.48 -24.11 29.48
CA PRO B 825 5.44 -24.89 30.17
C PRO B 825 4.13 -25.00 29.41
N ASP B 826 3.84 -24.06 28.52
CA ASP B 826 2.62 -24.15 27.72
C ASP B 826 2.65 -25.36 26.79
N LEU B 827 3.80 -25.63 26.17
CA LEU B 827 3.90 -26.70 25.19
C LEU B 827 3.74 -28.08 25.79
N ALA B 828 3.92 -28.22 27.11
CA ALA B 828 3.78 -29.51 27.78
C ALA B 828 2.43 -29.66 28.47
N SER B 829 1.44 -28.87 28.07
CA SER B 829 0.14 -28.90 28.74
C SER B 829 -0.57 -30.23 28.51
N TYR B 830 -0.58 -30.72 27.27
CA TYR B 830 -1.31 -31.94 26.97
C TYR B 830 -0.65 -33.16 27.60
N TYR B 831 0.69 -33.19 27.62
CA TYR B 831 1.40 -34.28 28.28
C TYR B 831 0.98 -34.40 29.74
N THR B 832 0.89 -33.27 30.44
CA THR B 832 0.60 -33.30 31.86
C THR B 832 -0.85 -33.65 32.14
N PHE B 833 -1.79 -33.09 31.36
CA PHE B 833 -3.21 -33.37 31.56
C PHE B 833 -3.50 -34.86 31.43
N PHE B 834 -2.81 -35.56 30.51
CA PHE B 834 -3.03 -36.99 30.35
C PHE B 834 -2.37 -37.79 31.48
N LYS B 835 -1.16 -37.37 31.90
CA LYS B 835 -0.52 -38.05 33.02
C LYS B 835 -1.43 -38.08 34.24
N GLU B 836 -2.11 -36.96 34.50
CA GLU B 836 -3.11 -36.94 35.57
C GLU B 836 -4.21 -37.98 35.33
N ILE B 837 -4.61 -38.15 34.07
CA ILE B 837 -5.58 -39.18 33.74
C ILE B 837 -4.94 -40.56 33.80
N SER B 838 -3.75 -40.70 33.24
CA SER B 838 -3.10 -42.02 33.14
C SER B 838 -2.76 -42.57 34.52
N ASP B 839 -2.36 -41.71 35.45
CA ASP B 839 -1.97 -42.19 36.78
C ASP B 839 -3.14 -42.79 37.55
N LYS B 840 -4.37 -42.37 37.22
CA LYS B 840 -5.57 -42.89 37.84
C LYS B 840 -6.25 -43.94 36.95
N SER B 841 -5.63 -44.31 35.84
CA SER B 841 -6.23 -45.27 34.92
C SER B 841 -5.22 -46.33 34.51
N ARG B 842 -5.74 -47.42 33.94
CA ARG B 842 -4.91 -48.47 33.35
C ARG B 842 -4.86 -48.37 31.84
N SER B 843 -6.03 -48.06 31.22
CA SER B 843 -6.14 -48.01 29.75
C SER B 843 -5.32 -46.84 29.22
N SER B 844 -5.48 -45.68 29.82
CA SER B 844 -4.75 -44.47 29.39
C SER B 844 -3.26 -44.71 29.58
N ALA B 845 -2.88 -45.37 30.67
CA ALA B 845 -1.44 -45.56 30.96
C ALA B 845 -0.80 -46.38 29.84
N LEU B 846 -1.48 -47.42 29.37
CA LEU B 846 -0.91 -48.28 28.31
C LEU B 846 -0.75 -47.47 27.02
N LEU B 847 -1.76 -46.66 26.67
CA LEU B 847 -1.67 -45.84 25.45
C LEU B 847 -0.53 -44.85 25.62
N PHE B 848 -0.46 -44.21 26.78
CA PHE B 848 0.60 -43.21 27.04
C PHE B 848 1.96 -43.88 26.91
N THR B 849 2.14 -45.03 27.53
CA THR B 849 3.47 -45.67 27.54
C THR B 849 3.84 -46.04 26.10
N THR B 850 2.88 -46.61 25.37
CA THR B 850 3.17 -47.06 23.98
C THR B 850 3.54 -45.84 23.14
N LEU B 851 2.78 -44.74 23.27
CA LEU B 851 3.05 -43.53 22.45
C LEU B 851 4.42 -42.96 22.81
N LYS B 852 4.75 -42.91 24.10
CA LYS B 852 6.03 -42.27 24.49
C LYS B 852 7.17 -43.04 23.85
N ASN B 853 7.11 -44.38 23.93
CA ASN B 853 8.17 -45.23 23.35
C ASN B 853 8.16 -45.07 21.84
N ARG B 854 6.97 -44.97 21.25
CA ARG B 854 6.85 -44.86 19.78
C ARG B 854 7.50 -43.56 19.32
N ILE B 855 7.31 -42.47 20.07
CA ILE B 855 7.94 -41.17 19.71
C ILE B 855 9.45 -41.36 19.74
N GLY B 856 9.93 -42.12 20.73
CA GLY B 856 11.38 -42.32 20.88
C GLY B 856 11.99 -42.99 19.66
N GLU B 857 11.30 -43.99 19.10
CA GLU B 857 11.88 -44.72 17.96
C GLU B 857 12.05 -43.74 16.80
N VAL B 858 11.04 -42.89 16.58
CA VAL B 858 11.09 -41.90 15.46
C VAL B 858 12.20 -40.89 15.73
N GLU B 859 12.41 -40.50 16.98
CA GLU B 859 13.51 -39.56 17.32
C GLU B 859 14.83 -40.22 16.93
N LYS B 860 14.96 -41.51 17.21
CA LYS B 860 16.20 -42.23 16.86
C LYS B 860 16.36 -42.20 15.34
N GLU B 861 15.27 -42.40 14.59
CA GLU B 861 15.35 -42.40 13.12
C GLU B 861 15.81 -41.01 12.66
N TYR B 862 15.33 -39.96 13.31
CA TYR B 862 15.71 -38.58 12.92
C TYR B 862 17.21 -38.44 13.08
N GLY B 863 17.75 -38.96 14.18
CA GLY B 863 19.17 -38.75 14.42
C GLY B 863 20.02 -39.36 13.32
N ARG B 864 19.73 -40.61 12.93
CA ARG B 864 20.55 -41.28 11.90
C ARG B 864 20.32 -40.67 10.52
N LEU B 865 19.06 -40.54 10.10
CA LEU B 865 18.77 -40.06 8.73
C LEU B 865 19.02 -38.56 8.56
N VAL B 866 18.61 -37.73 9.52
CA VAL B 866 18.68 -36.26 9.31
C VAL B 866 19.82 -35.60 10.08
N LYS B 867 19.94 -35.84 11.38
CA LYS B 867 20.97 -35.09 12.15
C LYS B 867 22.39 -35.47 11.73
N ASN B 868 22.81 -36.72 11.96
CA ASN B 868 24.23 -37.10 11.73
C ASN B 868 24.68 -37.00 10.27
N LYS B 869 23.92 -37.53 9.32
CA LYS B 869 24.38 -37.56 7.90
C LYS B 869 23.31 -38.21 7.01
N LYS B 875 23.52 -38.46 0.62
CA LYS B 875 22.90 -39.63 -0.06
C LYS B 875 21.53 -39.22 -0.57
N ASP B 876 20.46 -39.73 0.05
CA ASP B 876 19.10 -39.27 -0.33
C ASP B 876 19.02 -37.80 0.06
N PRO B 877 18.32 -36.94 -0.71
CA PRO B 877 18.31 -35.50 -0.42
C PRO B 877 17.70 -35.16 0.95
N TYR B 878 18.11 -34.03 1.54
CA TYR B 878 17.68 -33.67 2.92
C TYR B 878 16.16 -33.60 3.07
N PRO B 879 15.36 -32.93 2.20
CA PRO B 879 13.91 -32.90 2.41
C PRO B 879 13.31 -34.31 2.40
N VAL B 880 13.83 -35.18 1.53
CA VAL B 880 13.24 -36.55 1.40
C VAL B 880 13.42 -37.28 2.73
N ARG B 881 14.59 -37.11 3.35
CA ARG B 881 14.89 -37.82 4.61
C ARG B 881 13.96 -37.30 5.70
N VAL B 882 13.81 -35.97 5.77
CA VAL B 882 12.90 -35.35 6.78
C VAL B 882 11.50 -35.92 6.59
N ASN B 883 11.07 -36.02 5.33
CA ASN B 883 9.70 -36.54 5.04
C ASN B 883 9.61 -37.99 5.49
N GLN B 884 10.70 -38.75 5.34
CA GLN B 884 10.65 -40.19 5.70
C GLN B 884 10.38 -40.32 7.19
N VAL B 885 11.06 -39.49 7.99
CA VAL B 885 10.87 -39.51 9.47
C VAL B 885 9.46 -39.00 9.77
N TYR B 886 9.00 -37.99 9.03
CA TYR B 886 7.65 -37.40 9.27
C TYR B 886 6.59 -38.45 8.97
N GLU B 887 6.85 -39.30 7.98
CA GLU B 887 5.87 -40.36 7.62
C GLU B 887 5.74 -41.30 8.81
N LYS B 888 6.86 -41.66 9.44
CA LYS B 888 6.80 -42.51 10.66
C LYS B 888 6.14 -41.71 11.79
N TRP B 889 6.39 -40.41 11.84
CA TRP B 889 5.81 -39.53 12.91
C TRP B 889 4.29 -39.53 12.79
N CYS B 890 3.80 -39.36 11.56
CA CYS B 890 2.33 -39.37 11.32
C CYS B 890 1.81 -40.78 11.60
N ALA B 891 2.66 -41.78 11.36
CA ALA B 891 2.27 -43.20 11.59
C ALA B 891 1.95 -43.41 13.06
N ILE B 892 2.66 -42.73 13.96
CA ILE B 892 2.27 -42.87 15.38
C ILE B 892 0.80 -42.47 15.42
N THR B 893 -0.06 -43.37 15.91
CA THR B 893 -1.51 -43.11 15.85
C THR B 893 -2.18 -43.94 16.94
N PRO B 894 -3.41 -43.64 17.37
CA PRO B 894 -4.10 -44.47 18.35
C PRO B 894 -4.26 -45.91 17.84
N GLU B 895 -4.49 -46.08 16.54
CA GLU B 895 -4.73 -47.44 16.00
C GLU B 895 -3.49 -48.32 16.28
N ALA B 896 -2.31 -47.78 16.07
CA ALA B 896 -1.06 -48.55 16.29
C ALA B 896 -0.62 -48.39 17.75
N MET B 897 -1.39 -47.64 18.54
CA MET B 897 -1.06 -47.39 19.97
C MET B 897 0.24 -46.58 20.07
N LYS B 907 -13.55 -45.34 23.84
CA LYS B 907 -14.27 -44.05 23.74
C LYS B 907 -13.25 -42.91 23.76
N VAL B 908 -12.21 -43.01 24.59
CA VAL B 908 -11.15 -41.99 24.59
C VAL B 908 -10.44 -42.02 23.24
N ILE B 909 -10.22 -43.21 22.68
CA ILE B 909 -9.45 -43.33 21.41
C ILE B 909 -10.19 -42.53 20.33
N ARG B 910 -11.51 -42.63 20.31
CA ARG B 910 -12.31 -41.92 19.29
C ARG B 910 -12.16 -40.41 19.47
N LEU B 911 -12.23 -39.91 20.71
CA LEU B 911 -12.17 -38.45 20.93
C LEU B 911 -10.80 -37.93 20.48
N LEU B 912 -9.75 -38.70 20.75
CA LEU B 912 -8.40 -38.29 20.30
C LEU B 912 -8.30 -38.34 18.77
N GLU B 913 -8.81 -39.40 18.14
CA GLU B 913 -8.68 -39.59 16.67
C GLU B 913 -9.49 -38.58 15.85
N LEU B 914 -10.71 -38.26 16.29
CA LEU B 914 -11.57 -37.29 15.56
C LEU B 914 -11.61 -37.67 14.08
N SER B 915 -12.08 -38.87 13.74
CA SER B 915 -12.03 -39.38 12.34
C SER B 915 -12.76 -38.50 11.33
N PHE B 916 -13.89 -37.91 11.69
CA PHE B 916 -14.63 -37.00 10.78
C PHE B 916 -13.69 -35.96 10.16
N LEU B 917 -12.52 -35.74 10.76
CA LEU B 917 -11.53 -34.81 10.13
C LEU B 917 -10.65 -35.58 9.16
N ALA B 918 -10.59 -35.14 7.90
CA ALA B 918 -9.73 -35.78 6.87
C ALA B 918 -8.25 -35.65 7.22
N ASP B 919 -7.84 -34.47 7.70
CA ASP B 919 -6.43 -34.25 8.11
C ASP B 919 -6.25 -34.80 9.52
N ARG B 920 -5.48 -35.87 9.65
CA ARG B 920 -5.16 -36.45 10.98
C ARG B 920 -4.35 -35.43 11.78
N GLU B 921 -3.61 -34.58 11.09
CA GLU B 921 -2.73 -33.59 11.75
C GLU B 921 -3.56 -32.59 12.55
N MET B 922 -4.87 -32.51 12.29
CA MET B 922 -5.73 -31.51 12.98
C MET B 922 -6.41 -32.16 14.19
N ASN B 923 -6.07 -33.41 14.49
CA ASN B 923 -6.71 -34.15 15.61
C ASN B 923 -6.06 -33.85 16.96
N THR B 924 -6.73 -34.22 18.04
CA THR B 924 -6.20 -33.96 19.40
C THR B 924 -5.01 -34.89 19.64
N TRP B 925 -5.03 -36.07 19.04
CA TRP B 925 -3.88 -37.00 19.16
C TRP B 925 -2.60 -36.28 18.73
N ALA B 926 -2.67 -35.52 17.64
CA ALA B 926 -1.46 -34.83 17.18
C ALA B 926 -0.97 -33.82 18.21
N LEU B 927 -1.88 -33.15 18.91
CA LEU B 927 -1.48 -32.22 19.96
C LEU B 927 -0.82 -32.95 21.11
N LEU B 928 -1.40 -34.07 21.55
CA LEU B 928 -0.80 -34.85 22.62
C LEU B 928 0.54 -35.45 22.18
N ARG B 929 0.61 -35.95 20.94
CA ARG B 929 1.86 -36.48 20.42
C ARG B 929 2.94 -35.41 20.38
N ALA B 930 2.58 -34.19 19.99
CA ALA B 930 3.54 -33.09 19.97
C ALA B 930 3.95 -32.71 21.40
N SER B 931 2.96 -32.56 22.28
CA SER B 931 3.25 -32.18 23.67
C SER B 931 4.14 -33.21 24.35
N THR B 932 3.88 -34.50 24.11
CA THR B 932 4.68 -35.55 24.73
C THR B 932 6.10 -35.57 24.16
N ALA B 933 6.21 -35.42 22.83
CA ALA B 933 7.53 -35.37 22.21
C ALA B 933 8.32 -34.15 22.67
N PHE B 934 7.62 -33.03 22.89
CA PHE B 934 8.30 -31.84 23.36
C PHE B 934 8.94 -32.07 24.73
N LYS B 935 8.15 -32.50 25.70
CA LYS B 935 8.67 -32.70 27.05
C LYS B 935 9.86 -33.65 27.03
N LEU B 936 9.75 -34.75 26.29
CA LEU B 936 10.81 -35.75 26.34
C LEU B 936 12.08 -35.33 25.60
N TYR B 937 11.99 -34.34 24.70
CA TYR B 937 13.14 -34.05 23.84
C TYR B 937 13.35 -32.55 23.58
N TYR B 938 12.78 -31.65 24.39
CA TYR B 938 12.92 -30.23 24.10
C TYR B 938 14.34 -29.72 24.29
N HIS B 939 15.16 -30.41 25.09
CA HIS B 939 16.50 -29.92 25.41
C HIS B 939 17.61 -30.80 24.85
N LYS B 940 17.35 -32.08 24.56
CA LYS B 940 18.35 -32.90 23.89
C LYS B 940 18.21 -32.84 22.37
N SER B 941 16.99 -32.91 21.86
CA SER B 941 16.73 -32.92 20.42
C SER B 941 15.68 -31.86 20.09
N PRO B 942 16.07 -30.57 20.11
CA PRO B 942 15.09 -29.53 19.84
C PRO B 942 14.61 -29.51 18.40
N LYS B 943 15.53 -29.67 17.44
CA LYS B 943 15.16 -29.61 16.04
C LYS B 943 14.12 -30.68 15.69
N PHE B 944 14.27 -31.89 16.26
CA PHE B 944 13.36 -32.98 15.96
C PHE B 944 11.92 -32.62 16.32
N VAL B 945 11.73 -32.01 17.49
CA VAL B 945 10.37 -31.69 17.94
C VAL B 945 9.73 -30.63 17.05
N TRP B 946 10.49 -29.59 16.70
CA TRP B 946 9.91 -28.52 15.90
C TRP B 946 9.80 -28.92 14.43
N GLN B 947 10.76 -29.71 13.93
CA GLN B 947 10.70 -30.13 12.51
C GLN B 947 9.45 -30.99 12.30
N MET B 948 9.08 -31.81 13.28
CA MET B 948 7.96 -32.74 13.12
C MET B 948 6.65 -32.18 13.63
N ALA B 949 6.68 -31.32 14.65
CA ALA B 949 5.44 -30.94 15.32
C ALA B 949 5.34 -29.45 15.64
N GLY B 950 6.16 -28.59 15.04
CA GLY B 950 5.99 -27.17 15.22
C GLY B 950 4.58 -26.71 14.91
N ARG B 951 3.97 -27.31 13.88
CA ARG B 951 2.57 -27.05 13.54
C ARG B 951 1.66 -27.19 14.75
N GLN B 952 1.78 -28.30 15.47
CA GLN B 952 0.92 -28.52 16.64
C GLN B 952 1.42 -27.77 17.87
N LEU B 953 2.73 -27.55 17.97
CA LEU B 953 3.24 -26.70 19.04
C LEU B 953 2.66 -25.30 18.94
N ALA B 954 2.50 -24.78 17.71
CA ALA B 954 1.89 -23.47 17.53
C ALA B 954 0.41 -23.48 17.89
N TYR B 955 -0.29 -24.57 17.56
CA TYR B 955 -1.67 -24.71 17.99
C TYR B 955 -1.79 -24.67 19.50
N ILE B 956 -0.98 -25.47 20.19
CA ILE B 956 -1.01 -25.51 21.65
C ILE B 956 -0.73 -24.12 22.23
N LYS B 957 0.29 -23.45 21.69
CA LYS B 957 0.65 -22.13 22.20
C LYS B 957 -0.50 -21.14 22.08
N ALA B 958 -1.16 -21.12 20.92
CA ALA B 958 -2.24 -20.17 20.71
C ALA B 958 -3.44 -20.50 21.60
N GLN B 959 -3.72 -21.79 21.81
CA GLN B 959 -4.78 -22.16 22.74
C GLN B 959 -4.43 -21.77 24.16
N MET B 960 -3.19 -22.03 24.58
CA MET B 960 -2.81 -21.81 25.97
C MET B 960 -2.69 -20.34 26.30
N THR B 961 -2.34 -19.50 25.34
CA THR B 961 -2.15 -18.07 25.59
C THR B 961 -3.44 -17.28 25.44
N SER B 962 -4.53 -17.91 25.02
CA SER B 962 -5.81 -17.21 24.92
C SER B 962 -6.35 -16.90 26.31
N ARG B 963 -6.90 -15.71 26.47
CA ARG B 963 -7.43 -15.26 27.74
C ARG B 963 -8.89 -14.89 27.61
N PRO B 964 -9.76 -15.37 28.50
CA PRO B 964 -11.18 -15.04 28.42
C PRO B 964 -11.40 -13.53 28.43
N GLY B 965 -12.20 -13.05 27.47
CA GLY B 965 -12.49 -11.65 27.36
C GLY B 965 -11.43 -10.82 26.68
N GLU B 966 -10.26 -11.40 26.37
CA GLU B 966 -9.18 -10.69 25.67
C GLU B 966 -9.19 -10.98 24.18
N GLY B 967 -10.37 -11.10 23.59
CA GLY B 967 -10.47 -11.35 22.16
C GLY B 967 -10.58 -12.83 21.82
N ALA B 968 -10.35 -13.13 20.55
CA ALA B 968 -10.54 -14.48 20.04
C ALA B 968 -9.43 -14.89 19.08
N PRO B 969 -8.76 -16.01 19.32
CA PRO B 969 -7.87 -16.57 18.31
C PRO B 969 -8.64 -16.98 17.07
N ALA B 970 -7.92 -17.05 15.94
CA ALA B 970 -8.51 -17.33 14.65
C ALA B 970 -7.76 -18.48 13.98
N LEU B 971 -8.51 -19.47 13.50
CA LEU B 971 -7.94 -20.61 12.79
C LEU B 971 -8.08 -20.36 11.29
N MET B 972 -7.02 -19.83 10.69
CA MET B 972 -6.98 -19.59 9.26
C MET B 972 -6.78 -20.89 8.50
N THR B 973 -7.35 -20.96 7.29
CA THR B 973 -7.00 -22.03 6.37
C THR B 973 -5.65 -21.73 5.73
N ALA B 974 -5.00 -22.79 5.24
CA ALA B 974 -3.70 -22.62 4.60
C ALA B 974 -3.73 -21.57 3.51
N PHE B 975 -4.78 -21.59 2.67
CA PHE B 975 -4.86 -20.64 1.56
C PHE B 975 -5.08 -19.22 2.07
N MET B 976 -6.10 -19.01 2.90
CA MET B 976 -6.39 -17.67 3.40
C MET B 976 -5.23 -17.11 4.21
N TYR B 977 -4.48 -17.98 4.90
CA TYR B 977 -3.29 -17.52 5.61
C TYR B 977 -2.28 -16.89 4.65
N ALA B 978 -2.00 -17.59 3.54
CA ALA B 978 -0.98 -17.13 2.60
C ALA B 978 -1.34 -15.83 1.90
N GLY B 979 -2.59 -15.39 1.98
CA GLY B 979 -3.02 -14.15 1.36
C GLY B 979 -2.95 -12.94 2.25
N LEU B 980 -2.43 -13.07 3.46
CA LEU B 980 -2.35 -11.96 4.41
C LEU B 980 -0.91 -11.49 4.54
N MET B 981 -0.75 -10.25 4.95
CA MET B 981 0.54 -9.58 5.11
C MET B 981 0.50 -8.72 6.34
N PRO B 982 1.66 -8.39 6.91
CA PRO B 982 1.68 -7.51 8.09
C PRO B 982 1.27 -6.08 7.74
N ASP B 983 0.34 -5.54 8.54
CA ASP B 983 -0.11 -4.15 8.40
C ASP B 983 0.95 -3.21 8.95
N LYS B 984 1.72 -2.59 8.05
CA LYS B 984 2.78 -1.68 8.46
C LYS B 984 2.23 -0.54 9.31
N LYS B 985 1.06 -0.03 8.95
CA LYS B 985 0.47 1.06 9.72
C LYS B 985 -0.02 0.57 11.09
N PHE B 986 -0.38 -0.71 11.20
CA PHE B 986 -0.75 -1.24 12.51
C PHE B 986 0.46 -1.30 13.43
N THR B 987 1.59 -1.81 12.91
CA THR B 987 2.79 -1.94 13.73
C THR B 987 3.24 -0.59 14.26
N LYS B 988 3.42 0.39 13.38
CA LYS B 988 3.81 1.73 13.81
C LYS B 988 2.81 2.29 14.82
N GLN B 989 1.52 2.20 14.50
CA GLN B 989 0.50 2.78 15.38
C GLN B 989 0.39 2.03 16.69
N TYR B 990 0.65 0.72 16.70
CA TYR B 990 0.49 -0.04 17.94
C TYR B 990 1.62 0.23 18.92
N VAL B 991 2.87 0.21 18.43
CA VAL B 991 3.98 0.48 19.33
C VAL B 991 3.93 1.92 19.83
N ALA B 992 3.33 2.83 19.05
CA ALA B 992 3.15 4.19 19.51
C ALA B 992 2.23 4.25 20.72
N ARG B 993 1.11 3.51 20.67
CA ARG B 993 0.17 3.48 21.79
C ARG B 993 0.84 2.94 23.05
N LEU B 994 1.76 1.98 22.87
CA LEU B 994 2.42 1.34 24.03
C LEU B 994 3.43 2.30 24.64
N GLU B 995 3.96 3.22 23.83
CA GLU B 995 5.03 4.13 24.33
C GLU B 995 4.43 5.41 24.89
N GLY B 996 3.09 5.45 25.02
CA GLY B 996 2.42 6.60 25.64
C GLY B 996 2.05 7.66 24.62
N ASP B 997 2.51 7.49 23.38
CA ASP B 997 2.14 8.43 22.28
C ASP B 997 0.78 7.99 21.73
N GLY B 998 -0.21 7.76 22.69
CA GLY B 998 -1.51 7.18 22.29
C GLY B 998 -2.26 8.00 21.26
N SER B 999 -2.26 9.33 21.40
CA SER B 999 -2.92 10.19 20.39
C SER B 999 -1.89 11.00 19.61
N GLU B 1000 -1.50 10.53 18.43
CA GLU B 1000 -0.60 11.34 17.58
C GLU B 1000 -1.38 11.70 16.33
N TYR B 1001 -0.73 12.09 15.23
CA TYR B 1001 -1.52 12.53 14.06
C TYR B 1001 -2.10 11.33 13.31
N PRO B 1002 -3.43 11.27 13.12
CA PRO B 1002 -4.09 10.12 12.48
C PRO B 1002 -4.17 9.96 10.96
N ASP B 1003 -4.27 8.72 10.45
CA ASP B 1003 -4.48 8.43 9.00
C ASP B 1003 -3.51 9.14 8.06
N PRO B 1004 -2.17 9.07 8.22
CA PRO B 1004 -1.24 9.63 7.25
C PRO B 1004 -0.60 8.54 6.38
PG GTP E . -11.19 34.77 12.58
O1G GTP E . -11.19 33.67 13.61
O2G GTP E . -11.33 36.12 13.19
O3G GTP E . -10.03 34.67 11.64
O3B GTP E . -12.50 34.53 11.69
PB GTP E . -12.89 33.45 10.58
O1B GTP E . -14.28 33.72 10.12
O2B GTP E . -11.79 33.35 9.59
O3A GTP E . -12.89 32.11 11.46
PA GTP E . -12.90 30.57 11.04
O1A GTP E . -13.42 29.76 12.17
O2A GTP E . -11.56 30.22 10.46
O5' GTP E . -13.97 30.59 9.85
C5' GTP E . -15.38 30.65 10.19
C4' GTP E . -16.17 29.99 9.09
O4' GTP E . -16.35 28.60 9.42
C3' GTP E . -17.58 30.53 8.86
C2' GTP E . -18.31 29.32 8.29
O2' GTP E . -18.26 29.23 6.88
C1' GTP E . -17.61 28.15 8.97
N9 GTP E . -18.32 27.61 10.12
C8 GTP E . -17.91 27.63 11.43
N7 GTP E . -18.76 27.08 12.25
C5 GTP E . -19.81 26.68 11.43
C6 GTP E . -21.02 26.02 11.76
O6 GTP E . -21.42 25.66 12.88
N1 GTP E . -21.80 25.80 10.63
C2 GTP E . -21.46 26.15 9.35
N2 GTP E . -22.34 25.86 8.38
N3 GTP E . -20.33 26.77 9.03
C4 GTP E . -19.55 27.00 10.12
MG MG F . -10.92 38.24 12.36
MG MG G . -9.35 34.54 9.68
MG MG H . -11.32 30.98 8.16
MG MG I . 18.72 3.89 -32.62
MG MG J . 20.16 2.43 -28.01
PG ATP K . 19.84 -0.89 -28.59
O1G ATP K . 20.50 -2.11 -28.02
O2G ATP K . 18.36 -1.08 -28.91
O3G ATP K . 20.00 0.35 -27.70
PB ATP K . 21.44 0.65 -30.61
O1B ATP K . 22.83 0.54 -30.10
O2B ATP K . 20.75 2.00 -30.38
O3B ATP K . 20.51 -0.48 -29.99
PA ATP K . 20.25 0.33 -33.33
O1A ATP K . 18.98 0.88 -32.83
O2A ATP K . 20.18 -1.10 -33.88
O3A ATP K . 21.38 0.33 -32.17
O5' ATP K . 20.84 1.28 -34.44
C5' ATP K . 21.02 0.82 -35.80
C4' ATP K . 22.50 0.69 -36.05
O4' ATP K . 22.82 1.05 -37.41
C3' ATP K . 23.38 1.59 -35.15
O3' ATP K . 24.12 0.79 -34.24
C2' ATP K . 24.28 2.33 -36.13
O2' ATP K . 25.63 2.40 -35.68
C1' ATP K . 24.17 1.46 -37.38
N9 ATP K . 24.49 2.13 -38.64
C8 ATP K . 23.68 2.84 -39.47
N7 ATP K . 24.29 3.34 -40.53
C5 ATP K . 25.61 2.92 -40.37
C6 ATP K . 26.75 3.11 -41.16
N6 ATP K . 26.78 3.79 -42.30
N1 ATP K . 27.91 2.55 -40.72
C2 ATP K . 27.90 1.86 -39.56
N3 ATP K . 26.88 1.62 -38.75
C4 ATP K . 25.74 2.18 -39.21
#